data_1T90
#
_entry.id   1T90
#
_cell.length_a   195.200
_cell.length_b   192.500
_cell.length_c   83.500
_cell.angle_alpha   90.00
_cell.angle_beta   90.00
_cell.angle_gamma   90.00
#
_symmetry.space_group_name_H-M   'P 21 21 21'
#
loop_
_entity.id
_entity.type
_entity.pdbx_description
1 polymer 'Probable methylmalonate-semialdehyde dehydrogenase'
2 non-polymer NICOTINAMIDE-ADENINE-DINUCLEOTIDE
3 water water
#
_entity_poly.entity_id   1
_entity_poly.type   'polypeptide(L)'
_entity_poly.pdbx_seq_one_letter_code
;AEIRKLKNYINGEWVESKTDQYEDVVNPATKEVLCQVPISTKEDIDYAAQTAAEAFKTWSKVAVPRRARILFNFQQLLSQ
HKEELAHLITIENGKNTKEALGEVGRGIENVEFAAGAPSLMMGDSLASIATDVEAANYRYPIGVVGGIAPFNFPMMVPCW
MFPMAIALGNTFILKPSERTPLLTEKLVELFEKAGLPKGVFNVVYGAHDVVNGILEHPEIKAISFVGSKPVGEYVYKKGS
ENLKRVQSLTGAKNHTIVLNDANLEDTVTNIVGAAFGSAGERCMACAVVTVEEGIADEFMAKLQEKVADIKIGNGLDDGV
FLGPVIREDNKKRTLSYIEKGLEEGARLVCDGRENVSDDGYFVGPTIFDNVTTEMTIWKDEIFAPVLSVIRVKNLKEAIE
IANKSEFANGACLFTSNSNAIRYFRENIDAGMLGINLGVPAPMAFFPFSGWKSSFFGTLHANGKDSVDFYTRKKVVTARY
PAPDFN
;
_entity_poly.pdbx_strand_id   A,B,C,D
#
# COMPACT_ATOMS: atom_id res chain seq x y z
N GLU A 2 0.70 -52.09 18.21
CA GLU A 2 -0.45 -52.10 17.25
C GLU A 2 -0.92 -50.69 16.89
N ILE A 3 -1.76 -50.11 17.74
CA ILE A 3 -2.28 -48.77 17.50
C ILE A 3 -1.26 -47.73 17.96
N ARG A 4 -0.75 -46.96 17.01
CA ARG A 4 0.25 -45.94 17.31
C ARG A 4 -0.31 -44.81 18.16
N LYS A 5 0.47 -44.38 19.14
CA LYS A 5 0.04 -43.30 20.00
C LYS A 5 0.77 -42.05 19.54
N LEU A 6 0.01 -41.06 19.10
CA LEU A 6 0.58 -39.81 18.64
C LEU A 6 1.34 -39.11 19.76
N LYS A 7 2.34 -38.31 19.39
CA LYS A 7 3.12 -37.58 20.36
C LYS A 7 3.01 -36.10 20.08
N ASN A 8 3.40 -35.29 21.05
CA ASN A 8 3.39 -33.84 20.91
C ASN A 8 4.72 -33.48 20.24
N TYR A 9 4.79 -32.27 19.68
CA TYR A 9 6.03 -31.82 19.04
C TYR A 9 6.45 -30.54 19.75
N ILE A 10 7.53 -30.64 20.53
CA ILE A 10 8.02 -29.51 21.28
C ILE A 10 9.53 -29.42 21.18
N ASN A 11 10.01 -28.23 20.84
CA ASN A 11 11.44 -27.95 20.72
C ASN A 11 12.15 -28.81 19.68
N GLY A 12 11.52 -28.94 18.52
CA GLY A 12 12.09 -29.69 17.42
C GLY A 12 12.06 -31.19 17.55
N GLU A 13 11.26 -31.72 18.45
CA GLU A 13 11.21 -33.15 18.62
C GLU A 13 9.91 -33.70 19.14
N TRP A 14 9.61 -34.92 18.73
CA TRP A 14 8.41 -35.61 19.13
C TRP A 14 8.60 -36.13 20.53
N VAL A 15 7.72 -35.72 21.44
CA VAL A 15 7.81 -36.14 22.82
C VAL A 15 6.49 -36.68 23.35
N GLU A 16 6.60 -37.73 24.16
CA GLU A 16 5.45 -38.37 24.76
C GLU A 16 4.74 -37.39 25.71
N SER A 17 3.42 -37.29 25.61
CA SER A 17 2.68 -36.41 26.51
C SER A 17 2.78 -37.01 27.90
N LYS A 18 2.74 -36.17 28.92
CA LYS A 18 2.83 -36.65 30.29
C LYS A 18 1.50 -37.22 30.77
N THR A 19 0.46 -37.07 29.95
CA THR A 19 -0.89 -37.53 30.25
C THR A 19 -1.03 -39.05 30.26
N ASP A 20 -2.10 -39.54 30.90
CA ASP A 20 -2.38 -40.97 30.94
C ASP A 20 -3.69 -41.19 30.18
N GLN A 21 -4.25 -40.11 29.65
CA GLN A 21 -5.49 -40.16 28.90
C GLN A 21 -5.26 -39.99 27.42
N TYR A 22 -5.77 -40.94 26.64
CA TYR A 22 -5.62 -40.91 25.20
C TYR A 22 -6.98 -41.03 24.56
N GLU A 23 -7.09 -40.54 23.33
CA GLU A 23 -8.36 -40.60 22.62
C GLU A 23 -8.25 -41.29 21.27
N ASP A 24 -9.15 -42.22 21.03
CA ASP A 24 -9.18 -42.96 19.78
C ASP A 24 -9.52 -42.02 18.63
N VAL A 25 -8.84 -42.23 17.50
CA VAL A 25 -9.08 -41.43 16.30
C VAL A 25 -9.58 -42.43 15.28
N VAL A 26 -10.84 -42.33 14.89
CA VAL A 26 -11.41 -43.27 13.95
C VAL A 26 -11.66 -42.73 12.56
N ASN A 27 -11.78 -43.63 11.60
CA ASN A 27 -12.08 -43.26 10.23
C ASN A 27 -13.60 -43.20 10.21
N PRO A 28 -14.17 -42.01 9.96
CA PRO A 28 -15.62 -41.80 9.92
C PRO A 28 -16.36 -42.74 8.99
N ALA A 29 -15.68 -43.17 7.93
CA ALA A 29 -16.29 -44.04 6.94
C ALA A 29 -16.27 -45.55 7.23
N THR A 30 -15.46 -45.97 8.19
CA THR A 30 -15.35 -47.41 8.49
C THR A 30 -15.36 -47.72 9.98
N LYS A 31 -15.40 -46.69 10.82
CA LYS A 31 -15.42 -46.85 12.26
C LYS A 31 -14.17 -47.50 12.86
N GLU A 32 -13.10 -47.65 12.07
CA GLU A 32 -11.87 -48.25 12.60
C GLU A 32 -10.94 -47.22 13.24
N VAL A 33 -10.18 -47.68 14.23
CA VAL A 33 -9.25 -46.83 14.96
C VAL A 33 -7.94 -46.69 14.21
N LEU A 34 -7.59 -45.45 13.89
CA LEU A 34 -6.36 -45.15 13.17
C LEU A 34 -5.19 -44.97 14.13
N CYS A 35 -5.45 -44.33 15.27
CA CYS A 35 -4.42 -44.08 16.26
C CYS A 35 -5.05 -43.44 17.49
N GLN A 36 -4.22 -43.10 18.46
CA GLN A 36 -4.69 -42.45 19.67
C GLN A 36 -3.97 -41.13 19.86
N VAL A 37 -4.73 -40.09 20.19
CA VAL A 37 -4.15 -38.79 20.43
C VAL A 37 -4.15 -38.52 21.92
N PRO A 38 -3.03 -38.04 22.46
CA PRO A 38 -2.97 -37.75 23.89
C PRO A 38 -3.85 -36.57 24.25
N ILE A 39 -4.44 -36.59 25.44
CA ILE A 39 -5.23 -35.47 25.91
C ILE A 39 -4.20 -34.83 26.83
N SER A 40 -3.31 -34.06 26.24
CA SER A 40 -2.24 -33.43 26.98
C SER A 40 -2.65 -32.58 28.16
N THR A 41 -1.75 -32.52 29.13
CA THR A 41 -1.97 -31.79 30.36
C THR A 41 -1.40 -30.39 30.27
N LYS A 42 -1.72 -29.56 31.26
CA LYS A 42 -1.24 -28.18 31.27
C LYS A 42 0.27 -28.16 31.43
N GLU A 43 0.81 -29.17 32.10
CA GLU A 43 2.25 -29.27 32.29
C GLU A 43 2.90 -29.24 30.91
N ASP A 44 2.26 -29.93 29.96
CA ASP A 44 2.73 -30.00 28.58
C ASP A 44 2.62 -28.64 27.89
N ILE A 45 1.47 -28.01 28.05
CA ILE A 45 1.27 -26.71 27.43
C ILE A 45 2.23 -25.67 28.02
N ASP A 46 2.61 -25.85 29.29
CA ASP A 46 3.53 -24.93 29.95
C ASP A 46 4.94 -25.05 29.38
N TYR A 47 5.39 -26.29 29.23
CA TYR A 47 6.71 -26.56 28.69
C TYR A 47 6.80 -26.01 27.27
N ALA A 48 5.74 -26.21 26.48
CA ALA A 48 5.70 -25.74 25.10
C ALA A 48 5.82 -24.23 25.05
N ALA A 49 5.14 -23.56 25.97
CA ALA A 49 5.17 -22.10 26.04
C ALA A 49 6.56 -21.59 26.42
N GLN A 50 7.21 -22.29 27.35
CA GLN A 50 8.54 -21.89 27.79
C GLN A 50 9.53 -22.01 26.65
N THR A 51 9.58 -23.19 26.04
CA THR A 51 10.51 -23.42 24.95
C THR A 51 10.19 -22.57 23.72
N ALA A 52 8.91 -22.30 23.49
CA ALA A 52 8.49 -21.47 22.35
C ALA A 52 8.92 -20.04 22.61
N ALA A 53 8.80 -19.62 23.86
CA ALA A 53 9.18 -18.27 24.26
C ALA A 53 10.69 -18.13 24.11
N GLU A 54 11.39 -19.21 24.41
CA GLU A 54 12.85 -19.24 24.33
C GLU A 54 13.32 -19.25 22.87
N ALA A 55 12.67 -20.06 22.04
CA ALA A 55 13.06 -20.15 20.64
C ALA A 55 12.83 -18.79 19.97
N PHE A 56 11.80 -18.09 20.44
CA PHE A 56 11.45 -16.79 19.89
C PHE A 56 12.62 -15.82 19.95
N LYS A 57 13.44 -15.93 20.99
CA LYS A 57 14.59 -15.04 21.17
C LYS A 57 15.60 -15.11 20.03
N THR A 58 15.71 -16.25 19.36
CA THR A 58 16.64 -16.38 18.26
C THR A 58 15.93 -16.32 16.91
N TRP A 59 14.79 -17.00 16.82
CA TRP A 59 14.04 -17.01 15.57
C TRP A 59 13.62 -15.62 15.11
N SER A 60 13.24 -14.76 16.05
CA SER A 60 12.84 -13.40 15.68
C SER A 60 14.05 -12.60 15.20
N LYS A 61 15.26 -13.07 15.51
CA LYS A 61 16.49 -12.40 15.10
C LYS A 61 17.00 -12.93 13.75
N VAL A 62 16.22 -13.80 13.13
CA VAL A 62 16.58 -14.34 11.82
C VAL A 62 15.87 -13.39 10.85
N ALA A 63 16.63 -12.67 10.03
CA ALA A 63 16.05 -11.74 9.08
C ALA A 63 14.93 -12.38 8.25
N VAL A 64 13.86 -11.62 8.02
CA VAL A 64 12.71 -12.11 7.27
C VAL A 64 13.04 -12.72 5.90
N PRO A 65 14.09 -12.25 5.21
CA PRO A 65 14.37 -12.87 3.90
C PRO A 65 14.80 -14.33 4.10
N ARG A 66 15.49 -14.59 5.21
CA ARG A 66 15.93 -15.95 5.51
C ARG A 66 14.77 -16.82 5.95
N ARG A 67 13.91 -16.29 6.81
CA ARG A 67 12.77 -17.04 7.29
C ARG A 67 11.87 -17.39 6.11
N ALA A 68 11.70 -16.45 5.19
CA ALA A 68 10.86 -16.64 4.02
C ALA A 68 11.40 -17.74 3.10
N ARG A 69 12.72 -17.82 2.97
CA ARG A 69 13.32 -18.84 2.12
C ARG A 69 12.88 -20.23 2.58
N ILE A 70 12.75 -20.39 3.89
CA ILE A 70 12.32 -21.67 4.45
C ILE A 70 10.88 -21.97 4.03
N LEU A 71 10.03 -20.94 4.01
CA LEU A 71 8.64 -21.12 3.62
C LEU A 71 8.55 -21.60 2.18
N PHE A 72 9.52 -21.23 1.34
CA PHE A 72 9.54 -21.68 -0.05
C PHE A 72 9.82 -23.17 -0.10
N ASN A 73 10.71 -23.64 0.77
CA ASN A 73 11.03 -25.06 0.84
C ASN A 73 9.77 -25.78 1.29
N PHE A 74 9.13 -25.22 2.32
CA PHE A 74 7.92 -25.79 2.88
C PHE A 74 6.82 -25.92 1.84
N GLN A 75 6.70 -24.90 1.01
CA GLN A 75 5.71 -24.86 -0.06
C GLN A 75 5.92 -26.01 -1.05
N GLN A 76 7.18 -26.26 -1.40
CA GLN A 76 7.55 -27.34 -2.31
C GLN A 76 7.29 -28.72 -1.73
N LEU A 77 7.80 -28.97 -0.53
CA LEU A 77 7.60 -30.24 0.13
C LEU A 77 6.11 -30.52 0.17
N LEU A 78 5.32 -29.52 0.51
CA LEU A 78 3.87 -29.67 0.56
C LEU A 78 3.30 -30.10 -0.79
N SER A 79 3.87 -29.57 -1.88
CA SER A 79 3.38 -29.89 -3.22
C SER A 79 3.75 -31.31 -3.64
N GLN A 80 4.92 -31.77 -3.23
CA GLN A 80 5.37 -33.10 -3.58
C GLN A 80 4.69 -34.19 -2.74
N HIS A 81 3.77 -33.79 -1.86
CA HIS A 81 3.07 -34.75 -1.00
C HIS A 81 1.57 -34.55 -1.05
N LYS A 82 1.08 -33.83 -2.06
CA LYS A 82 -0.35 -33.58 -2.21
C LYS A 82 -1.18 -34.85 -1.97
N GLU A 83 -0.83 -35.93 -2.67
CA GLU A 83 -1.54 -37.18 -2.56
C GLU A 83 -1.58 -37.73 -1.12
N GLU A 84 -0.42 -37.79 -0.47
CA GLU A 84 -0.37 -38.30 0.90
C GLU A 84 -1.19 -37.42 1.84
N LEU A 85 -1.08 -36.11 1.67
CA LEU A 85 -1.81 -35.16 2.50
C LEU A 85 -3.31 -35.33 2.29
N ALA A 86 -3.72 -35.41 1.03
CA ALA A 86 -5.13 -35.59 0.71
C ALA A 86 -5.65 -36.90 1.30
N HIS A 87 -4.85 -37.95 1.16
CA HIS A 87 -5.20 -39.27 1.69
C HIS A 87 -5.50 -39.16 3.18
N LEU A 88 -4.57 -38.54 3.89
CA LEU A 88 -4.69 -38.36 5.34
C LEU A 88 -5.95 -37.57 5.71
N ILE A 89 -6.23 -36.49 4.98
CA ILE A 89 -7.42 -35.70 5.26
C ILE A 89 -8.67 -36.56 5.11
N THR A 90 -8.75 -37.34 4.04
CA THR A 90 -9.91 -38.19 3.79
C THR A 90 -10.10 -39.22 4.92
N ILE A 91 -9.01 -39.87 5.32
CA ILE A 91 -9.06 -40.88 6.37
C ILE A 91 -9.63 -40.39 7.69
N GLU A 92 -9.15 -39.25 8.20
CA GLU A 92 -9.66 -38.75 9.47
C GLU A 92 -10.85 -37.79 9.37
N ASN A 93 -11.04 -37.18 8.21
CA ASN A 93 -12.16 -36.24 8.04
C ASN A 93 -13.33 -36.88 7.30
N GLY A 94 -13.04 -37.62 6.24
CA GLY A 94 -14.09 -38.28 5.48
C GLY A 94 -14.40 -37.77 4.08
N LYS A 95 -14.05 -36.53 3.76
CA LYS A 95 -14.32 -35.97 2.43
C LYS A 95 -13.55 -36.76 1.35
N ASN A 96 -14.16 -36.93 0.18
CA ASN A 96 -13.51 -37.69 -0.90
C ASN A 96 -12.16 -37.10 -1.26
N THR A 97 -11.32 -37.88 -1.92
CA THR A 97 -9.99 -37.40 -2.26
C THR A 97 -9.95 -36.19 -3.21
N LYS A 98 -11.03 -35.98 -3.95
CA LYS A 98 -11.08 -34.85 -4.85
C LYS A 98 -11.10 -33.57 -4.00
N GLU A 99 -12.04 -33.51 -3.06
CA GLU A 99 -12.18 -32.36 -2.18
C GLU A 99 -10.96 -32.23 -1.26
N ALA A 100 -10.38 -33.37 -0.89
CA ALA A 100 -9.20 -33.38 -0.02
C ALA A 100 -8.05 -32.72 -0.78
N LEU A 101 -7.87 -33.13 -2.03
CA LEU A 101 -6.82 -32.59 -2.89
C LEU A 101 -7.04 -31.07 -3.01
N GLY A 102 -8.30 -30.67 -2.97
CA GLY A 102 -8.63 -29.26 -3.07
C GLY A 102 -8.25 -28.50 -1.83
N GLU A 103 -8.39 -29.14 -0.67
CA GLU A 103 -8.04 -28.48 0.58
C GLU A 103 -6.55 -28.29 0.70
N VAL A 104 -5.79 -29.29 0.28
CA VAL A 104 -4.34 -29.22 0.36
C VAL A 104 -3.82 -28.11 -0.55
N GLY A 105 -4.45 -27.94 -1.71
CA GLY A 105 -4.03 -26.89 -2.61
C GLY A 105 -4.17 -25.50 -1.99
N ARG A 106 -5.27 -25.27 -1.29
CA ARG A 106 -5.52 -23.98 -0.65
C ARG A 106 -4.58 -23.75 0.53
N GLY A 107 -4.20 -24.83 1.21
CA GLY A 107 -3.27 -24.72 2.32
C GLY A 107 -1.90 -24.32 1.78
N ILE A 108 -1.58 -24.84 0.60
CA ILE A 108 -0.31 -24.51 -0.02
C ILE A 108 -0.37 -23.03 -0.42
N GLU A 109 -1.54 -22.59 -0.88
CA GLU A 109 -1.70 -21.19 -1.26
C GLU A 109 -1.44 -20.25 -0.08
N ASN A 110 -1.76 -20.70 1.14
CA ASN A 110 -1.53 -19.90 2.35
C ASN A 110 -0.03 -19.74 2.53
N VAL A 111 0.70 -20.84 2.35
CA VAL A 111 2.15 -20.81 2.49
C VAL A 111 2.75 -19.91 1.42
N GLU A 112 2.26 -20.02 0.19
CA GLU A 112 2.75 -19.21 -0.90
C GLU A 112 2.59 -17.75 -0.54
N PHE A 113 1.40 -17.36 -0.13
CA PHE A 113 1.13 -15.98 0.26
C PHE A 113 2.10 -15.53 1.35
N ALA A 114 2.30 -16.39 2.35
CA ALA A 114 3.18 -16.09 3.47
C ALA A 114 4.67 -16.00 3.12
N ALA A 115 5.07 -16.65 2.04
CA ALA A 115 6.47 -16.64 1.62
C ALA A 115 6.87 -15.25 1.17
N GLY A 116 5.89 -14.38 0.98
CA GLY A 116 6.17 -13.02 0.55
C GLY A 116 6.19 -12.09 1.74
N ALA A 117 6.55 -12.64 2.90
CA ALA A 117 6.60 -11.88 4.13
C ALA A 117 7.44 -10.59 4.06
N PRO A 118 8.63 -10.63 3.43
CA PRO A 118 9.44 -9.41 3.35
C PRO A 118 8.66 -8.15 2.96
N SER A 119 7.93 -8.20 1.86
CA SER A 119 7.16 -7.04 1.44
C SER A 119 5.95 -6.77 2.33
N LEU A 120 5.29 -7.85 2.78
CA LEU A 120 4.10 -7.71 3.62
C LEU A 120 4.42 -7.02 4.93
N MET A 121 5.65 -7.15 5.39
CA MET A 121 6.07 -6.55 6.65
C MET A 121 6.51 -5.10 6.56
N MET A 122 6.86 -4.63 5.36
CA MET A 122 7.33 -3.26 5.18
C MET A 122 6.46 -2.18 5.84
N GLY A 123 7.10 -1.30 6.61
CA GLY A 123 6.40 -0.21 7.26
C GLY A 123 6.53 1.07 6.44
N ASP A 124 6.15 2.20 7.03
CA ASP A 124 6.19 3.50 6.35
C ASP A 124 7.40 4.37 6.71
N SER A 125 7.95 5.05 5.71
CA SER A 125 9.11 5.91 5.92
C SER A 125 9.03 7.29 5.26
N LEU A 126 9.30 8.33 6.06
CA LEU A 126 9.28 9.72 5.59
C LEU A 126 10.62 10.36 5.96
N ALA A 127 11.31 10.93 4.96
CA ALA A 127 12.61 11.57 5.17
C ALA A 127 12.56 12.84 6.00
N SER A 128 11.46 13.59 5.89
CA SER A 128 11.31 14.82 6.65
C SER A 128 9.86 15.10 7.03
N ILE A 129 9.56 15.10 8.32
CA ILE A 129 8.20 15.42 8.76
C ILE A 129 8.28 16.79 9.42
N ALA A 130 9.52 17.24 9.63
CA ALA A 130 9.84 18.55 10.21
C ALA A 130 11.29 18.77 9.82
N THR A 131 11.79 20.00 9.90
CA THR A 131 13.19 20.19 9.52
C THR A 131 14.13 19.46 10.48
N ASP A 132 15.04 18.68 9.91
CA ASP A 132 16.00 17.91 10.69
C ASP A 132 15.37 16.68 11.36
N VAL A 133 14.10 16.43 11.06
CA VAL A 133 13.41 15.30 11.67
C VAL A 133 12.81 14.31 10.67
N GLU A 134 13.16 13.05 10.83
CA GLU A 134 12.67 11.97 9.98
C GLU A 134 11.89 11.01 10.86
N ALA A 135 11.05 10.19 10.25
CA ALA A 135 10.27 9.24 11.03
C ALA A 135 9.88 8.04 10.19
N ALA A 136 9.80 6.89 10.83
CA ALA A 136 9.41 5.67 10.13
C ALA A 136 8.93 4.67 11.17
N ASN A 137 8.04 3.78 10.77
CA ASN A 137 7.57 2.75 11.67
C ASN A 137 7.93 1.39 11.09
N TYR A 138 8.04 0.39 11.96
CA TYR A 138 8.41 -0.96 11.56
C TYR A 138 7.50 -1.98 12.20
N ARG A 139 7.50 -3.17 11.63
CA ARG A 139 6.71 -4.27 12.16
C ARG A 139 7.63 -5.30 12.78
N TYR A 140 7.19 -5.80 13.93
CA TYR A 140 7.93 -6.82 14.67
C TYR A 140 6.96 -7.91 15.06
N PRO A 141 7.48 -9.12 15.26
CA PRO A 141 6.59 -10.22 15.66
C PRO A 141 6.22 -9.94 17.12
N ILE A 142 5.11 -10.48 17.58
CA ILE A 142 4.72 -10.25 18.96
C ILE A 142 5.30 -11.24 19.95
N GLY A 143 5.58 -12.47 19.51
CA GLY A 143 6.13 -13.46 20.41
C GLY A 143 5.54 -14.85 20.12
N VAL A 144 4.95 -15.49 21.13
CA VAL A 144 4.38 -16.80 20.91
C VAL A 144 2.90 -16.70 20.52
N VAL A 145 2.55 -17.27 19.38
CA VAL A 145 1.18 -17.24 18.89
C VAL A 145 0.52 -18.60 19.13
N GLY A 146 -0.69 -18.56 19.66
CA GLY A 146 -1.42 -19.79 19.93
C GLY A 146 -2.51 -20.01 18.90
N GLY A 147 -2.66 -21.24 18.46
CA GLY A 147 -3.68 -21.54 17.47
C GLY A 147 -4.47 -22.78 17.83
N ILE A 148 -5.79 -22.68 17.65
CA ILE A 148 -6.71 -23.77 17.95
C ILE A 148 -7.55 -24.01 16.71
N ALA A 149 -7.43 -25.21 16.13
CA ALA A 149 -8.14 -25.54 14.89
C ALA A 149 -9.25 -26.59 14.97
N PRO A 150 -10.25 -26.49 14.07
CA PRO A 150 -11.41 -27.36 13.98
C PRO A 150 -11.15 -28.63 13.16
N PHE A 151 -12.14 -29.51 13.08
CA PHE A 151 -12.00 -30.77 12.35
C PHE A 151 -12.37 -30.71 10.87
N ASN A 152 -13.22 -29.76 10.47
CA ASN A 152 -13.64 -29.73 9.07
C ASN A 152 -12.56 -29.40 8.05
N PHE A 153 -11.43 -28.87 8.52
CA PHE A 153 -10.31 -28.57 7.62
C PHE A 153 -9.00 -28.92 8.32
N PRO A 154 -8.66 -30.22 8.35
CA PRO A 154 -7.44 -30.71 8.99
C PRO A 154 -6.11 -30.09 8.53
N MET A 155 -6.09 -29.47 7.36
CA MET A 155 -4.86 -28.85 6.88
C MET A 155 -4.99 -27.35 6.62
N MET A 156 -6.00 -26.99 5.86
CA MET A 156 -6.21 -25.60 5.50
C MET A 156 -6.20 -24.62 6.68
N VAL A 157 -7.07 -24.85 7.67
CA VAL A 157 -7.11 -23.95 8.80
C VAL A 157 -5.75 -23.83 9.47
N PRO A 158 -5.10 -24.96 9.80
CA PRO A 158 -3.79 -24.78 10.44
C PRO A 158 -2.87 -23.91 9.55
N CYS A 159 -2.93 -24.12 8.24
CA CYS A 159 -2.11 -23.35 7.30
C CYS A 159 -2.45 -21.85 7.22
N TRP A 160 -3.61 -21.45 7.73
CA TRP A 160 -3.99 -20.03 7.72
C TRP A 160 -3.17 -19.36 8.82
N MET A 161 -2.86 -20.14 9.84
CA MET A 161 -2.17 -19.64 11.03
C MET A 161 -0.67 -19.71 11.17
N PHE A 162 -0.11 -20.90 11.40
CA PHE A 162 1.31 -21.03 11.64
C PHE A 162 2.31 -20.59 10.57
N PRO A 163 2.01 -20.80 9.27
CA PRO A 163 3.00 -20.36 8.28
C PRO A 163 3.26 -18.85 8.34
N MET A 164 2.20 -18.05 8.31
CA MET A 164 2.32 -16.60 8.36
C MET A 164 2.93 -16.12 9.67
N ALA A 165 2.35 -16.56 10.78
CA ALA A 165 2.87 -16.14 12.08
C ALA A 165 4.36 -16.43 12.19
N ILE A 166 4.78 -17.58 11.66
CA ILE A 166 6.18 -17.98 11.74
C ILE A 166 7.03 -17.13 10.80
N ALA A 167 6.52 -16.92 9.59
CA ALA A 167 7.23 -16.12 8.61
C ALA A 167 7.43 -14.70 9.15
N LEU A 168 6.41 -14.17 9.82
CA LEU A 168 6.48 -12.82 10.37
C LEU A 168 7.42 -12.74 11.58
N GLY A 169 7.92 -13.91 12.01
CA GLY A 169 8.86 -13.94 13.12
C GLY A 169 8.40 -14.40 14.48
N ASN A 170 7.21 -14.98 14.57
CA ASN A 170 6.72 -15.47 15.85
C ASN A 170 7.01 -16.95 16.00
N THR A 171 6.80 -17.49 17.21
CA THR A 171 6.95 -18.92 17.42
C THR A 171 5.49 -19.35 17.59
N PHE A 172 5.21 -20.62 17.34
CA PHE A 172 3.82 -21.06 17.36
C PHE A 172 3.53 -22.30 18.18
N ILE A 173 2.34 -22.32 18.75
CA ILE A 173 1.86 -23.47 19.49
C ILE A 173 0.48 -23.76 18.90
N LEU A 174 0.40 -24.88 18.18
CA LEU A 174 -0.83 -25.30 17.53
C LEU A 174 -1.52 -26.46 18.22
N LYS A 175 -2.82 -26.29 18.49
CA LYS A 175 -3.61 -27.34 19.10
C LYS A 175 -4.66 -27.72 18.06
N PRO A 176 -4.35 -28.71 17.22
CA PRO A 176 -5.30 -29.15 16.19
C PRO A 176 -6.51 -29.85 16.75
N SER A 177 -7.47 -30.16 15.90
CA SER A 177 -8.66 -30.85 16.37
C SER A 177 -8.29 -32.23 16.86
N GLU A 178 -8.92 -32.64 17.96
CA GLU A 178 -8.66 -33.95 18.55
C GLU A 178 -9.11 -35.06 17.59
N ARG A 179 -10.05 -34.73 16.70
CA ARG A 179 -10.57 -35.70 15.75
C ARG A 179 -9.77 -35.88 14.47
N THR A 180 -9.02 -34.85 14.05
CA THR A 180 -8.21 -34.97 12.85
C THR A 180 -6.79 -34.49 13.14
N PRO A 181 -6.04 -35.27 13.92
CA PRO A 181 -4.66 -35.04 14.35
C PRO A 181 -3.54 -35.44 13.38
N LEU A 182 -3.78 -36.48 12.58
CA LEU A 182 -2.76 -36.97 11.65
C LEU A 182 -2.22 -35.92 10.69
N LEU A 183 -3.10 -35.21 10.00
CA LEU A 183 -2.65 -34.21 9.03
C LEU A 183 -1.58 -33.31 9.64
N THR A 184 -1.87 -32.73 10.80
CA THR A 184 -0.93 -31.84 11.48
C THR A 184 0.43 -32.49 11.71
N GLU A 185 0.44 -33.78 11.97
CA GLU A 185 1.69 -34.48 12.18
C GLU A 185 2.56 -34.35 10.91
N LYS A 186 1.93 -34.53 9.74
CA LYS A 186 2.64 -34.41 8.48
C LYS A 186 3.19 -33.00 8.27
N LEU A 187 2.41 -31.99 8.63
CA LEU A 187 2.86 -30.61 8.48
C LEU A 187 4.14 -30.39 9.29
N VAL A 188 4.12 -30.81 10.55
CA VAL A 188 5.28 -30.67 11.41
C VAL A 188 6.49 -31.30 10.74
N GLU A 189 6.37 -32.54 10.32
CA GLU A 189 7.48 -33.23 9.69
C GLU A 189 7.98 -32.53 8.44
N LEU A 190 7.06 -32.06 7.59
CA LEU A 190 7.47 -31.39 6.37
C LEU A 190 8.12 -30.03 6.62
N PHE A 191 7.64 -29.30 7.63
CA PHE A 191 8.19 -27.99 7.95
C PHE A 191 9.58 -28.18 8.57
N GLU A 192 9.79 -29.33 9.19
CA GLU A 192 11.08 -29.64 9.79
C GLU A 192 12.07 -29.91 8.66
N LYS A 193 11.63 -30.68 7.67
CA LYS A 193 12.48 -31.00 6.53
C LYS A 193 12.78 -29.74 5.74
N ALA A 194 11.85 -28.78 5.79
CA ALA A 194 12.03 -27.52 5.09
C ALA A 194 13.17 -26.75 5.76
N GLY A 195 13.50 -27.13 6.99
CA GLY A 195 14.58 -26.47 7.70
C GLY A 195 14.19 -25.56 8.87
N LEU A 196 12.97 -25.65 9.37
CA LEU A 196 12.56 -24.79 10.48
C LEU A 196 13.29 -25.19 11.76
N PRO A 197 14.00 -24.25 12.39
CA PRO A 197 14.73 -24.54 13.63
C PRO A 197 13.79 -24.98 14.75
N LYS A 198 14.35 -25.55 15.81
CA LYS A 198 13.53 -26.04 16.93
C LYS A 198 12.77 -24.97 17.73
N GLY A 199 11.65 -25.38 18.31
CA GLY A 199 10.86 -24.49 19.14
C GLY A 199 10.01 -23.44 18.44
N VAL A 200 10.18 -23.33 17.13
CA VAL A 200 9.43 -22.33 16.36
C VAL A 200 8.01 -22.83 16.06
N PHE A 201 7.89 -24.09 15.68
CA PHE A 201 6.59 -24.69 15.38
C PHE A 201 6.35 -25.81 16.38
N ASN A 202 5.47 -25.56 17.35
CA ASN A 202 5.16 -26.56 18.37
C ASN A 202 3.69 -27.00 18.28
N VAL A 203 3.46 -28.29 18.50
CA VAL A 203 2.12 -28.86 18.47
C VAL A 203 1.83 -29.61 19.76
N VAL A 204 0.75 -29.23 20.43
CA VAL A 204 0.35 -29.89 21.65
C VAL A 204 -1.08 -30.39 21.47
N TYR A 205 -1.22 -31.71 21.29
CA TYR A 205 -2.53 -32.30 21.11
C TYR A 205 -3.34 -32.30 22.41
N GLY A 206 -4.66 -32.26 22.29
CA GLY A 206 -5.47 -32.27 23.49
C GLY A 206 -6.85 -31.66 23.34
N ALA A 207 -7.42 -31.26 24.47
CA ALA A 207 -8.74 -30.66 24.48
C ALA A 207 -8.77 -29.41 25.36
N HIS A 208 -9.59 -29.45 26.42
CA HIS A 208 -9.74 -28.30 27.30
C HIS A 208 -8.53 -27.87 28.10
N ASP A 209 -7.88 -28.78 28.83
CA ASP A 209 -6.72 -28.40 29.63
C ASP A 209 -5.72 -27.60 28.80
N VAL A 210 -5.49 -28.05 27.55
CA VAL A 210 -4.56 -27.37 26.64
C VAL A 210 -5.07 -26.03 26.11
N VAL A 211 -6.36 -25.93 25.83
CA VAL A 211 -6.93 -24.68 25.32
C VAL A 211 -6.93 -23.62 26.40
N ASN A 212 -7.30 -24.00 27.61
CA ASN A 212 -7.31 -23.04 28.71
C ASN A 212 -5.86 -22.71 29.05
N GLY A 213 -4.96 -23.65 28.79
CA GLY A 213 -3.55 -23.41 29.04
C GLY A 213 -3.04 -22.31 28.15
N ILE A 214 -3.47 -22.35 26.89
CA ILE A 214 -3.08 -21.36 25.89
C ILE A 214 -3.72 -20.02 26.23
N LEU A 215 -4.94 -20.05 26.75
CA LEU A 215 -5.65 -18.83 27.09
C LEU A 215 -5.12 -18.16 28.35
N GLU A 216 -4.55 -18.94 29.26
CA GLU A 216 -4.05 -18.42 30.52
C GLU A 216 -2.56 -18.09 30.55
N HIS A 217 -1.76 -18.87 29.82
CA HIS A 217 -0.33 -18.65 29.82
C HIS A 217 0.07 -17.28 29.32
N PRO A 218 0.78 -16.51 30.16
CA PRO A 218 1.26 -15.15 29.87
C PRO A 218 2.23 -15.00 28.70
N GLU A 219 2.88 -16.10 28.31
CA GLU A 219 3.83 -16.06 27.20
C GLU A 219 3.15 -16.08 25.83
N ILE A 220 1.91 -16.54 25.79
CA ILE A 220 1.19 -16.61 24.53
C ILE A 220 0.45 -15.31 24.31
N LYS A 221 1.05 -14.44 23.52
CA LYS A 221 0.50 -13.12 23.23
C LYS A 221 -0.73 -13.03 22.33
N ALA A 222 -0.85 -13.90 21.34
CA ALA A 222 -2.01 -13.84 20.46
C ALA A 222 -2.67 -15.19 20.29
N ILE A 223 -3.98 -15.18 20.08
CA ILE A 223 -4.73 -16.42 19.90
C ILE A 223 -5.61 -16.38 18.66
N SER A 224 -5.45 -17.41 17.82
CA SER A 224 -6.25 -17.54 16.62
C SER A 224 -7.13 -18.76 16.84
N PHE A 225 -8.44 -18.53 16.98
CA PHE A 225 -9.38 -19.62 17.17
C PHE A 225 -10.29 -19.76 15.97
N VAL A 226 -10.48 -21.00 15.54
CA VAL A 226 -11.34 -21.31 14.43
C VAL A 226 -12.21 -22.52 14.84
N GLY A 227 -13.50 -22.28 15.08
CA GLY A 227 -14.40 -23.34 15.50
C GLY A 227 -15.85 -22.89 15.63
N SER A 228 -16.62 -23.57 16.47
CA SER A 228 -18.05 -23.24 16.68
C SER A 228 -18.24 -21.91 17.42
N LYS A 229 -19.41 -21.30 17.22
CA LYS A 229 -19.70 -20.02 17.87
C LYS A 229 -19.58 -20.08 19.39
N PRO A 230 -20.18 -21.09 20.02
CA PRO A 230 -20.09 -21.16 21.48
C PRO A 230 -18.67 -21.21 21.99
N VAL A 231 -17.87 -22.12 21.47
CA VAL A 231 -16.48 -22.21 21.91
C VAL A 231 -15.68 -20.96 21.58
N GLY A 232 -15.88 -20.43 20.39
CA GLY A 232 -15.18 -19.24 19.96
C GLY A 232 -15.58 -17.99 20.72
N GLU A 233 -16.86 -17.91 21.10
CA GLU A 233 -17.34 -16.78 21.86
C GLU A 233 -16.62 -16.82 23.19
N TYR A 234 -16.50 -18.02 23.75
CA TYR A 234 -15.82 -18.22 25.01
C TYR A 234 -14.33 -17.87 24.92
N VAL A 235 -13.64 -18.40 23.90
CA VAL A 235 -12.21 -18.13 23.73
C VAL A 235 -11.93 -16.63 23.63
N TYR A 236 -12.78 -15.93 22.88
CA TYR A 236 -12.62 -14.49 22.70
C TYR A 236 -12.72 -13.79 24.04
N LYS A 237 -13.77 -14.11 24.78
CA LYS A 237 -14.00 -13.50 26.08
C LYS A 237 -12.90 -13.85 27.08
N LYS A 238 -12.58 -15.13 27.23
CA LYS A 238 -11.54 -15.49 28.17
C LYS A 238 -10.20 -14.87 27.76
N GLY A 239 -9.89 -14.97 26.46
CA GLY A 239 -8.66 -14.41 25.95
C GLY A 239 -8.59 -12.92 26.24
N SER A 240 -9.67 -12.22 25.95
CA SER A 240 -9.72 -10.77 26.19
C SER A 240 -9.57 -10.45 27.68
N GLU A 241 -10.20 -11.24 28.53
CA GLU A 241 -10.10 -11.00 29.96
C GLU A 241 -8.63 -11.15 30.36
N ASN A 242 -7.92 -12.08 29.72
CA ASN A 242 -6.50 -12.30 30.01
C ASN A 242 -5.64 -11.26 29.31
N LEU A 243 -6.29 -10.25 28.75
CA LEU A 243 -5.61 -9.15 28.09
C LEU A 243 -4.74 -9.47 26.87
N LYS A 244 -5.13 -10.45 26.07
CA LYS A 244 -4.36 -10.75 24.87
C LYS A 244 -5.27 -10.60 23.65
N ARG A 245 -4.68 -10.27 22.51
CA ARG A 245 -5.45 -10.10 21.29
C ARG A 245 -5.92 -11.46 20.86
N VAL A 246 -7.11 -11.52 20.28
CA VAL A 246 -7.67 -12.77 19.80
C VAL A 246 -8.60 -12.58 18.61
N GLN A 247 -8.67 -13.62 17.78
CA GLN A 247 -9.54 -13.62 16.62
C GLN A 247 -10.26 -14.96 16.58
N SER A 248 -11.59 -14.90 16.62
CA SER A 248 -12.42 -16.09 16.57
C SER A 248 -13.25 -16.12 15.32
N LEU A 249 -12.93 -17.05 14.42
CA LEU A 249 -13.68 -17.25 13.19
C LEU A 249 -14.63 -18.38 13.56
N THR A 250 -15.90 -18.03 13.75
CA THR A 250 -16.89 -18.98 14.20
C THR A 250 -17.91 -19.56 13.21
N GLY A 251 -19.04 -20.00 13.75
CA GLY A 251 -20.10 -20.62 12.97
C GLY A 251 -20.70 -19.86 11.80
N ALA A 252 -21.53 -20.55 11.02
CA ALA A 252 -22.15 -19.95 9.85
C ALA A 252 -23.50 -20.56 9.51
N LYS A 253 -24.23 -19.87 8.65
CA LYS A 253 -25.53 -20.28 8.16
C LYS A 253 -25.59 -19.48 6.88
N ASN A 254 -24.75 -19.86 5.92
CA ASN A 254 -24.68 -19.15 4.66
C ASN A 254 -25.91 -19.28 3.81
N HIS A 255 -26.32 -18.16 3.21
CA HIS A 255 -27.48 -18.12 2.35
C HIS A 255 -27.11 -17.92 0.90
N THR A 256 -27.83 -18.60 0.02
CA THR A 256 -27.60 -18.47 -1.40
C THR A 256 -28.86 -17.94 -2.05
N ILE A 257 -28.72 -16.82 -2.76
CA ILE A 257 -29.83 -16.19 -3.44
C ILE A 257 -29.83 -16.63 -4.89
N VAL A 258 -31.00 -17.03 -5.38
CA VAL A 258 -31.13 -17.47 -6.76
C VAL A 258 -32.21 -16.66 -7.45
N LEU A 259 -31.80 -15.76 -8.34
CA LEU A 259 -32.75 -14.91 -9.06
C LEU A 259 -33.18 -15.57 -10.38
N ASN A 260 -34.31 -15.10 -10.90
CA ASN A 260 -34.87 -15.65 -12.13
C ASN A 260 -33.95 -15.74 -13.34
N ASP A 261 -33.01 -14.81 -13.46
CA ASP A 261 -32.09 -14.83 -14.61
C ASP A 261 -30.88 -15.72 -14.39
N ALA A 262 -30.88 -16.47 -13.29
CA ALA A 262 -29.76 -17.35 -12.99
C ALA A 262 -29.63 -18.46 -14.02
N ASN A 263 -28.41 -18.95 -14.20
CA ASN A 263 -28.15 -20.04 -15.14
C ASN A 263 -28.38 -21.34 -14.37
N LEU A 264 -29.60 -21.85 -14.42
CA LEU A 264 -30.00 -23.06 -13.71
C LEU A 264 -28.93 -24.15 -13.63
N GLU A 265 -28.38 -24.55 -14.77
CA GLU A 265 -27.37 -25.60 -14.81
C GLU A 265 -26.18 -25.34 -13.90
N ASP A 266 -25.52 -24.20 -14.08
CA ASP A 266 -24.38 -23.86 -13.25
C ASP A 266 -24.80 -23.73 -11.79
N THR A 267 -25.88 -22.99 -11.56
CA THR A 267 -26.38 -22.75 -10.22
C THR A 267 -26.58 -24.02 -9.39
N VAL A 268 -27.36 -24.95 -9.92
CA VAL A 268 -27.64 -26.20 -9.21
C VAL A 268 -26.40 -27.02 -8.88
N THR A 269 -25.50 -27.17 -9.85
CA THR A 269 -24.28 -27.93 -9.59
C THR A 269 -23.52 -27.28 -8.44
N ASN A 270 -23.41 -25.95 -8.50
CA ASN A 270 -22.71 -25.19 -7.48
C ASN A 270 -23.33 -25.31 -6.10
N ILE A 271 -24.63 -25.09 -6.00
CA ILE A 271 -25.33 -25.17 -4.73
C ILE A 271 -25.25 -26.60 -4.16
N VAL A 272 -25.40 -27.61 -5.03
CA VAL A 272 -25.32 -28.99 -4.57
C VAL A 272 -23.94 -29.22 -3.93
N GLY A 273 -22.90 -28.68 -4.55
CA GLY A 273 -21.56 -28.83 -4.00
C GLY A 273 -21.39 -28.08 -2.70
N ALA A 274 -21.92 -26.87 -2.64
CA ALA A 274 -21.81 -26.04 -1.44
C ALA A 274 -22.61 -26.58 -0.25
N ALA A 275 -23.67 -27.33 -0.54
CA ALA A 275 -24.52 -27.85 0.52
C ALA A 275 -24.22 -29.29 0.93
N PHE A 276 -23.77 -30.10 -0.02
CA PHE A 276 -23.51 -31.49 0.30
C PHE A 276 -22.06 -31.95 0.19
N GLY A 277 -21.19 -31.12 -0.37
CA GLY A 277 -19.80 -31.49 -0.48
C GLY A 277 -19.27 -31.53 0.95
N SER A 278 -18.30 -32.39 1.21
CA SER A 278 -17.72 -32.50 2.56
C SER A 278 -18.80 -32.66 3.63
N ALA A 279 -19.88 -33.35 3.27
CA ALA A 279 -21.00 -33.62 4.18
C ALA A 279 -21.57 -32.35 4.81
N GLY A 280 -21.47 -31.23 4.09
CA GLY A 280 -21.98 -29.96 4.57
C GLY A 280 -21.21 -29.44 5.78
N GLU A 281 -20.06 -30.06 6.04
CA GLU A 281 -19.23 -29.66 7.18
C GLU A 281 -18.21 -28.58 6.81
N ARG A 282 -18.72 -27.43 6.35
CA ARG A 282 -17.86 -26.30 5.97
C ARG A 282 -18.44 -24.96 6.38
N CYS A 283 -17.59 -24.10 6.92
CA CYS A 283 -18.01 -22.77 7.35
C CYS A 283 -18.54 -22.00 6.16
N MET A 284 -18.22 -22.48 4.96
CA MET A 284 -18.66 -21.85 3.73
C MET A 284 -19.78 -22.64 3.05
N ALA A 285 -20.29 -23.66 3.72
CA ALA A 285 -21.36 -24.48 3.16
C ALA A 285 -22.68 -23.73 3.01
N CYS A 286 -23.45 -24.10 1.99
CA CYS A 286 -24.74 -23.48 1.76
C CYS A 286 -25.78 -24.15 2.66
N ALA A 287 -26.37 -23.38 3.57
CA ALA A 287 -27.36 -23.91 4.48
C ALA A 287 -28.79 -23.57 4.06
N VAL A 288 -29.00 -22.32 3.66
CA VAL A 288 -30.31 -21.86 3.23
C VAL A 288 -30.22 -21.34 1.81
N VAL A 289 -31.30 -21.53 1.07
CA VAL A 289 -31.39 -21.05 -0.30
C VAL A 289 -32.71 -20.34 -0.46
N THR A 290 -32.65 -19.07 -0.86
CA THR A 290 -33.85 -18.29 -1.08
C THR A 290 -33.98 -18.13 -2.59
N VAL A 291 -34.91 -18.89 -3.19
CA VAL A 291 -35.14 -18.84 -4.62
C VAL A 291 -36.24 -17.84 -4.93
N GLU A 292 -36.09 -17.10 -6.03
CA GLU A 292 -37.08 -16.13 -6.43
C GLU A 292 -38.28 -16.93 -6.93
N GLU A 293 -39.49 -16.48 -6.60
CA GLU A 293 -40.71 -17.18 -7.00
C GLU A 293 -40.73 -17.66 -8.45
N GLY A 294 -40.53 -16.75 -9.38
CA GLY A 294 -40.55 -17.09 -10.79
C GLY A 294 -39.77 -18.32 -11.26
N ILE A 295 -38.62 -18.58 -10.66
CA ILE A 295 -37.78 -19.71 -11.09
C ILE A 295 -37.76 -20.88 -10.10
N ALA A 296 -38.40 -20.71 -8.95
CA ALA A 296 -38.42 -21.73 -7.91
C ALA A 296 -38.80 -23.15 -8.34
N ASP A 297 -39.94 -23.31 -8.99
CA ASP A 297 -40.38 -24.63 -9.42
C ASP A 297 -39.35 -25.37 -10.27
N GLU A 298 -38.86 -24.71 -11.32
CA GLU A 298 -37.87 -25.33 -12.19
C GLU A 298 -36.58 -25.59 -11.45
N PHE A 299 -36.27 -24.71 -10.49
CA PHE A 299 -35.04 -24.85 -9.70
C PHE A 299 -35.08 -26.13 -8.87
N MET A 300 -36.17 -26.31 -8.11
CA MET A 300 -36.34 -27.48 -7.26
C MET A 300 -36.27 -28.78 -8.09
N ALA A 301 -36.84 -28.74 -9.28
CA ALA A 301 -36.84 -29.91 -10.16
C ALA A 301 -35.43 -30.37 -10.46
N LYS A 302 -34.58 -29.46 -10.93
CA LYS A 302 -33.19 -29.80 -11.26
C LYS A 302 -32.36 -30.12 -10.02
N LEU A 303 -32.65 -29.44 -8.91
CA LEU A 303 -31.92 -29.68 -7.69
C LEU A 303 -32.14 -31.12 -7.23
N GLN A 304 -33.40 -31.52 -7.10
CA GLN A 304 -33.71 -32.88 -6.67
C GLN A 304 -33.19 -33.89 -7.66
N GLU A 305 -33.20 -33.51 -8.94
CA GLU A 305 -32.73 -34.37 -10.01
C GLU A 305 -31.23 -34.61 -9.86
N LYS A 306 -30.50 -33.54 -9.53
CA LYS A 306 -29.06 -33.62 -9.35
C LYS A 306 -28.71 -34.34 -8.06
N VAL A 307 -29.48 -34.06 -7.00
CA VAL A 307 -29.25 -34.69 -5.70
C VAL A 307 -29.43 -36.21 -5.76
N ALA A 308 -30.29 -36.67 -6.67
CA ALA A 308 -30.56 -38.09 -6.81
C ALA A 308 -29.33 -38.82 -7.36
N ASP A 309 -28.45 -38.09 -8.05
CA ASP A 309 -27.25 -38.69 -8.61
C ASP A 309 -26.11 -38.80 -7.62
N ILE A 310 -26.26 -38.13 -6.47
CA ILE A 310 -25.24 -38.15 -5.43
C ILE A 310 -24.98 -39.54 -4.88
N LYS A 311 -23.76 -40.03 -5.02
CA LYS A 311 -23.42 -41.34 -4.48
C LYS A 311 -22.69 -41.19 -3.16
N ILE A 312 -23.18 -41.92 -2.16
CA ILE A 312 -22.61 -41.89 -0.81
C ILE A 312 -21.70 -43.09 -0.58
N GLY A 313 -20.64 -42.88 0.21
CA GLY A 313 -19.72 -43.97 0.49
C GLY A 313 -18.38 -43.54 1.05
N ASN A 314 -17.40 -44.44 1.02
CA ASN A 314 -16.06 -44.16 1.52
C ASN A 314 -15.40 -43.11 0.61
N GLY A 315 -14.97 -42.01 1.19
CA GLY A 315 -14.32 -40.95 0.42
C GLY A 315 -13.19 -41.40 -0.50
N LEU A 316 -12.54 -42.49 -0.14
CA LEU A 316 -11.43 -43.04 -0.91
C LEU A 316 -11.88 -43.76 -2.19
N ASP A 317 -13.16 -44.14 -2.24
CA ASP A 317 -13.72 -44.86 -3.39
C ASP A 317 -14.12 -43.94 -4.54
N ASP A 318 -13.72 -44.32 -5.75
CA ASP A 318 -14.05 -43.55 -6.94
C ASP A 318 -15.56 -43.53 -7.17
N GLY A 319 -16.08 -42.35 -7.51
CA GLY A 319 -17.51 -42.21 -7.74
C GLY A 319 -18.23 -41.62 -6.53
N VAL A 320 -17.64 -41.79 -5.34
CA VAL A 320 -18.24 -41.27 -4.12
C VAL A 320 -18.22 -39.74 -4.07
N PHE A 321 -19.39 -39.15 -3.89
CA PHE A 321 -19.52 -37.71 -3.81
C PHE A 321 -19.60 -37.31 -2.33
N LEU A 322 -20.64 -37.83 -1.68
CA LEU A 322 -20.88 -37.56 -0.27
C LEU A 322 -20.19 -38.60 0.61
N GLY A 323 -19.52 -38.13 1.66
CA GLY A 323 -18.85 -39.04 2.56
C GLY A 323 -19.63 -39.05 3.86
N PRO A 324 -19.04 -39.56 4.96
CA PRO A 324 -19.71 -39.62 6.26
C PRO A 324 -19.57 -38.33 7.05
N VAL A 325 -20.30 -38.23 8.16
CA VAL A 325 -20.16 -37.06 9.02
C VAL A 325 -19.04 -37.45 9.97
N ILE A 326 -18.46 -36.49 10.67
CA ILE A 326 -17.33 -36.78 11.54
C ILE A 326 -17.47 -37.81 12.67
N ARG A 327 -18.46 -37.66 13.54
CA ARG A 327 -18.63 -38.60 14.65
C ARG A 327 -20.03 -39.17 14.71
N GLU A 328 -20.19 -40.23 15.50
CA GLU A 328 -21.47 -40.89 15.71
C GLU A 328 -22.44 -39.88 16.30
N ASP A 329 -21.90 -39.03 17.17
CA ASP A 329 -22.68 -38.01 17.85
C ASP A 329 -23.25 -36.98 16.88
N ASN A 330 -22.54 -36.74 15.78
CA ASN A 330 -23.00 -35.78 14.79
C ASN A 330 -24.10 -36.37 13.94
N LYS A 331 -24.05 -37.68 13.72
CA LYS A 331 -25.10 -38.32 12.93
C LYS A 331 -26.42 -38.17 13.69
N LYS A 332 -26.37 -38.42 15.00
CA LYS A 332 -27.56 -38.31 15.84
C LYS A 332 -28.10 -36.88 15.87
N ARG A 333 -27.19 -35.91 16.04
CA ARG A 333 -27.62 -34.52 16.08
C ARG A 333 -28.35 -34.15 14.80
N THR A 334 -27.87 -34.68 13.67
CA THR A 334 -28.49 -34.40 12.38
C THR A 334 -29.89 -35.01 12.27
N LEU A 335 -29.99 -36.29 12.60
CA LEU A 335 -31.27 -36.99 12.57
C LEU A 335 -32.27 -36.29 13.46
N SER A 336 -31.77 -35.69 14.54
CA SER A 336 -32.63 -34.97 15.48
C SER A 336 -33.12 -33.69 14.82
N TYR A 337 -32.25 -33.04 14.06
CA TYR A 337 -32.61 -31.81 13.36
C TYR A 337 -33.65 -32.13 12.29
N ILE A 338 -33.40 -33.20 11.54
CA ILE A 338 -34.33 -33.60 10.50
C ILE A 338 -35.74 -33.77 11.10
N GLU A 339 -35.79 -34.26 12.34
CA GLU A 339 -37.05 -34.46 13.02
C GLU A 339 -37.69 -33.14 13.38
N LYS A 340 -36.96 -32.28 14.09
CA LYS A 340 -37.46 -30.97 14.49
C LYS A 340 -37.98 -30.20 13.29
N GLY A 341 -37.41 -30.48 12.12
CA GLY A 341 -37.84 -29.81 10.91
C GLY A 341 -39.29 -30.16 10.62
N LEU A 342 -39.56 -31.45 10.53
CA LEU A 342 -40.92 -31.95 10.29
C LEU A 342 -41.82 -31.41 11.39
N GLU A 343 -41.35 -31.56 12.61
CA GLU A 343 -42.08 -31.12 13.80
C GLU A 343 -42.41 -29.62 13.78
N GLU A 344 -41.70 -28.85 12.98
CA GLU A 344 -41.97 -27.42 12.92
C GLU A 344 -42.73 -26.97 11.69
N GLY A 345 -43.05 -27.92 10.81
CA GLY A 345 -43.81 -27.58 9.63
C GLY A 345 -43.05 -27.68 8.32
N ALA A 346 -41.74 -27.79 8.39
CA ALA A 346 -40.95 -27.89 7.18
C ALA A 346 -41.34 -29.13 6.37
N ARG A 347 -41.40 -28.99 5.05
CA ARG A 347 -41.76 -30.11 4.18
C ARG A 347 -40.52 -30.85 3.68
N LEU A 348 -40.23 -31.99 4.30
CA LEU A 348 -39.08 -32.80 3.92
C LEU A 348 -39.24 -33.25 2.47
N VAL A 349 -38.57 -32.55 1.56
CA VAL A 349 -38.62 -32.85 0.14
C VAL A 349 -37.71 -34.02 -0.24
N CYS A 350 -36.61 -34.18 0.48
CA CYS A 350 -35.65 -35.25 0.23
C CYS A 350 -35.15 -35.75 1.58
N ASP A 351 -35.27 -37.05 1.83
CA ASP A 351 -34.87 -37.66 3.10
C ASP A 351 -33.51 -38.35 3.04
N GLY A 352 -32.62 -37.97 3.96
CA GLY A 352 -31.30 -38.56 3.99
C GLY A 352 -31.08 -39.57 5.11
N ARG A 353 -32.16 -39.93 5.80
CA ARG A 353 -32.07 -40.90 6.88
C ARG A 353 -32.25 -42.29 6.28
N GLU A 354 -32.69 -42.33 5.02
CA GLU A 354 -32.92 -43.58 4.32
C GLU A 354 -31.78 -43.93 3.36
N ASN A 355 -31.65 -45.22 3.06
CA ASN A 355 -30.61 -45.70 2.15
C ASN A 355 -29.23 -45.23 2.60
N VAL A 356 -28.94 -45.45 3.87
CA VAL A 356 -27.67 -45.03 4.45
C VAL A 356 -26.93 -46.20 5.10
N SER A 357 -25.82 -46.62 4.48
CA SER A 357 -25.01 -47.71 5.03
C SER A 357 -24.68 -47.48 6.49
N ASP A 358 -24.22 -48.51 7.18
CA ASP A 358 -23.87 -48.36 8.59
C ASP A 358 -22.39 -48.65 8.84
N ASP A 359 -21.63 -48.81 7.75
CA ASP A 359 -20.19 -49.06 7.85
C ASP A 359 -19.52 -47.86 8.51
N GLY A 360 -20.11 -46.68 8.30
CA GLY A 360 -19.59 -45.46 8.88
C GLY A 360 -20.74 -44.55 9.28
N TYR A 361 -20.42 -43.36 9.78
CA TYR A 361 -21.45 -42.42 10.21
C TYR A 361 -22.02 -41.66 9.01
N PHE A 362 -22.81 -42.36 8.21
CA PHE A 362 -23.41 -41.79 7.00
C PHE A 362 -24.80 -41.18 7.17
N VAL A 363 -25.07 -40.15 6.37
CA VAL A 363 -26.34 -39.46 6.35
C VAL A 363 -26.51 -38.91 4.94
N GLY A 364 -27.52 -39.41 4.23
CA GLY A 364 -27.77 -38.96 2.88
C GLY A 364 -28.14 -37.49 2.81
N PRO A 365 -28.00 -36.87 1.63
CA PRO A 365 -28.35 -35.45 1.52
C PRO A 365 -29.83 -35.27 1.74
N THR A 366 -30.20 -34.31 2.59
CA THR A 366 -31.59 -34.05 2.86
C THR A 366 -31.92 -32.59 2.55
N ILE A 367 -33.15 -32.33 2.13
CA ILE A 367 -33.58 -30.97 1.81
C ILE A 367 -35.03 -30.69 2.25
N PHE A 368 -35.20 -29.57 2.95
CA PHE A 368 -36.52 -29.15 3.42
C PHE A 368 -37.10 -28.04 2.54
N ASP A 369 -38.41 -27.95 2.54
CA ASP A 369 -39.14 -26.97 1.74
C ASP A 369 -39.94 -26.09 2.71
N ASN A 370 -40.65 -25.11 2.15
CA ASN A 370 -41.47 -24.20 2.94
C ASN A 370 -40.94 -23.92 4.35
N VAL A 371 -39.65 -23.64 4.48
CA VAL A 371 -39.10 -23.36 5.79
C VAL A 371 -39.22 -21.86 6.06
N THR A 372 -39.27 -21.49 7.33
CA THR A 372 -39.38 -20.09 7.69
C THR A 372 -38.34 -19.67 8.71
N THR A 373 -38.23 -18.36 8.91
CA THR A 373 -37.27 -17.79 9.83
C THR A 373 -37.55 -18.14 11.28
N GLU A 374 -38.71 -18.76 11.53
CA GLU A 374 -39.08 -19.13 12.89
C GLU A 374 -38.65 -20.55 13.26
N MET A 375 -38.18 -21.29 12.27
CA MET A 375 -37.76 -22.67 12.49
C MET A 375 -36.31 -22.83 12.97
N THR A 376 -36.12 -23.81 13.86
CA THR A 376 -34.80 -24.11 14.40
C THR A 376 -33.90 -24.54 13.24
N ILE A 377 -34.52 -25.17 12.25
CA ILE A 377 -33.83 -25.65 11.06
C ILE A 377 -33.12 -24.53 10.32
N TRP A 378 -33.64 -23.31 10.49
CA TRP A 378 -33.07 -22.13 9.86
C TRP A 378 -32.13 -21.37 10.78
N LYS A 379 -32.48 -21.30 12.06
CA LYS A 379 -31.69 -20.57 13.04
C LYS A 379 -30.39 -21.22 13.52
N ASP A 380 -30.31 -22.54 13.43
CA ASP A 380 -29.11 -23.26 13.87
C ASP A 380 -28.24 -23.75 12.73
N GLU A 381 -26.96 -23.93 13.03
CA GLU A 381 -26.03 -24.43 12.04
C GLU A 381 -26.09 -25.95 12.17
N ILE A 382 -26.75 -26.60 11.21
CA ILE A 382 -26.85 -28.06 11.26
C ILE A 382 -25.45 -28.63 11.05
N PHE A 383 -24.68 -27.97 10.18
CA PHE A 383 -23.32 -28.40 9.87
C PHE A 383 -23.29 -29.85 9.45
N ALA A 384 -24.20 -30.20 8.55
CA ALA A 384 -24.31 -31.56 8.04
C ALA A 384 -24.93 -31.44 6.65
N PRO A 385 -25.20 -32.57 5.98
CA PRO A 385 -25.78 -32.44 4.64
C PRO A 385 -27.29 -32.16 4.64
N VAL A 386 -27.69 -31.05 5.27
CA VAL A 386 -29.09 -30.67 5.36
C VAL A 386 -29.36 -29.27 4.80
N LEU A 387 -30.03 -29.21 3.65
CA LEU A 387 -30.34 -27.95 2.98
C LEU A 387 -31.78 -27.48 3.18
N SER A 388 -31.98 -26.17 3.38
CA SER A 388 -33.33 -25.61 3.54
C SER A 388 -33.59 -24.62 2.40
N VAL A 389 -34.77 -24.70 1.79
CA VAL A 389 -35.11 -23.80 0.70
C VAL A 389 -36.28 -22.90 1.04
N ILE A 390 -36.26 -21.71 0.47
CA ILE A 390 -37.31 -20.71 0.72
C ILE A 390 -37.63 -19.94 -0.55
N ARG A 391 -38.92 -19.80 -0.84
CA ARG A 391 -39.37 -19.06 -2.01
C ARG A 391 -39.53 -17.62 -1.58
N VAL A 392 -38.94 -16.70 -2.34
CA VAL A 392 -39.04 -15.28 -2.01
C VAL A 392 -39.57 -14.50 -3.21
N LYS A 393 -40.10 -13.32 -2.94
CA LYS A 393 -40.65 -12.48 -3.99
C LYS A 393 -39.59 -11.83 -4.87
N ASN A 394 -38.46 -11.43 -4.26
CA ASN A 394 -37.38 -10.77 -4.98
C ASN A 394 -36.10 -10.65 -4.14
N LEU A 395 -35.03 -10.16 -4.75
CA LEU A 395 -33.75 -9.99 -4.07
C LEU A 395 -33.86 -9.31 -2.71
N LYS A 396 -34.67 -8.26 -2.62
CA LYS A 396 -34.83 -7.54 -1.36
C LYS A 396 -35.29 -8.43 -0.19
N GLU A 397 -36.31 -9.25 -0.42
CA GLU A 397 -36.79 -10.12 0.63
C GLU A 397 -35.75 -11.18 0.99
N ALA A 398 -34.99 -11.64 -0.01
CA ALA A 398 -33.95 -12.65 0.20
C ALA A 398 -32.88 -12.10 1.14
N ILE A 399 -32.44 -10.88 0.86
CA ILE A 399 -31.42 -10.23 1.66
C ILE A 399 -31.91 -9.97 3.09
N GLU A 400 -33.17 -9.57 3.23
CA GLU A 400 -33.72 -9.32 4.55
C GLU A 400 -33.74 -10.62 5.37
N ILE A 401 -33.98 -11.74 4.70
CA ILE A 401 -34.03 -13.03 5.39
C ILE A 401 -32.63 -13.42 5.86
N ALA A 402 -31.65 -13.31 4.97
CA ALA A 402 -30.27 -13.64 5.30
C ALA A 402 -29.73 -12.72 6.39
N ASN A 403 -30.01 -11.43 6.28
CA ASN A 403 -29.52 -10.46 7.26
C ASN A 403 -30.12 -10.71 8.64
N LYS A 404 -31.29 -11.35 8.65
CA LYS A 404 -31.97 -11.65 9.90
C LYS A 404 -31.24 -12.76 10.65
N SER A 405 -30.45 -13.53 9.92
CA SER A 405 -29.69 -14.62 10.50
C SER A 405 -28.63 -14.07 11.46
N GLU A 406 -28.41 -14.79 12.54
CA GLU A 406 -27.42 -14.40 13.54
C GLU A 406 -26.03 -14.45 12.92
N PHE A 407 -25.81 -15.38 12.01
CA PHE A 407 -24.52 -15.52 11.37
C PHE A 407 -24.39 -14.66 10.13
N ALA A 408 -23.14 -14.42 9.72
CA ALA A 408 -22.85 -13.61 8.55
C ALA A 408 -21.44 -13.91 8.08
N ASN A 409 -21.20 -15.17 7.73
CA ASN A 409 -19.88 -15.56 7.26
C ASN A 409 -19.85 -15.34 5.75
N GLY A 410 -20.63 -16.13 5.02
CA GLY A 410 -20.68 -15.99 3.58
C GLY A 410 -22.10 -15.91 3.06
N ALA A 411 -22.24 -15.61 1.79
CA ALA A 411 -23.53 -15.51 1.11
C ALA A 411 -23.28 -15.50 -0.39
N CYS A 412 -24.18 -16.09 -1.16
CA CYS A 412 -24.01 -16.12 -2.61
C CYS A 412 -25.22 -15.59 -3.36
N LEU A 413 -24.96 -15.14 -4.59
CA LEU A 413 -25.99 -14.60 -5.44
C LEU A 413 -25.76 -15.13 -6.85
N PHE A 414 -26.77 -15.79 -7.40
CA PHE A 414 -26.69 -16.32 -8.74
C PHE A 414 -27.59 -15.45 -9.60
N THR A 415 -26.94 -14.64 -10.44
CA THR A 415 -27.62 -13.70 -11.33
C THR A 415 -26.62 -13.14 -12.31
N SER A 416 -27.13 -12.40 -13.30
CA SER A 416 -26.27 -11.77 -14.29
C SER A 416 -26.68 -10.31 -14.38
N ASN A 417 -27.46 -9.86 -13.40
CA ASN A 417 -27.91 -8.49 -13.36
C ASN A 417 -26.99 -7.62 -12.52
N SER A 418 -26.34 -6.65 -13.18
CA SER A 418 -25.42 -5.74 -12.50
C SER A 418 -26.03 -5.07 -11.29
N ASN A 419 -27.22 -4.51 -11.46
CA ASN A 419 -27.93 -3.83 -10.39
C ASN A 419 -28.19 -4.71 -9.17
N ALA A 420 -28.52 -5.97 -9.41
CA ALA A 420 -28.79 -6.90 -8.32
C ALA A 420 -27.49 -7.12 -7.54
N ILE A 421 -26.43 -7.43 -8.29
CA ILE A 421 -25.13 -7.67 -7.69
C ILE A 421 -24.69 -6.55 -6.77
N ARG A 422 -24.74 -5.31 -7.24
CA ARG A 422 -24.35 -4.18 -6.41
C ARG A 422 -25.27 -4.07 -5.21
N TYR A 423 -26.58 -4.07 -5.47
CA TYR A 423 -27.56 -3.96 -4.40
C TYR A 423 -27.27 -5.03 -3.34
N PHE A 424 -26.94 -6.23 -3.80
CA PHE A 424 -26.62 -7.36 -2.94
C PHE A 424 -25.43 -7.07 -2.02
N ARG A 425 -24.28 -6.78 -2.64
CA ARG A 425 -23.04 -6.50 -1.92
C ARG A 425 -23.20 -5.33 -0.95
N GLU A 426 -23.95 -4.32 -1.35
CA GLU A 426 -24.16 -3.16 -0.50
C GLU A 426 -25.08 -3.40 0.68
N ASN A 427 -26.01 -4.34 0.56
CA ASN A 427 -26.93 -4.57 1.66
C ASN A 427 -26.81 -5.85 2.46
N ILE A 428 -26.18 -6.87 1.88
CA ILE A 428 -26.00 -8.13 2.58
C ILE A 428 -25.11 -7.90 3.81
N ASP A 429 -25.25 -8.75 4.83
CA ASP A 429 -24.43 -8.60 6.02
C ASP A 429 -23.15 -9.43 5.96
N ALA A 430 -23.21 -10.59 5.32
CA ALA A 430 -22.03 -11.46 5.20
C ALA A 430 -20.86 -10.70 4.59
N GLY A 431 -19.66 -11.00 5.08
CA GLY A 431 -18.47 -10.33 4.58
C GLY A 431 -17.78 -11.03 3.43
N MET A 432 -18.07 -12.30 3.24
CA MET A 432 -17.48 -13.09 2.16
C MET A 432 -18.57 -13.43 1.13
N LEU A 433 -18.66 -12.59 0.10
CA LEU A 433 -19.64 -12.71 -0.96
C LEU A 433 -19.17 -13.45 -2.20
N GLY A 434 -20.09 -14.21 -2.81
CA GLY A 434 -19.78 -14.96 -4.00
C GLY A 434 -20.85 -14.84 -5.07
N ILE A 435 -20.45 -14.42 -6.26
CA ILE A 435 -21.39 -14.26 -7.37
C ILE A 435 -21.20 -15.40 -8.37
N ASN A 436 -22.23 -16.23 -8.53
CA ASN A 436 -22.20 -17.37 -9.44
C ASN A 436 -21.14 -18.40 -9.06
N LEU A 437 -21.00 -18.60 -7.76
CA LEU A 437 -20.06 -19.56 -7.19
C LEU A 437 -20.74 -20.10 -5.94
N GLY A 438 -20.60 -21.40 -5.70
CA GLY A 438 -21.24 -22.00 -4.53
C GLY A 438 -20.52 -21.72 -3.23
N VAL A 439 -19.20 -21.73 -3.29
CA VAL A 439 -18.37 -21.49 -2.11
C VAL A 439 -17.60 -20.19 -2.25
N PRO A 440 -18.08 -19.12 -1.59
CA PRO A 440 -17.51 -17.77 -1.58
C PRO A 440 -16.22 -17.57 -0.80
N ALA A 441 -15.50 -18.66 -0.53
CA ALA A 441 -14.25 -18.53 0.22
C ALA A 441 -13.20 -17.78 -0.60
N PRO A 442 -12.76 -16.62 -0.13
CA PRO A 442 -11.76 -15.82 -0.84
C PRO A 442 -10.38 -16.46 -0.74
N MET A 443 -9.52 -16.17 -1.72
CA MET A 443 -8.18 -16.74 -1.73
C MET A 443 -7.28 -16.17 -0.64
N ALA A 444 -6.26 -16.95 -0.28
CA ALA A 444 -5.30 -16.59 0.77
C ALA A 444 -4.89 -15.12 0.89
N PHE A 445 -4.52 -14.48 -0.21
CA PHE A 445 -4.11 -13.08 -0.17
C PHE A 445 -5.19 -12.04 0.17
N PHE A 446 -6.39 -12.52 0.45
CA PHE A 446 -7.51 -11.64 0.83
C PHE A 446 -7.86 -11.99 2.28
N PRO A 447 -8.34 -11.01 3.06
CA PRO A 447 -8.66 -11.45 4.41
C PRO A 447 -9.98 -12.24 4.38
N PHE A 448 -10.06 -13.29 5.20
CA PHE A 448 -11.24 -14.14 5.29
C PHE A 448 -12.31 -13.36 6.09
N SER A 449 -12.87 -12.32 5.47
CA SER A 449 -13.84 -11.45 6.14
C SER A 449 -15.26 -11.93 6.50
N GLY A 450 -15.43 -12.40 7.72
CA GLY A 450 -16.74 -12.84 8.18
C GLY A 450 -17.37 -11.72 8.99
N TRP A 451 -18.55 -11.95 9.57
CA TRP A 451 -19.22 -10.90 10.33
C TRP A 451 -20.26 -11.44 11.33
N LYS A 452 -20.71 -10.56 12.23
CA LYS A 452 -21.70 -10.91 13.25
C LYS A 452 -21.20 -12.06 14.10
N SER A 453 -22.09 -13.01 14.40
CA SER A 453 -21.72 -14.16 15.22
C SER A 453 -20.74 -15.10 14.54
N SER A 454 -20.32 -14.75 13.33
CA SER A 454 -19.37 -15.59 12.59
C SER A 454 -17.93 -15.13 12.83
N PHE A 455 -17.78 -13.92 13.35
CA PHE A 455 -16.44 -13.37 13.61
C PHE A 455 -16.36 -12.46 14.84
N PHE A 456 -15.47 -12.81 15.76
CA PHE A 456 -15.27 -12.01 16.96
C PHE A 456 -13.86 -11.44 16.95
N GLY A 457 -13.75 -10.13 16.82
CA GLY A 457 -12.46 -9.48 16.81
C GLY A 457 -12.37 -8.29 15.87
N THR A 458 -11.16 -7.90 15.51
CA THR A 458 -10.96 -6.78 14.59
C THR A 458 -10.37 -7.27 13.28
N LEU A 459 -9.24 -7.97 13.36
CA LEU A 459 -8.57 -8.48 12.18
C LEU A 459 -8.93 -9.94 11.90
N HIS A 460 -9.24 -10.24 10.65
CA HIS A 460 -9.60 -11.59 10.24
C HIS A 460 -8.35 -12.41 10.04
N ALA A 461 -8.53 -13.63 9.53
CA ALA A 461 -7.41 -14.52 9.24
C ALA A 461 -7.08 -14.32 7.76
N ASN A 462 -5.84 -14.61 7.38
CA ASN A 462 -5.40 -14.47 5.99
C ASN A 462 -5.29 -13.01 5.56
N GLY A 463 -4.88 -12.80 4.32
CA GLY A 463 -4.75 -11.46 3.80
C GLY A 463 -3.76 -10.63 4.60
N LYS A 464 -3.83 -9.31 4.44
CA LYS A 464 -2.94 -8.41 5.15
C LYS A 464 -3.41 -8.32 6.59
N ASP A 465 -4.67 -8.69 6.83
CA ASP A 465 -5.23 -8.67 8.18
C ASP A 465 -4.40 -9.58 9.09
N SER A 466 -4.00 -10.73 8.56
CA SER A 466 -3.21 -11.67 9.35
C SER A 466 -1.82 -11.12 9.62
N VAL A 467 -1.35 -10.25 8.75
CA VAL A 467 -0.03 -9.66 8.91
C VAL A 467 0.00 -8.76 10.13
N ASP A 468 -1.01 -7.89 10.24
CA ASP A 468 -1.12 -6.96 11.35
C ASP A 468 -1.56 -7.63 12.64
N PHE A 469 -2.34 -8.70 12.53
CA PHE A 469 -2.80 -9.40 13.71
C PHE A 469 -1.63 -10.10 14.41
N TYR A 470 -0.73 -10.67 13.59
CA TYR A 470 0.44 -11.38 14.09
C TYR A 470 1.66 -10.49 14.21
N THR A 471 1.46 -9.18 14.31
CA THR A 471 2.61 -8.30 14.37
C THR A 471 2.26 -6.99 15.09
N ARG A 472 3.26 -6.31 15.62
CA ARG A 472 3.03 -5.03 16.27
C ARG A 472 4.00 -3.99 15.70
N LYS A 473 3.69 -2.71 15.87
CA LYS A 473 4.56 -1.69 15.32
C LYS A 473 5.31 -0.81 16.29
N LYS A 474 6.44 -0.30 15.82
CA LYS A 474 7.27 0.62 16.59
C LYS A 474 7.55 1.76 15.63
N VAL A 475 7.24 2.98 16.04
CA VAL A 475 7.49 4.12 15.18
C VAL A 475 8.66 4.89 15.78
N VAL A 476 9.52 5.43 14.91
CA VAL A 476 10.68 6.18 15.36
C VAL A 476 10.72 7.57 14.73
N THR A 477 10.66 8.60 15.58
CA THR A 477 10.74 9.99 15.13
C THR A 477 12.10 10.48 15.62
N ALA A 478 12.98 10.80 14.68
CA ALA A 478 14.33 11.20 15.01
C ALA A 478 14.79 12.57 14.53
N ARG A 479 15.56 13.24 15.38
CA ARG A 479 16.10 14.54 15.06
C ARG A 479 17.61 14.46 14.95
N TYR A 480 18.12 14.66 13.74
CA TYR A 480 19.57 14.62 13.47
C TYR A 480 19.94 15.93 12.77
N PRO A 481 20.29 16.96 13.56
CA PRO A 481 20.67 18.29 13.06
C PRO A 481 21.81 18.19 12.06
N ALA A 482 21.73 18.99 11.02
CA ALA A 482 22.78 19.00 10.02
C ALA A 482 24.06 19.41 10.75
N PRO A 483 25.13 18.62 10.63
CA PRO A 483 26.40 18.95 11.29
C PRO A 483 26.96 20.32 10.89
N ASP A 484 27.88 20.81 11.71
CA ASP A 484 28.51 22.11 11.47
C ASP A 484 29.75 21.94 10.60
N PHE A 485 29.84 22.70 9.51
CA PHE A 485 31.00 22.58 8.61
C PHE A 485 31.86 23.84 8.53
N GLU B 2 -26.85 31.09 37.65
CA GLU B 2 -25.61 31.87 37.38
C GLU B 2 -24.55 31.07 36.65
N ILE B 3 -24.26 29.87 37.14
CA ILE B 3 -23.25 29.03 36.52
C ILE B 3 -23.88 28.22 35.39
N ARG B 4 -23.61 28.64 34.16
CA ARG B 4 -24.14 27.97 32.98
C ARG B 4 -24.02 26.45 33.01
N LYS B 5 -25.13 25.78 32.72
CA LYS B 5 -25.15 24.32 32.67
C LYS B 5 -24.97 23.89 31.22
N LEU B 6 -24.11 22.89 31.02
CA LEU B 6 -23.86 22.39 29.68
C LEU B 6 -24.96 21.43 29.27
N LYS B 7 -25.21 21.35 27.97
CA LYS B 7 -26.21 20.44 27.45
C LYS B 7 -25.46 19.38 26.66
N ASN B 8 -26.18 18.37 26.20
CA ASN B 8 -25.58 17.33 25.38
C ASN B 8 -25.89 17.73 23.95
N TYR B 9 -25.18 17.16 22.99
CA TYR B 9 -25.43 17.46 21.59
C TYR B 9 -25.90 16.19 20.94
N ILE B 10 -27.21 16.05 20.75
CA ILE B 10 -27.74 14.85 20.13
C ILE B 10 -28.63 15.21 18.95
N ASN B 11 -28.40 14.55 17.83
CA ASN B 11 -29.17 14.78 16.62
C ASN B 11 -29.08 16.23 16.16
N GLY B 12 -27.86 16.76 16.12
CA GLY B 12 -27.66 18.12 15.68
C GLY B 12 -28.32 19.19 16.50
N GLU B 13 -28.61 18.89 17.76
CA GLU B 13 -29.26 19.85 18.63
C GLU B 13 -28.70 19.79 20.04
N TRP B 14 -28.66 20.93 20.72
CA TRP B 14 -28.17 20.96 22.10
C TRP B 14 -29.36 20.73 23.03
N VAL B 15 -29.42 19.54 23.62
CA VAL B 15 -30.51 19.20 24.53
C VAL B 15 -30.01 19.10 25.96
N GLU B 16 -30.84 19.53 26.91
CA GLU B 16 -30.46 19.46 28.31
C GLU B 16 -30.55 18.00 28.77
N SER B 17 -29.67 17.61 29.68
CA SER B 17 -29.70 16.24 30.17
C SER B 17 -30.82 16.00 31.15
N LYS B 18 -31.39 14.80 31.07
CA LYS B 18 -32.45 14.39 31.96
C LYS B 18 -31.78 13.85 33.22
N THR B 19 -30.97 14.70 33.83
CA THR B 19 -30.22 14.35 35.04
C THR B 19 -30.40 15.39 36.13
N ASP B 20 -30.20 14.99 37.38
CA ASP B 20 -30.31 15.90 38.51
C ASP B 20 -28.92 16.25 38.99
N GLN B 21 -28.01 15.30 38.79
CA GLN B 21 -26.62 15.44 39.21
C GLN B 21 -25.78 16.22 38.20
N TYR B 22 -25.05 17.20 38.71
CA TYR B 22 -24.17 18.04 37.89
C TYR B 22 -22.79 18.13 38.51
N GLU B 23 -21.83 18.65 37.75
CA GLU B 23 -20.46 18.73 38.22
C GLU B 23 -19.84 20.11 37.97
N ASP B 24 -19.11 20.61 38.96
CA ASP B 24 -18.45 21.90 38.81
C ASP B 24 -17.21 21.70 37.95
N VAL B 25 -17.02 22.55 36.95
CA VAL B 25 -15.83 22.48 36.12
C VAL B 25 -15.13 23.82 36.37
N VAL B 26 -13.94 23.74 36.95
CA VAL B 26 -13.17 24.93 37.31
C VAL B 26 -11.93 25.21 36.50
N ASN B 27 -11.34 26.36 36.77
CA ASN B 27 -10.11 26.78 36.12
C ASN B 27 -9.01 26.40 37.11
N PRO B 28 -8.26 25.33 36.79
CA PRO B 28 -7.16 24.80 37.60
C PRO B 28 -6.25 25.86 38.20
N ALA B 29 -6.16 27.02 37.55
CA ALA B 29 -5.27 28.06 38.03
C ALA B 29 -5.88 29.10 38.98
N THR B 30 -7.20 29.12 39.10
CA THR B 30 -7.84 30.09 39.97
C THR B 30 -9.01 29.54 40.77
N LYS B 31 -9.32 28.26 40.57
CA LYS B 31 -10.43 27.59 41.25
C LYS B 31 -11.76 28.24 40.88
N GLU B 32 -11.71 29.14 39.91
CA GLU B 32 -12.87 29.86 39.41
C GLU B 32 -13.79 28.86 38.69
N VAL B 33 -15.06 28.79 39.10
CA VAL B 33 -15.98 27.87 38.45
C VAL B 33 -16.34 28.44 37.08
N LEU B 34 -16.21 27.61 36.05
CA LEU B 34 -16.48 28.02 34.67
C LEU B 34 -17.88 27.64 34.19
N CYS B 35 -18.35 26.45 34.56
CA CYS B 35 -19.67 26.01 34.15
C CYS B 35 -20.07 24.74 34.90
N GLN B 36 -21.18 24.14 34.52
CA GLN B 36 -21.66 22.92 35.16
C GLN B 36 -21.86 21.81 34.14
N VAL B 37 -21.20 20.68 34.37
CA VAL B 37 -21.30 19.53 33.48
C VAL B 37 -22.30 18.51 34.01
N PRO B 38 -23.21 18.06 33.15
CA PRO B 38 -24.19 17.08 33.61
C PRO B 38 -23.63 15.66 33.60
N ILE B 39 -23.99 14.88 34.60
CA ILE B 39 -23.55 13.49 34.66
C ILE B 39 -24.73 12.75 34.06
N SER B 40 -24.87 12.89 32.75
CA SER B 40 -25.97 12.27 32.00
C SER B 40 -26.25 10.84 32.43
N THR B 41 -27.49 10.41 32.19
CA THR B 41 -27.94 9.08 32.56
C THR B 41 -27.96 8.12 31.38
N LYS B 42 -28.09 6.83 31.66
CA LYS B 42 -28.13 5.85 30.59
C LYS B 42 -29.32 6.13 29.69
N GLU B 43 -30.16 7.06 30.12
CA GLU B 43 -31.33 7.45 29.33
C GLU B 43 -30.82 8.35 28.22
N ASP B 44 -29.98 9.31 28.58
CA ASP B 44 -29.40 10.22 27.61
C ASP B 44 -28.64 9.43 26.55
N ILE B 45 -27.82 8.47 27.00
CA ILE B 45 -27.03 7.65 26.09
C ILE B 45 -27.88 6.83 25.12
N ASP B 46 -28.98 6.26 25.62
CA ASP B 46 -29.88 5.45 24.78
C ASP B 46 -30.42 6.34 23.67
N TYR B 47 -30.76 7.57 24.02
CA TYR B 47 -31.27 8.53 23.07
C TYR B 47 -30.20 8.77 22.00
N ALA B 48 -28.99 9.04 22.46
CA ALA B 48 -27.88 9.28 21.56
C ALA B 48 -27.63 8.09 20.63
N ALA B 49 -27.54 6.89 21.20
CA ALA B 49 -27.30 5.68 20.42
C ALA B 49 -28.37 5.45 19.36
N GLN B 50 -29.64 5.52 19.75
CA GLN B 50 -30.73 5.33 18.81
C GLN B 50 -30.67 6.38 17.71
N THR B 51 -30.32 7.61 18.10
CA THR B 51 -30.20 8.73 17.17
C THR B 51 -29.07 8.49 16.19
N ALA B 52 -27.90 8.13 16.72
CA ALA B 52 -26.72 7.86 15.91
C ALA B 52 -26.92 6.69 14.94
N ALA B 53 -27.64 5.65 15.38
CA ALA B 53 -27.89 4.48 14.55
C ALA B 53 -28.80 4.83 13.38
N GLU B 54 -29.77 5.70 13.66
CA GLU B 54 -30.71 6.15 12.64
C GLU B 54 -29.97 6.91 11.56
N ALA B 55 -29.23 7.94 11.98
CA ALA B 55 -28.47 8.77 11.05
C ALA B 55 -27.41 7.99 10.28
N PHE B 56 -26.92 6.90 10.87
CA PHE B 56 -25.91 6.09 10.22
C PHE B 56 -26.44 5.56 8.88
N LYS B 57 -27.75 5.37 8.80
CA LYS B 57 -28.38 4.87 7.58
C LYS B 57 -28.17 5.81 6.39
N THR B 58 -28.21 7.12 6.63
CA THR B 58 -28.01 8.06 5.54
C THR B 58 -26.55 8.50 5.42
N TRP B 59 -25.92 8.78 6.56
CA TRP B 59 -24.52 9.21 6.53
C TRP B 59 -23.58 8.20 5.86
N SER B 60 -23.78 6.91 6.14
CA SER B 60 -22.93 5.90 5.52
C SER B 60 -23.21 5.81 4.01
N LYS B 61 -24.31 6.42 3.56
CA LYS B 61 -24.66 6.40 2.15
C LYS B 61 -24.20 7.65 1.40
N VAL B 62 -23.58 8.58 2.12
CA VAL B 62 -23.04 9.79 1.50
C VAL B 62 -21.63 9.38 1.07
N ALA B 63 -21.41 9.28 -0.24
CA ALA B 63 -20.11 8.88 -0.78
C ALA B 63 -18.93 9.57 -0.07
N VAL B 64 -17.89 8.79 0.21
CA VAL B 64 -16.70 9.30 0.90
C VAL B 64 -16.10 10.59 0.34
N PRO B 65 -16.13 10.80 -1.00
CA PRO B 65 -15.56 12.05 -1.52
C PRO B 65 -16.33 13.27 -0.98
N ARG B 66 -17.64 13.11 -0.83
CA ARG B 66 -18.48 14.18 -0.30
C ARG B 66 -18.25 14.31 1.20
N ARG B 67 -18.05 13.18 1.89
CA ARG B 67 -17.80 13.24 3.33
C ARG B 67 -16.46 13.93 3.61
N ALA B 68 -15.43 13.60 2.83
CA ALA B 68 -14.11 14.19 3.02
C ALA B 68 -14.14 15.70 2.84
N ARG B 69 -14.99 16.17 1.93
CA ARG B 69 -15.11 17.60 1.67
C ARG B 69 -15.50 18.34 2.96
N ILE B 70 -16.38 17.73 3.75
CA ILE B 70 -16.80 18.34 5.00
C ILE B 70 -15.62 18.41 5.97
N LEU B 71 -14.74 17.41 5.91
CA LEU B 71 -13.55 17.39 6.75
C LEU B 71 -12.64 18.56 6.37
N PHE B 72 -12.55 18.86 5.07
CA PHE B 72 -11.72 19.99 4.63
C PHE B 72 -12.26 21.28 5.24
N ASN B 73 -13.58 21.46 5.18
CA ASN B 73 -14.21 22.64 5.74
C ASN B 73 -13.91 22.70 7.23
N PHE B 74 -14.03 21.56 7.89
CA PHE B 74 -13.78 21.46 9.33
C PHE B 74 -12.32 21.90 9.62
N GLN B 75 -11.40 21.36 8.83
CA GLN B 75 -9.98 21.64 8.98
C GLN B 75 -9.73 23.15 8.93
N GLN B 76 -10.44 23.82 8.04
CA GLN B 76 -10.28 25.25 7.88
C GLN B 76 -10.91 26.02 9.05
N LEU B 77 -12.13 25.66 9.44
CA LEU B 77 -12.78 26.34 10.56
C LEU B 77 -11.88 26.24 11.80
N LEU B 78 -11.38 25.04 12.07
CA LEU B 78 -10.49 24.83 13.20
C LEU B 78 -9.32 25.82 13.10
N SER B 79 -8.66 25.86 11.94
CA SER B 79 -7.53 26.76 11.73
C SER B 79 -7.87 28.23 11.96
N GLN B 80 -9.09 28.62 11.64
CA GLN B 80 -9.50 30.00 11.82
C GLN B 80 -9.81 30.35 13.27
N HIS B 81 -9.85 29.33 14.14
CA HIS B 81 -10.17 29.55 15.55
C HIS B 81 -9.09 29.08 16.54
N LYS B 82 -7.84 28.99 16.08
CA LYS B 82 -6.75 28.55 16.95
C LYS B 82 -6.67 29.31 18.27
N GLU B 83 -6.84 30.63 18.24
CA GLU B 83 -6.76 31.44 19.45
C GLU B 83 -7.84 31.04 20.44
N GLU B 84 -9.08 30.92 19.95
CA GLU B 84 -10.22 30.54 20.79
C GLU B 84 -10.06 29.14 21.38
N LEU B 85 -9.75 28.18 20.52
CA LEU B 85 -9.58 26.81 20.96
C LEU B 85 -8.48 26.72 22.01
N ALA B 86 -7.35 27.38 21.75
CA ALA B 86 -6.23 27.35 22.69
C ALA B 86 -6.66 28.00 24.00
N HIS B 87 -7.48 29.04 23.92
CA HIS B 87 -7.95 29.73 25.10
C HIS B 87 -8.76 28.78 25.99
N LEU B 88 -9.65 28.01 25.38
CA LEU B 88 -10.47 27.06 26.13
C LEU B 88 -9.61 25.98 26.79
N ILE B 89 -8.65 25.46 26.04
CA ILE B 89 -7.78 24.42 26.56
C ILE B 89 -7.06 24.89 27.83
N THR B 90 -6.46 26.08 27.76
CA THR B 90 -5.75 26.65 28.90
C THR B 90 -6.66 26.85 30.12
N ILE B 91 -7.79 27.51 29.88
CA ILE B 91 -8.77 27.82 30.91
C ILE B 91 -9.27 26.61 31.71
N GLU B 92 -9.59 25.52 31.02
CA GLU B 92 -10.09 24.35 31.71
C GLU B 92 -9.05 23.28 32.02
N ASN B 93 -7.95 23.24 31.26
CA ASN B 93 -6.91 22.24 31.53
C ASN B 93 -5.73 22.79 32.36
N GLY B 94 -5.26 23.99 32.03
CA GLY B 94 -4.15 24.56 32.77
C GLY B 94 -2.89 24.89 31.97
N LYS B 95 -2.50 24.01 31.04
CA LYS B 95 -1.32 24.22 30.23
C LYS B 95 -1.36 25.62 29.61
N ASN B 96 -0.18 26.23 29.42
CA ASN B 96 -0.11 27.57 28.86
C ASN B 96 -0.61 27.62 27.43
N THR B 97 -0.71 28.82 26.87
CA THR B 97 -1.23 28.97 25.51
C THR B 97 -0.29 28.44 24.43
N LYS B 98 1.01 28.44 24.69
CA LYS B 98 1.98 27.93 23.71
C LYS B 98 1.69 26.44 23.51
N GLU B 99 1.65 25.70 24.62
CA GLU B 99 1.38 24.28 24.57
C GLU B 99 -0.03 24.04 24.06
N ALA B 100 -0.97 24.90 24.48
CA ALA B 100 -2.35 24.78 24.04
C ALA B 100 -2.40 24.94 22.52
N LEU B 101 -1.75 25.97 22.00
CA LEU B 101 -1.72 26.20 20.55
C LEU B 101 -1.11 24.94 19.93
N GLY B 102 -0.11 24.38 20.59
CA GLY B 102 0.51 23.16 20.09
C GLY B 102 -0.53 22.06 19.97
N GLU B 103 -1.41 21.95 20.97
CA GLU B 103 -2.44 20.93 20.95
C GLU B 103 -3.43 21.11 19.81
N VAL B 104 -3.85 22.34 19.53
CA VAL B 104 -4.81 22.56 18.46
C VAL B 104 -4.19 22.17 17.13
N GLY B 105 -2.91 22.47 16.97
CA GLY B 105 -2.22 22.13 15.75
C GLY B 105 -2.27 20.64 15.49
N ARG B 106 -1.97 19.84 16.51
CA ARG B 106 -1.98 18.39 16.38
C ARG B 106 -3.40 17.90 16.07
N GLY B 107 -4.39 18.52 16.69
CA GLY B 107 -5.77 18.13 16.45
C GLY B 107 -6.19 18.41 15.02
N ILE B 108 -5.64 19.47 14.44
CA ILE B 108 -5.96 19.81 13.06
C ILE B 108 -5.24 18.81 12.14
N GLU B 109 -4.05 18.36 12.52
CA GLU B 109 -3.31 17.38 11.71
C GLU B 109 -4.18 16.15 11.56
N ASN B 110 -4.82 15.75 12.66
CA ASN B 110 -5.69 14.59 12.66
C ASN B 110 -6.80 14.78 11.63
N VAL B 111 -7.38 15.97 11.62
CA VAL B 111 -8.46 16.28 10.70
C VAL B 111 -7.93 16.26 9.28
N GLU B 112 -6.72 16.78 9.07
CA GLU B 112 -6.12 16.77 7.74
C GLU B 112 -5.90 15.35 7.25
N PHE B 113 -5.39 14.47 8.12
CA PHE B 113 -5.14 13.07 7.73
C PHE B 113 -6.45 12.40 7.35
N ALA B 114 -7.47 12.59 8.18
CA ALA B 114 -8.78 12.02 7.96
C ALA B 114 -9.43 12.53 6.67
N ALA B 115 -9.06 13.73 6.24
CA ALA B 115 -9.63 14.28 5.02
C ALA B 115 -9.16 13.53 3.77
N GLY B 116 -8.24 12.59 3.94
CA GLY B 116 -7.75 11.81 2.81
C GLY B 116 -8.37 10.42 2.82
N ALA B 117 -9.51 10.31 3.48
CA ALA B 117 -10.24 9.05 3.61
C ALA B 117 -10.51 8.28 2.31
N PRO B 118 -10.81 8.97 1.20
CA PRO B 118 -11.07 8.27 -0.06
C PRO B 118 -9.99 7.26 -0.43
N SER B 119 -8.73 7.71 -0.43
CA SER B 119 -7.60 6.85 -0.75
C SER B 119 -7.29 5.84 0.36
N LEU B 120 -7.61 6.21 1.60
CA LEU B 120 -7.36 5.34 2.74
C LEU B 120 -8.33 4.15 2.80
N MET B 121 -9.49 4.29 2.15
CA MET B 121 -10.50 3.23 2.15
C MET B 121 -10.33 2.22 1.04
N MET B 122 -9.55 2.58 0.02
CA MET B 122 -9.38 1.69 -1.11
C MET B 122 -9.01 0.26 -0.74
N GLY B 123 -9.68 -0.70 -1.38
CA GLY B 123 -9.42 -2.10 -1.14
C GLY B 123 -8.60 -2.69 -2.27
N ASP B 124 -8.46 -4.02 -2.28
CA ASP B 124 -7.69 -4.69 -3.31
C ASP B 124 -8.58 -5.30 -4.39
N SER B 125 -8.12 -5.22 -5.63
CA SER B 125 -8.86 -5.74 -6.77
C SER B 125 -7.98 -6.53 -7.74
N LEU B 126 -8.51 -7.63 -8.25
CA LEU B 126 -7.78 -8.46 -9.19
C LEU B 126 -8.72 -8.82 -10.32
N ALA B 127 -8.28 -8.59 -11.56
CA ALA B 127 -9.11 -8.89 -12.73
C ALA B 127 -9.36 -10.39 -12.92
N SER B 128 -8.40 -11.21 -12.53
CA SER B 128 -8.53 -12.66 -12.68
C SER B 128 -7.74 -13.46 -11.67
N ILE B 129 -8.45 -14.21 -10.81
CA ILE B 129 -7.79 -15.06 -9.84
C ILE B 129 -7.92 -16.51 -10.32
N ALA B 130 -8.79 -16.69 -11.31
CA ALA B 130 -9.07 -17.98 -11.93
C ALA B 130 -9.70 -17.59 -13.26
N THR B 131 -9.70 -18.50 -14.23
CA THR B 131 -10.30 -18.16 -15.51
C THR B 131 -11.77 -17.77 -15.33
N ASP B 132 -12.10 -16.58 -15.83
CA ASP B 132 -13.45 -16.01 -15.74
C ASP B 132 -13.91 -15.57 -14.35
N VAL B 133 -13.01 -15.63 -13.37
CA VAL B 133 -13.35 -15.23 -12.01
C VAL B 133 -12.51 -14.03 -11.59
N GLU B 134 -13.17 -13.05 -10.99
CA GLU B 134 -12.49 -11.84 -10.53
C GLU B 134 -12.80 -11.65 -9.04
N ALA B 135 -11.91 -10.97 -8.32
CA ALA B 135 -12.10 -10.75 -6.89
C ALA B 135 -11.58 -9.42 -6.40
N ALA B 136 -12.34 -8.81 -5.51
CA ALA B 136 -11.96 -7.52 -4.92
C ALA B 136 -12.65 -7.34 -3.57
N ASN B 137 -12.01 -6.61 -2.66
CA ASN B 137 -12.63 -6.39 -1.37
C ASN B 137 -12.84 -4.90 -1.16
N TYR B 138 -13.76 -4.55 -0.28
CA TYR B 138 -14.12 -3.17 -0.01
C TYR B 138 -14.28 -2.91 1.49
N ARG B 139 -14.09 -1.66 1.89
CA ARG B 139 -14.23 -1.28 3.28
C ARG B 139 -15.53 -0.52 3.46
N TYR B 140 -16.15 -0.72 4.63
CA TYR B 140 -17.40 -0.07 4.96
C TYR B 140 -17.37 0.35 6.42
N PRO B 141 -18.14 1.39 6.79
CA PRO B 141 -18.13 1.79 8.20
C PRO B 141 -18.81 0.65 8.96
N ILE B 142 -18.71 0.65 10.28
CA ILE B 142 -19.33 -0.43 11.05
C ILE B 142 -20.63 -0.03 11.73
N GLY B 143 -20.85 1.27 11.91
CA GLY B 143 -22.08 1.73 12.55
C GLY B 143 -21.80 2.89 13.48
N VAL B 144 -22.27 2.79 14.72
CA VAL B 144 -22.05 3.85 15.70
C VAL B 144 -20.81 3.54 16.54
N VAL B 145 -19.89 4.50 16.60
CA VAL B 145 -18.65 4.34 17.36
C VAL B 145 -18.66 5.18 18.63
N GLY B 146 -18.09 4.62 19.70
CA GLY B 146 -18.04 5.31 20.97
C GLY B 146 -16.65 5.82 21.35
N GLY B 147 -16.59 7.08 21.78
CA GLY B 147 -15.32 7.66 22.15
C GLY B 147 -15.31 8.19 23.56
N ILE B 148 -14.29 7.79 24.32
CA ILE B 148 -14.13 8.20 25.72
C ILE B 148 -12.76 8.87 25.81
N ALA B 149 -12.77 10.17 26.11
CA ALA B 149 -11.54 10.94 26.19
C ALA B 149 -11.10 11.37 27.58
N PRO B 150 -9.80 11.65 27.74
CA PRO B 150 -9.21 12.07 29.02
C PRO B 150 -9.26 13.58 29.20
N PHE B 151 -8.67 14.07 30.30
CA PHE B 151 -8.66 15.49 30.58
C PHE B 151 -7.41 16.19 30.07
N ASN B 152 -6.31 15.44 29.88
CA ASN B 152 -5.06 16.06 29.46
C ASN B 152 -4.99 16.62 28.06
N PHE B 153 -5.90 16.21 27.19
CA PHE B 153 -5.95 16.73 25.82
C PHE B 153 -7.41 16.92 25.42
N PRO B 154 -8.05 17.98 25.94
CA PRO B 154 -9.45 18.25 25.64
C PRO B 154 -9.78 18.32 24.16
N MET B 155 -8.82 18.71 23.34
CA MET B 155 -9.06 18.80 21.90
C MET B 155 -8.44 17.68 21.05
N MET B 156 -7.13 17.47 21.23
CA MET B 156 -6.45 16.48 20.43
C MET B 156 -6.99 15.05 20.45
N VAL B 157 -7.02 14.42 21.61
CA VAL B 157 -7.51 13.06 21.69
C VAL B 157 -8.86 12.91 21.01
N PRO B 158 -9.83 13.78 21.31
CA PRO B 158 -11.11 13.58 20.61
C PRO B 158 -10.91 13.60 19.09
N CYS B 159 -9.99 14.45 18.63
CA CYS B 159 -9.69 14.55 17.20
C CYS B 159 -9.02 13.30 16.63
N TRP B 160 -8.55 12.42 17.50
CA TRP B 160 -7.94 11.17 17.02
C TRP B 160 -9.10 10.27 16.64
N MET B 161 -10.27 10.55 17.19
CA MET B 161 -11.42 9.70 16.99
C MET B 161 -12.54 10.04 16.04
N PHE B 162 -13.36 11.03 16.41
CA PHE B 162 -14.52 11.36 15.56
C PHE B 162 -14.20 11.84 14.14
N PRO B 163 -13.14 12.65 13.95
CA PRO B 163 -12.92 13.05 12.56
C PRO B 163 -12.75 11.84 11.63
N MET B 164 -11.81 10.95 11.96
CA MET B 164 -11.57 9.77 11.11
C MET B 164 -12.76 8.81 11.03
N ALA B 165 -13.40 8.55 12.17
CA ALA B 165 -14.55 7.65 12.18
C ALA B 165 -15.67 8.20 11.30
N ILE B 166 -15.98 9.49 11.48
CA ILE B 166 -17.02 10.16 10.70
C ILE B 166 -16.70 10.06 9.21
N ALA B 167 -15.51 10.48 8.84
CA ALA B 167 -15.08 10.45 7.44
C ALA B 167 -15.20 9.08 6.79
N LEU B 168 -14.99 8.03 7.59
CA LEU B 168 -15.08 6.67 7.08
C LEU B 168 -16.52 6.16 6.94
N GLY B 169 -17.49 6.95 7.38
CA GLY B 169 -18.88 6.53 7.25
C GLY B 169 -19.67 6.22 8.52
N ASN B 170 -18.99 6.07 9.66
CA ASN B 170 -19.67 5.78 10.92
C ASN B 170 -20.28 7.04 11.51
N THR B 171 -21.09 6.86 12.56
CA THR B 171 -21.67 7.98 13.29
C THR B 171 -20.96 7.92 14.65
N PHE B 172 -20.92 9.03 15.37
CA PHE B 172 -20.17 9.05 16.62
C PHE B 172 -20.91 9.57 17.85
N ILE B 173 -20.56 9.01 19.00
CA ILE B 173 -21.08 9.45 20.28
C ILE B 173 -19.81 9.65 21.11
N LEU B 174 -19.50 10.91 21.43
CA LEU B 174 -18.31 11.21 22.20
C LEU B 174 -18.60 11.58 23.64
N LYS B 175 -17.82 11.04 24.56
CA LYS B 175 -17.98 11.35 25.98
C LYS B 175 -16.70 12.05 26.46
N PRO B 176 -16.62 13.37 26.28
CA PRO B 176 -15.40 14.04 26.73
C PRO B 176 -15.23 13.94 28.23
N SER B 177 -14.11 14.46 28.73
CA SER B 177 -13.80 14.42 30.14
C SER B 177 -14.70 15.41 30.88
N GLU B 178 -15.31 14.95 31.97
CA GLU B 178 -16.19 15.83 32.76
C GLU B 178 -15.36 16.95 33.37
N ARG B 179 -14.04 16.83 33.30
CA ARG B 179 -13.14 17.83 33.84
C ARG B 179 -12.76 18.92 32.82
N THR B 180 -12.84 18.60 31.53
CA THR B 180 -12.52 19.56 30.46
C THR B 180 -13.52 19.40 29.31
N PRO B 181 -14.77 19.82 29.52
CA PRO B 181 -15.81 19.70 28.49
C PRO B 181 -16.05 20.91 27.57
N LEU B 182 -15.51 22.07 27.92
CA LEU B 182 -15.72 23.27 27.12
C LEU B 182 -15.24 23.19 25.66
N LEU B 183 -14.02 22.67 25.46
CA LEU B 183 -13.44 22.56 24.12
C LEU B 183 -14.37 21.83 23.14
N THR B 184 -14.90 20.70 23.59
CA THR B 184 -15.80 19.89 22.76
C THR B 184 -16.98 20.72 22.26
N GLU B 185 -17.42 21.64 23.10
CA GLU B 185 -18.54 22.49 22.74
C GLU B 185 -18.18 23.26 21.47
N LYS B 186 -16.94 23.74 21.40
CA LYS B 186 -16.47 24.47 20.24
C LYS B 186 -16.27 23.57 19.02
N LEU B 187 -15.80 22.34 19.23
CA LEU B 187 -15.58 21.41 18.12
C LEU B 187 -16.92 21.10 17.46
N VAL B 188 -17.95 20.92 18.29
CA VAL B 188 -19.29 20.62 17.78
C VAL B 188 -19.80 21.73 16.89
N GLU B 189 -19.68 22.98 17.35
CA GLU B 189 -20.13 24.13 16.58
C GLU B 189 -19.46 24.15 15.23
N LEU B 190 -18.13 24.19 15.24
CA LEU B 190 -17.37 24.24 14.01
C LEU B 190 -17.64 23.07 13.07
N PHE B 191 -17.89 21.89 13.61
CA PHE B 191 -18.14 20.77 12.72
C PHE B 191 -19.52 20.93 12.11
N GLU B 192 -20.42 21.57 12.85
CA GLU B 192 -21.77 21.82 12.36
C GLU B 192 -21.68 22.85 11.22
N LYS B 193 -20.91 23.90 11.44
CA LYS B 193 -20.73 24.93 10.41
C LYS B 193 -20.04 24.33 9.20
N ALA B 194 -19.12 23.39 9.44
CA ALA B 194 -18.41 22.73 8.37
C ALA B 194 -19.37 22.04 7.42
N GLY B 195 -20.61 21.83 7.89
CA GLY B 195 -21.61 21.19 7.06
C GLY B 195 -22.06 19.80 7.48
N LEU B 196 -21.57 19.32 8.62
CA LEU B 196 -21.95 17.99 9.09
C LEU B 196 -23.46 17.89 9.37
N PRO B 197 -24.12 16.86 8.82
CA PRO B 197 -25.56 16.69 9.05
C PRO B 197 -25.87 16.19 10.46
N LYS B 198 -27.09 16.44 10.92
CA LYS B 198 -27.52 16.06 12.27
C LYS B 198 -27.41 14.58 12.62
N GLY B 199 -27.12 14.31 13.89
CA GLY B 199 -27.00 12.95 14.38
C GLY B 199 -25.74 12.19 14.04
N VAL B 200 -24.82 12.84 13.31
CA VAL B 200 -23.59 12.16 12.94
C VAL B 200 -22.53 12.36 14.02
N PHE B 201 -22.54 13.52 14.68
CA PHE B 201 -21.57 13.78 15.74
C PHE B 201 -22.31 14.18 17.01
N ASN B 202 -22.47 13.21 17.91
CA ASN B 202 -23.18 13.45 19.16
C ASN B 202 -22.24 13.50 20.36
N VAL B 203 -22.56 14.37 21.31
CA VAL B 203 -21.77 14.54 22.51
C VAL B 203 -22.62 14.35 23.78
N VAL B 204 -22.21 13.39 24.61
CA VAL B 204 -22.91 13.12 25.85
C VAL B 204 -21.95 13.25 27.02
N TYR B 205 -22.07 14.34 27.77
CA TYR B 205 -21.20 14.58 28.91
C TYR B 205 -21.63 13.70 30.08
N GLY B 206 -20.67 13.31 30.92
CA GLY B 206 -20.99 12.48 32.05
C GLY B 206 -19.80 11.68 32.56
N ALA B 207 -20.10 10.52 33.15
CA ALA B 207 -19.04 9.67 33.70
C ALA B 207 -19.30 8.19 33.51
N HIS B 208 -19.43 7.48 34.64
CA HIS B 208 -19.64 6.03 34.63
C HIS B 208 -20.90 5.55 33.93
N ASP B 209 -22.03 6.18 34.24
CA ASP B 209 -23.30 5.79 33.61
C ASP B 209 -23.18 5.80 32.11
N VAL B 210 -22.66 6.91 31.58
CA VAL B 210 -22.48 7.06 30.14
C VAL B 210 -21.47 6.07 29.57
N VAL B 211 -20.39 5.82 30.31
CA VAL B 211 -19.39 4.87 29.85
C VAL B 211 -20.03 3.50 29.68
N ASN B 212 -20.69 3.02 30.74
CA ASN B 212 -21.33 1.71 30.69
C ASN B 212 -22.41 1.65 29.62
N GLY B 213 -23.08 2.78 29.37
CA GLY B 213 -24.08 2.82 28.33
C GLY B 213 -23.41 2.55 27.00
N ILE B 214 -22.25 3.17 26.80
CA ILE B 214 -21.47 3.00 25.58
C ILE B 214 -21.02 1.55 25.46
N LEU B 215 -20.59 0.98 26.58
CA LEU B 215 -20.11 -0.39 26.62
C LEU B 215 -21.22 -1.42 26.45
N GLU B 216 -22.38 -1.13 27.04
CA GLU B 216 -23.50 -2.05 26.99
C GLU B 216 -24.45 -1.94 25.82
N HIS B 217 -24.52 -0.78 25.19
CA HIS B 217 -25.42 -0.61 24.06
C HIS B 217 -25.00 -1.44 22.85
N PRO B 218 -25.89 -2.31 22.37
CA PRO B 218 -25.61 -3.17 21.21
C PRO B 218 -25.45 -2.38 19.91
N GLU B 219 -25.98 -1.16 19.92
CA GLU B 219 -25.93 -0.31 18.74
C GLU B 219 -24.54 0.30 18.53
N ILE B 220 -23.77 0.39 19.62
CA ILE B 220 -22.44 0.96 19.56
C ILE B 220 -21.44 -0.17 19.30
N LYS B 221 -21.12 -0.38 18.02
CA LYS B 221 -20.23 -1.43 17.58
C LYS B 221 -18.72 -1.31 17.84
N ALA B 222 -18.24 -0.14 18.22
CA ALA B 222 -16.80 0.04 18.48
C ALA B 222 -16.51 1.08 19.56
N ILE B 223 -15.50 0.80 20.37
CA ILE B 223 -15.13 1.70 21.45
C ILE B 223 -13.66 2.10 21.48
N SER B 224 -13.42 3.41 21.41
CA SER B 224 -12.07 3.96 21.48
C SER B 224 -11.98 4.64 22.83
N PHE B 225 -11.07 4.14 23.66
CA PHE B 225 -10.87 4.67 24.99
C PHE B 225 -9.47 5.18 25.21
N VAL B 226 -9.36 6.37 25.77
CA VAL B 226 -8.07 6.96 26.04
C VAL B 226 -8.13 7.52 27.46
N GLY B 227 -7.46 6.83 28.38
CA GLY B 227 -7.43 7.24 29.77
C GLY B 227 -6.48 6.41 30.60
N SER B 228 -6.67 6.41 31.92
CA SER B 228 -5.82 5.65 32.86
C SER B 228 -5.84 4.16 32.60
N LYS B 229 -4.83 3.45 33.11
CA LYS B 229 -4.74 2.01 32.92
C LYS B 229 -5.87 1.22 33.59
N PRO B 230 -6.15 1.52 34.87
CA PRO B 230 -7.23 0.79 35.54
C PRO B 230 -8.55 0.87 34.77
N VAL B 231 -8.95 2.07 34.38
CA VAL B 231 -10.21 2.24 33.66
C VAL B 231 -10.15 1.62 32.26
N GLY B 232 -9.04 1.86 31.56
CA GLY B 232 -8.89 1.30 30.22
C GLY B 232 -8.93 -0.22 30.24
N GLU B 233 -8.20 -0.83 31.16
CA GLU B 233 -8.17 -2.27 31.29
C GLU B 233 -9.60 -2.73 31.56
N TYR B 234 -10.35 -1.91 32.27
CA TYR B 234 -11.72 -2.21 32.58
C TYR B 234 -12.62 -2.13 31.35
N VAL B 235 -12.51 -1.03 30.61
CA VAL B 235 -13.31 -0.85 29.40
C VAL B 235 -12.98 -1.91 28.33
N TYR B 236 -11.73 -2.33 28.27
CA TYR B 236 -11.35 -3.33 27.29
C TYR B 236 -12.01 -4.68 27.56
N LYS B 237 -12.04 -5.07 28.83
CA LYS B 237 -12.64 -6.34 29.19
C LYS B 237 -14.15 -6.31 29.04
N LYS B 238 -14.77 -5.31 29.66
CA LYS B 238 -16.23 -5.15 29.60
C LYS B 238 -16.71 -5.09 28.15
N GLY B 239 -16.01 -4.32 27.33
CA GLY B 239 -16.38 -4.20 25.93
C GLY B 239 -16.24 -5.52 25.19
N SER B 240 -15.20 -6.28 25.54
CA SER B 240 -14.97 -7.57 24.90
C SER B 240 -16.00 -8.58 25.39
N GLU B 241 -16.41 -8.45 26.64
CA GLU B 241 -17.40 -9.34 27.20
C GLU B 241 -18.69 -9.13 26.42
N ASN B 242 -18.90 -7.87 25.98
CA ASN B 242 -20.08 -7.51 25.21
C ASN B 242 -19.87 -7.75 23.71
N LEU B 243 -18.79 -8.44 23.39
CA LEU B 243 -18.45 -8.79 22.01
C LEU B 243 -18.37 -7.66 20.99
N LYS B 244 -17.67 -6.58 21.35
CA LYS B 244 -17.47 -5.46 20.45
C LYS B 244 -15.98 -5.10 20.42
N ARG B 245 -15.50 -4.68 19.26
CA ARG B 245 -14.09 -4.33 19.14
C ARG B 245 -13.83 -3.09 19.98
N VAL B 246 -12.70 -3.09 20.68
CA VAL B 246 -12.34 -1.96 21.50
C VAL B 246 -10.83 -1.72 21.45
N GLN B 247 -10.41 -0.48 21.66
CA GLN B 247 -9.00 -0.15 21.66
C GLN B 247 -8.79 0.78 22.84
N SER B 248 -7.90 0.38 23.74
CA SER B 248 -7.64 1.19 24.92
C SER B 248 -6.21 1.68 24.99
N LEU B 249 -6.04 2.98 24.83
CA LEU B 249 -4.72 3.60 24.94
C LEU B 249 -4.66 4.10 26.38
N THR B 250 -3.82 3.45 27.19
CA THR B 250 -3.71 3.74 28.61
C THR B 250 -2.44 4.42 29.13
N GLY B 251 -2.27 4.35 30.46
CA GLY B 251 -1.15 4.96 31.15
C GLY B 251 0.26 4.68 30.68
N ALA B 252 1.21 5.48 31.18
CA ALA B 252 2.61 5.36 30.80
C ALA B 252 3.61 5.76 31.88
N LYS B 253 4.85 5.30 31.72
CA LYS B 253 5.96 5.63 32.62
C LYS B 253 7.14 5.66 31.67
N ASN B 254 7.11 6.63 30.75
CA ASN B 254 8.13 6.78 29.73
C ASN B 254 9.52 7.12 30.22
N HIS B 255 10.48 6.33 29.73
CA HIS B 255 11.89 6.46 30.06
C HIS B 255 12.67 7.19 28.98
N THR B 256 13.64 7.99 29.40
CA THR B 256 14.50 8.70 28.48
C THR B 256 15.93 8.34 28.82
N ILE B 257 16.69 7.94 27.80
CA ILE B 257 18.06 7.52 27.97
C ILE B 257 19.02 8.58 27.46
N VAL B 258 19.96 8.99 28.32
CA VAL B 258 20.95 10.00 27.97
C VAL B 258 22.31 9.35 27.99
N LEU B 259 22.86 9.12 26.81
CA LEU B 259 24.18 8.49 26.70
C LEU B 259 25.27 9.55 26.79
N ASN B 260 26.52 9.14 26.97
CA ASN B 260 27.64 10.06 27.11
C ASN B 260 27.89 11.01 25.95
N ASP B 261 27.45 10.66 24.75
CA ASP B 261 27.65 11.50 23.59
C ASP B 261 26.46 12.41 23.30
N ALA B 262 25.55 12.51 24.26
CA ALA B 262 24.38 13.35 24.08
C ALA B 262 24.77 14.83 24.09
N ASN B 263 24.09 15.62 23.26
CA ASN B 263 24.31 17.06 23.20
C ASN B 263 23.47 17.60 24.36
N LEU B 264 24.12 17.87 25.48
CA LEU B 264 23.43 18.33 26.68
C LEU B 264 22.52 19.52 26.54
N GLU B 265 22.92 20.49 25.71
CA GLU B 265 22.12 21.69 25.48
C GLU B 265 20.71 21.24 25.16
N ASP B 266 20.57 20.61 23.99
CA ASP B 266 19.28 20.11 23.49
C ASP B 266 18.63 19.09 24.42
N THR B 267 19.41 18.15 24.94
CA THR B 267 18.84 17.14 25.80
C THR B 267 18.10 17.75 27.00
N VAL B 268 18.80 18.55 27.80
CA VAL B 268 18.20 19.16 28.97
C VAL B 268 16.89 19.90 28.66
N THR B 269 16.92 20.80 27.68
CA THR B 269 15.73 21.54 27.29
C THR B 269 14.57 20.61 26.89
N ASN B 270 14.89 19.59 26.12
CA ASN B 270 13.87 18.62 25.69
C ASN B 270 13.29 17.85 26.87
N ILE B 271 14.14 17.38 27.76
CA ILE B 271 13.67 16.63 28.91
C ILE B 271 12.85 17.50 29.86
N VAL B 272 13.29 18.74 30.08
CA VAL B 272 12.57 19.64 30.97
C VAL B 272 11.15 19.87 30.46
N GLY B 273 11.01 20.06 29.15
CA GLY B 273 9.69 20.26 28.57
C GLY B 273 8.83 18.99 28.56
N ALA B 274 9.47 17.84 28.41
CA ALA B 274 8.73 16.58 28.38
C ALA B 274 8.29 16.17 29.78
N ALA B 275 9.16 16.42 30.75
CA ALA B 275 8.88 16.08 32.14
C ALA B 275 7.93 17.03 32.85
N PHE B 276 8.08 18.34 32.62
CA PHE B 276 7.24 19.31 33.31
C PHE B 276 6.22 20.09 32.50
N GLY B 277 6.29 20.01 31.18
CA GLY B 277 5.33 20.71 30.35
C GLY B 277 3.95 20.16 30.68
N SER B 278 2.92 21.00 30.62
CA SER B 278 1.56 20.56 30.91
C SER B 278 1.48 19.84 32.26
N ALA B 279 2.19 20.38 33.25
CA ALA B 279 2.22 19.83 34.59
C ALA B 279 2.52 18.33 34.59
N GLY B 280 3.27 17.90 33.58
CA GLY B 280 3.62 16.49 33.47
C GLY B 280 2.41 15.62 33.25
N GLU B 281 1.26 16.24 33.03
CA GLU B 281 0.02 15.51 32.80
C GLU B 281 -0.03 15.18 31.31
N ARG B 282 0.75 14.18 30.94
CA ARG B 282 0.85 13.78 29.54
C ARG B 282 1.25 12.30 29.40
N CYS B 283 0.58 11.58 28.50
CA CYS B 283 0.87 10.17 28.25
C CYS B 283 2.23 10.03 27.57
N MET B 284 2.77 11.15 27.08
CA MET B 284 4.07 11.13 26.42
C MET B 284 5.10 11.82 27.29
N ALA B 285 4.73 12.12 28.53
CA ALA B 285 5.65 12.79 29.44
C ALA B 285 6.82 11.90 29.87
N CYS B 286 7.96 12.54 30.16
CA CYS B 286 9.14 11.83 30.61
C CYS B 286 9.08 11.72 32.14
N ALA B 287 8.85 10.49 32.62
CA ALA B 287 8.77 10.25 34.05
C ALA B 287 10.09 9.73 34.63
N VAL B 288 10.92 9.11 33.79
CA VAL B 288 12.19 8.57 34.26
C VAL B 288 13.37 8.80 33.31
N VAL B 289 14.50 9.25 33.85
CA VAL B 289 15.68 9.43 33.01
C VAL B 289 16.76 8.45 33.45
N THR B 290 17.30 7.68 32.51
CA THR B 290 18.39 6.76 32.82
C THR B 290 19.60 7.42 32.17
N VAL B 291 20.48 8.00 32.99
CA VAL B 291 21.67 8.69 32.48
C VAL B 291 22.92 7.84 32.57
N GLU B 292 23.71 7.81 31.51
CA GLU B 292 24.94 7.04 31.52
C GLU B 292 25.86 7.70 32.57
N GLU B 293 26.58 6.86 33.31
CA GLU B 293 27.48 7.30 34.38
C GLU B 293 28.44 8.45 34.07
N GLY B 294 29.11 8.35 32.93
CA GLY B 294 30.07 9.39 32.54
C GLY B 294 29.58 10.82 32.51
N ILE B 295 28.45 11.07 31.86
CA ILE B 295 27.92 12.42 31.74
C ILE B 295 26.87 12.76 32.80
N ALA B 296 26.57 11.80 33.65
CA ALA B 296 25.56 11.95 34.69
C ALA B 296 25.59 13.24 35.53
N ASP B 297 26.75 13.57 36.10
CA ASP B 297 26.87 14.75 36.94
C ASP B 297 26.65 16.07 36.22
N GLU B 298 27.30 16.23 35.07
CA GLU B 298 27.13 17.45 34.29
C GLU B 298 25.64 17.60 33.93
N PHE B 299 25.03 16.48 33.56
CA PHE B 299 23.62 16.46 33.21
C PHE B 299 22.76 16.94 34.37
N MET B 300 23.05 16.46 35.58
CA MET B 300 22.26 16.86 36.75
C MET B 300 22.40 18.34 37.09
N ALA B 301 23.61 18.88 36.92
CA ALA B 301 23.83 20.29 37.22
C ALA B 301 23.07 21.15 36.23
N LYS B 302 23.08 20.77 34.96
CA LYS B 302 22.38 21.54 33.94
C LYS B 302 20.85 21.36 34.06
N LEU B 303 20.43 20.15 34.41
CA LEU B 303 19.00 19.87 34.57
C LEU B 303 18.45 20.63 35.78
N GLN B 304 19.15 20.54 36.90
CA GLN B 304 18.74 21.20 38.14
C GLN B 304 18.64 22.71 37.92
N GLU B 305 19.65 23.27 37.28
CA GLU B 305 19.70 24.69 36.98
C GLU B 305 18.51 25.15 36.13
N LYS B 306 18.29 24.47 35.02
CA LYS B 306 17.20 24.79 34.11
C LYS B 306 15.82 24.64 34.77
N VAL B 307 15.66 23.62 35.60
CA VAL B 307 14.39 23.36 36.27
C VAL B 307 14.02 24.35 37.37
N ALA B 308 15.02 24.90 38.05
CA ALA B 308 14.77 25.85 39.11
C ALA B 308 14.28 27.18 38.55
N ASP B 309 14.53 27.42 37.27
CA ASP B 309 14.13 28.66 36.61
C ASP B 309 12.70 28.64 36.08
N ILE B 310 12.04 27.49 36.19
CA ILE B 310 10.67 27.37 35.71
C ILE B 310 9.70 28.31 36.41
N LYS B 311 8.95 29.07 35.62
CA LYS B 311 7.96 29.99 36.17
C LYS B 311 6.62 29.29 36.27
N ILE B 312 6.04 29.31 37.47
CA ILE B 312 4.76 28.68 37.74
C ILE B 312 3.68 29.76 37.84
N GLY B 313 2.58 29.61 37.11
CA GLY B 313 1.52 30.59 37.17
C GLY B 313 0.32 30.29 36.32
N ASN B 314 -0.40 31.35 35.93
CA ASN B 314 -1.59 31.21 35.09
C ASN B 314 -1.16 31.02 33.63
N GLY B 315 -1.71 29.99 33.00
CA GLY B 315 -1.38 29.68 31.61
C GLY B 315 -1.54 30.80 30.59
N LEU B 316 -2.50 31.70 30.81
CA LEU B 316 -2.73 32.80 29.87
C LEU B 316 -1.59 33.80 29.94
N ASP B 317 -0.97 33.84 31.10
CA ASP B 317 0.13 34.75 31.36
C ASP B 317 1.37 34.33 30.60
N ASP B 318 1.82 35.14 29.64
CA ASP B 318 3.02 34.80 28.88
C ASP B 318 4.18 34.87 29.88
N GLY B 319 5.14 33.96 29.76
CA GLY B 319 6.23 33.95 30.70
C GLY B 319 6.09 32.75 31.62
N VAL B 320 4.85 32.27 31.77
CA VAL B 320 4.56 31.10 32.60
C VAL B 320 4.88 29.80 31.86
N PHE B 321 5.77 29.00 32.43
CA PHE B 321 6.16 27.72 31.86
C PHE B 321 5.27 26.60 32.40
N LEU B 322 5.35 26.39 33.71
CA LEU B 322 4.57 25.36 34.40
C LEU B 322 3.25 25.90 34.91
N GLY B 323 2.16 25.25 34.48
CA GLY B 323 0.83 25.65 34.90
C GLY B 323 0.41 24.78 36.06
N PRO B 324 -0.89 24.79 36.43
CA PRO B 324 -1.36 23.97 37.54
C PRO B 324 -1.70 22.53 37.17
N VAL B 325 -1.83 21.70 38.20
CA VAL B 325 -2.23 20.32 38.02
C VAL B 325 -3.75 20.41 37.89
N ILE B 326 -4.40 19.41 37.30
CA ILE B 326 -5.84 19.49 37.06
C ILE B 326 -6.83 19.69 38.22
N ARG B 327 -6.77 18.84 39.24
CA ARG B 327 -7.70 18.99 40.38
C ARG B 327 -6.93 19.14 41.69
N GLU B 328 -7.66 19.19 42.81
CA GLU B 328 -7.03 19.34 44.12
C GLU B 328 -6.49 17.99 44.58
N ASP B 329 -7.17 16.92 44.21
CA ASP B 329 -6.74 15.57 44.57
C ASP B 329 -5.39 15.31 43.96
N ASN B 330 -5.29 15.57 42.65
CA ASN B 330 -4.05 15.35 41.95
C ASN B 330 -2.93 16.12 42.62
N LYS B 331 -3.26 17.24 43.23
CA LYS B 331 -2.24 18.02 43.92
C LYS B 331 -1.79 17.26 45.17
N LYS B 332 -2.75 16.78 45.94
CA LYS B 332 -2.46 16.04 47.16
C LYS B 332 -1.75 14.72 46.86
N ARG B 333 -2.23 14.01 45.84
CA ARG B 333 -1.63 12.73 45.44
C ARG B 333 -0.16 12.92 45.08
N THR B 334 0.14 14.02 44.40
CA THR B 334 1.51 14.33 44.00
C THR B 334 2.37 14.58 45.23
N LEU B 335 1.85 15.36 46.17
CA LEU B 335 2.56 15.65 47.41
C LEU B 335 2.80 14.34 48.13
N SER B 336 1.81 13.46 48.05
CA SER B 336 1.91 12.16 48.68
C SER B 336 3.01 11.32 48.01
N TYR B 337 3.17 11.47 46.70
CA TYR B 337 4.20 10.71 45.98
C TYR B 337 5.60 11.21 46.35
N ILE B 338 5.75 12.53 46.52
CA ILE B 338 7.05 13.08 46.88
C ILE B 338 7.42 12.51 48.25
N GLU B 339 6.44 12.57 49.15
CA GLU B 339 6.60 12.07 50.51
C GLU B 339 6.99 10.59 50.47
N LYS B 340 6.34 9.83 49.59
CA LYS B 340 6.63 8.39 49.45
C LYS B 340 8.06 8.19 48.98
N GLY B 341 8.49 9.01 48.03
CA GLY B 341 9.84 8.91 47.51
C GLY B 341 10.89 9.09 48.60
N LEU B 342 10.75 10.16 49.39
CA LEU B 342 11.68 10.45 50.47
C LEU B 342 11.75 9.29 51.45
N GLU B 343 10.59 8.68 51.67
CA GLU B 343 10.48 7.55 52.58
C GLU B 343 11.14 6.30 52.00
N GLU B 344 10.98 6.09 50.69
CA GLU B 344 11.55 4.92 50.04
C GLU B 344 13.06 4.98 49.85
N GLY B 345 13.66 6.13 50.13
CA GLY B 345 15.09 6.26 49.99
C GLY B 345 15.56 7.11 48.83
N ALA B 346 14.61 7.70 48.09
CA ALA B 346 14.96 8.55 46.97
C ALA B 346 15.52 9.88 47.48
N ARG B 347 16.33 10.54 46.68
CA ARG B 347 16.91 11.82 47.08
C ARG B 347 16.38 12.99 46.27
N LEU B 348 15.93 14.03 46.97
CA LEU B 348 15.42 15.22 46.31
C LEU B 348 16.53 16.10 45.77
N VAL B 349 16.33 16.59 44.55
CA VAL B 349 17.27 17.47 43.90
C VAL B 349 16.54 18.81 43.73
N CYS B 350 15.23 18.73 43.56
CA CYS B 350 14.34 19.90 43.45
C CYS B 350 13.08 19.53 44.20
N ASP B 351 12.74 20.33 45.21
CA ASP B 351 11.56 20.08 46.03
C ASP B 351 10.34 20.83 45.49
N GLY B 352 9.41 20.11 44.89
CA GLY B 352 8.21 20.75 44.35
C GLY B 352 7.23 21.17 45.43
N ARG B 353 7.53 20.79 46.67
CA ARG B 353 6.67 21.13 47.80
C ARG B 353 6.85 22.59 48.21
N GLU B 354 8.07 23.09 48.04
CA GLU B 354 8.36 24.46 48.43
C GLU B 354 7.90 25.50 47.41
N ASN B 355 7.54 26.67 47.92
CA ASN B 355 7.08 27.81 47.11
C ASN B 355 6.10 27.42 46.01
N VAL B 356 4.81 27.49 46.33
CA VAL B 356 3.75 27.19 45.38
C VAL B 356 2.49 27.94 45.79
N SER B 357 1.94 28.71 44.86
CA SER B 357 0.73 29.47 45.12
C SER B 357 -0.44 28.59 45.57
N ASP B 358 -1.47 29.21 46.13
CA ASP B 358 -2.65 28.49 46.58
C ASP B 358 -3.86 28.98 45.80
N ASP B 359 -3.60 29.92 44.87
CA ASP B 359 -4.63 30.48 44.01
C ASP B 359 -5.23 29.36 43.19
N GLY B 360 -4.38 28.40 42.83
CA GLY B 360 -4.80 27.26 42.05
C GLY B 360 -4.14 26.01 42.59
N TYR B 361 -4.33 24.90 41.88
CA TYR B 361 -3.76 23.61 42.28
C TYR B 361 -2.30 23.53 41.82
N PHE B 362 -1.51 24.52 42.22
CA PHE B 362 -0.11 24.59 41.84
C PHE B 362 0.87 23.74 42.62
N VAL B 363 1.80 23.14 41.91
CA VAL B 363 2.83 22.30 42.48
C VAL B 363 4.13 22.57 41.73
N GLY B 364 5.17 22.96 42.46
CA GLY B 364 6.45 23.23 41.82
C GLY B 364 7.05 21.95 41.23
N PRO B 365 7.99 22.08 40.29
CA PRO B 365 8.58 20.87 39.72
C PRO B 365 9.48 20.20 40.74
N THR B 366 9.41 18.88 40.81
CA THR B 366 10.25 18.16 41.74
C THR B 366 11.02 17.05 41.00
N ILE B 367 12.28 16.87 41.39
CA ILE B 367 13.10 15.86 40.77
C ILE B 367 13.85 15.03 41.81
N PHE B 368 13.77 13.71 41.66
CA PHE B 368 14.44 12.77 42.54
C PHE B 368 15.61 12.12 41.80
N ASP B 369 16.60 11.63 42.55
CA ASP B 369 17.72 10.94 41.94
C ASP B 369 18.07 9.80 42.90
N ASN B 370 18.76 8.78 42.40
CA ASN B 370 19.09 7.63 43.22
C ASN B 370 17.84 6.79 43.48
N VAL B 371 16.95 6.70 42.50
CA VAL B 371 15.75 5.91 42.69
C VAL B 371 15.99 4.54 42.07
N THR B 372 15.22 3.54 42.50
CA THR B 372 15.38 2.20 41.98
C THR B 372 14.07 1.64 41.46
N THR B 373 14.15 0.50 40.77
CA THR B 373 12.96 -0.11 40.22
C THR B 373 12.09 -0.73 41.31
N GLU B 374 12.49 -0.56 42.57
CA GLU B 374 11.71 -1.08 43.68
C GLU B 374 10.93 0.00 44.41
N MET B 375 11.03 1.24 43.95
CA MET B 375 10.33 2.35 44.58
C MET B 375 9.01 2.66 43.87
N THR B 376 7.97 2.90 44.66
CA THR B 376 6.65 3.23 44.15
C THR B 376 6.78 4.44 43.22
N ILE B 377 7.80 5.25 43.49
CA ILE B 377 8.10 6.46 42.71
C ILE B 377 8.47 6.08 41.26
N TRP B 378 8.87 4.82 41.07
CA TRP B 378 9.23 4.32 39.74
C TRP B 378 8.10 3.49 39.11
N LYS B 379 7.43 2.69 39.95
CA LYS B 379 6.35 1.81 39.50
C LYS B 379 5.06 2.51 39.05
N ASP B 380 4.69 3.57 39.75
CA ASP B 380 3.45 4.28 39.44
C ASP B 380 3.59 5.44 38.47
N GLU B 381 2.49 5.75 37.81
CA GLU B 381 2.43 6.88 36.89
C GLU B 381 1.99 8.03 37.78
N ILE B 382 2.92 8.92 38.13
CA ILE B 382 2.60 10.05 38.99
C ILE B 382 1.68 11.02 38.24
N PHE B 383 1.96 11.24 36.96
CA PHE B 383 1.19 12.12 36.11
C PHE B 383 1.10 13.53 36.70
N ALA B 384 2.26 14.05 37.07
CA ALA B 384 2.38 15.38 37.66
C ALA B 384 3.84 15.79 37.48
N PRO B 385 4.20 17.01 37.91
CA PRO B 385 5.61 17.40 37.72
C PRO B 385 6.62 16.74 38.67
N VAL B 386 6.76 15.41 38.55
CA VAL B 386 7.72 14.65 39.36
C VAL B 386 8.55 13.79 38.42
N LEU B 387 9.86 14.06 38.39
CA LEU B 387 10.80 13.34 37.51
C LEU B 387 11.85 12.57 38.30
N SER B 388 12.01 11.28 38.01
CA SER B 388 13.02 10.45 38.69
C SER B 388 14.16 10.13 37.72
N VAL B 389 15.39 10.18 38.20
CA VAL B 389 16.53 9.82 37.36
C VAL B 389 17.35 8.72 38.03
N ILE B 390 17.98 7.89 37.19
CA ILE B 390 18.76 6.74 37.63
C ILE B 390 20.06 6.66 36.82
N ARG B 391 21.19 6.49 37.49
CA ARG B 391 22.45 6.37 36.76
C ARG B 391 22.59 4.94 36.32
N VAL B 392 23.07 4.75 35.09
CA VAL B 392 23.24 3.41 34.53
C VAL B 392 24.63 3.27 33.96
N LYS B 393 25.11 2.03 33.91
CA LYS B 393 26.43 1.77 33.37
C LYS B 393 26.47 2.00 31.86
N ASN B 394 25.42 1.54 31.16
CA ASN B 394 25.37 1.67 29.72
C ASN B 394 23.94 1.60 29.16
N LEU B 395 23.85 1.69 27.83
CA LEU B 395 22.58 1.63 27.13
C LEU B 395 21.82 0.34 27.42
N LYS B 396 22.56 -0.75 27.62
CA LYS B 396 21.95 -2.05 27.90
C LYS B 396 21.22 -2.06 29.24
N GLU B 397 21.83 -1.45 30.25
CA GLU B 397 21.23 -1.40 31.57
C GLU B 397 20.00 -0.48 31.54
N ALA B 398 20.12 0.60 30.78
CA ALA B 398 19.04 1.56 30.64
C ALA B 398 17.79 0.88 30.07
N ILE B 399 17.97 0.14 28.98
CA ILE B 399 16.87 -0.56 28.35
C ILE B 399 16.25 -1.62 29.26
N GLU B 400 17.08 -2.27 30.08
CA GLU B 400 16.57 -3.30 30.99
C GLU B 400 15.64 -2.65 32.00
N ILE B 401 16.02 -1.47 32.47
CA ILE B 401 15.21 -0.75 33.43
C ILE B 401 13.87 -0.34 32.82
N ALA B 402 13.89 0.32 31.67
CA ALA B 402 12.66 0.72 31.00
C ALA B 402 11.77 -0.51 30.71
N ASN B 403 12.39 -1.58 30.22
CA ASN B 403 11.68 -2.82 29.89
C ASN B 403 11.06 -3.50 31.10
N LYS B 404 11.53 -3.16 32.29
CA LYS B 404 11.03 -3.75 33.52
C LYS B 404 9.70 -3.12 33.93
N SER B 405 9.40 -1.94 33.39
CA SER B 405 8.14 -1.27 33.69
C SER B 405 7.00 -2.03 32.99
N GLU B 406 5.81 -2.00 33.56
CA GLU B 406 4.69 -2.68 32.95
C GLU B 406 4.14 -1.79 31.83
N PHE B 407 4.55 -0.53 31.83
CA PHE B 407 4.12 0.42 30.80
C PHE B 407 5.18 0.47 29.71
N ALA B 408 4.73 0.62 28.47
CA ALA B 408 5.62 0.68 27.33
C ALA B 408 4.96 1.54 26.26
N ASN B 409 4.68 2.80 26.60
CA ASN B 409 4.07 3.73 25.67
C ASN B 409 5.18 4.35 24.83
N GLY B 410 5.96 5.22 25.46
CA GLY B 410 7.04 5.86 24.74
C GLY B 410 8.37 5.73 25.45
N ALA B 411 9.43 5.97 24.68
CA ALA B 411 10.79 5.92 25.19
C ALA B 411 11.63 6.81 24.28
N CYS B 412 12.63 7.47 24.84
CA CYS B 412 13.49 8.36 24.08
C CYS B 412 14.96 8.07 24.34
N LEU B 413 15.80 8.42 23.36
CA LEU B 413 17.23 8.21 23.46
C LEU B 413 17.98 9.45 22.97
N PHE B 414 18.94 9.91 23.77
CA PHE B 414 19.72 11.08 23.38
C PHE B 414 21.15 10.64 23.11
N THR B 415 21.48 10.62 21.82
CA THR B 415 22.78 10.19 21.36
C THR B 415 22.92 10.46 19.87
N SER B 416 24.13 10.31 19.36
CA SER B 416 24.39 10.47 17.95
C SER B 416 25.04 9.20 17.42
N ASN B 417 24.95 8.12 18.19
CA ASN B 417 25.55 6.84 17.81
C ASN B 417 24.58 5.86 17.13
N SER B 418 24.74 5.70 15.82
CA SER B 418 23.88 4.80 15.05
C SER B 418 23.74 3.40 15.61
N ASN B 419 24.82 2.85 16.16
CA ASN B 419 24.77 1.50 16.73
C ASN B 419 23.85 1.51 17.95
N ALA B 420 23.95 2.57 18.75
CA ALA B 420 23.14 2.70 19.95
C ALA B 420 21.67 2.85 19.56
N ILE B 421 21.42 3.67 18.54
CA ILE B 421 20.06 3.89 18.07
C ILE B 421 19.39 2.59 17.62
N ARG B 422 20.03 1.83 16.75
CA ARG B 422 19.45 0.58 16.28
C ARG B 422 19.20 -0.36 17.46
N TYR B 423 20.21 -0.53 18.30
CA TYR B 423 20.12 -1.40 19.46
C TYR B 423 18.90 -1.02 20.30
N PHE B 424 18.74 0.29 20.51
CA PHE B 424 17.63 0.83 21.27
C PHE B 424 16.30 0.40 20.66
N ARG B 425 16.13 0.69 19.38
CA ARG B 425 14.89 0.36 18.68
C ARG B 425 14.57 -1.14 18.63
N GLU B 426 15.59 -1.98 18.49
CA GLU B 426 15.35 -3.41 18.41
C GLU B 426 14.99 -4.05 19.74
N ASN B 427 15.56 -3.55 20.83
CA ASN B 427 15.33 -4.11 22.16
C ASN B 427 14.34 -3.44 23.10
N ILE B 428 14.02 -2.17 22.86
CA ILE B 428 13.08 -1.44 23.72
C ILE B 428 11.64 -1.98 23.57
N ASP B 429 10.88 -1.97 24.66
CA ASP B 429 9.50 -2.45 24.62
C ASP B 429 8.51 -1.41 24.11
N ALA B 430 8.76 -0.14 24.42
CA ALA B 430 7.86 0.93 23.99
C ALA B 430 7.66 0.91 22.46
N GLY B 431 6.50 1.39 22.02
CA GLY B 431 6.18 1.43 20.61
C GLY B 431 6.29 2.81 19.97
N MET B 432 6.47 3.85 20.77
CA MET B 432 6.60 5.21 20.23
C MET B 432 7.95 5.71 20.72
N LEU B 433 8.91 5.69 19.82
CA LEU B 433 10.29 6.07 20.11
C LEU B 433 10.74 7.40 19.54
N GLY B 434 11.63 8.05 20.28
CA GLY B 434 12.15 9.33 19.84
C GLY B 434 13.66 9.40 20.02
N ILE B 435 14.34 9.85 18.97
CA ILE B 435 15.78 9.98 19.04
C ILE B 435 16.05 11.48 19.05
N ASN B 436 16.53 11.97 20.19
CA ASN B 436 16.85 13.38 20.39
C ASN B 436 15.62 14.29 20.43
N LEU B 437 14.52 13.75 20.92
CA LEU B 437 13.27 14.48 21.05
C LEU B 437 12.70 14.13 22.42
N GLY B 438 12.22 15.14 23.14
CA GLY B 438 11.65 14.90 24.46
C GLY B 438 10.31 14.18 24.42
N VAL B 439 9.47 14.55 23.46
CA VAL B 439 8.16 13.91 23.32
C VAL B 439 8.11 13.12 22.01
N PRO B 440 8.13 11.77 22.11
CA PRO B 440 8.10 10.87 20.96
C PRO B 440 6.74 10.66 20.30
N ALA B 441 5.84 11.62 20.45
CA ALA B 441 4.50 11.53 19.86
C ALA B 441 4.56 11.56 18.33
N PRO B 442 4.18 10.46 17.67
CA PRO B 442 4.21 10.40 16.20
C PRO B 442 3.06 11.19 15.58
N MET B 443 3.27 11.67 14.35
CA MET B 443 2.25 12.44 13.66
C MET B 443 1.05 11.60 13.24
N ALA B 444 -0.11 12.25 13.17
CA ALA B 444 -1.38 11.62 12.82
C ALA B 444 -1.38 10.52 11.73
N PHE B 445 -0.55 10.65 10.71
CA PHE B 445 -0.51 9.63 9.64
C PHE B 445 0.19 8.34 10.05
N PHE B 446 0.62 8.26 11.31
CA PHE B 446 1.28 7.09 11.87
C PHE B 446 0.42 6.59 13.03
N PRO B 447 0.31 5.26 13.19
CA PRO B 447 -0.51 4.85 14.34
C PRO B 447 0.20 5.26 15.62
N PHE B 448 -0.58 5.64 16.63
CA PHE B 448 -0.05 6.05 17.94
C PHE B 448 0.15 4.72 18.69
N SER B 449 1.21 4.00 18.31
CA SER B 449 1.51 2.66 18.84
C SER B 449 2.24 2.45 20.17
N GLY B 450 1.48 2.20 21.23
CA GLY B 450 2.06 1.93 22.53
C GLY B 450 2.13 0.41 22.69
N TRP B 451 2.57 -0.08 23.85
CA TRP B 451 2.66 -1.52 24.07
C TRP B 451 2.51 -1.89 25.57
N LYS B 452 2.28 -3.17 25.83
CA LYS B 452 2.11 -3.70 27.18
C LYS B 452 0.95 -3.03 27.93
N SER B 453 1.17 -2.62 29.16
CA SER B 453 0.09 -1.99 29.91
C SER B 453 -0.31 -0.61 29.40
N SER B 454 0.26 -0.18 28.28
CA SER B 454 -0.07 1.12 27.69
C SER B 454 -1.08 1.01 26.57
N PHE B 455 -1.25 -0.21 26.06
CA PHE B 455 -2.19 -0.45 24.98
C PHE B 455 -2.91 -1.78 25.15
N PHE B 456 -4.20 -1.77 24.88
CA PHE B 456 -5.04 -2.96 24.96
C PHE B 456 -5.82 -3.07 23.66
N GLY B 457 -5.55 -4.13 22.91
CA GLY B 457 -6.26 -4.32 21.65
C GLY B 457 -5.33 -4.73 20.53
N THR B 458 -5.75 -4.49 19.30
CA THR B 458 -4.92 -4.87 18.16
C THR B 458 -4.47 -3.64 17.40
N LEU B 459 -5.43 -2.79 17.05
CA LEU B 459 -5.11 -1.59 16.31
C LEU B 459 -5.11 -0.35 17.19
N HIS B 460 -4.13 0.52 16.98
CA HIS B 460 -4.01 1.73 17.76
C HIS B 460 -4.84 2.87 17.17
N ALA B 461 -4.66 4.05 17.74
CA ALA B 461 -5.34 5.23 17.25
C ALA B 461 -4.46 5.80 16.14
N ASN B 462 -5.09 6.57 15.25
CA ASN B 462 -4.41 7.23 14.14
C ASN B 462 -3.78 6.28 13.12
N GLY B 463 -3.15 6.87 12.11
CA GLY B 463 -2.51 6.08 11.07
C GLY B 463 -3.51 5.20 10.37
N LYS B 464 -3.00 4.25 9.60
CA LYS B 464 -3.87 3.34 8.87
C LYS B 464 -4.54 2.41 9.87
N ASP B 465 -4.00 2.36 11.09
CA ASP B 465 -4.58 1.50 12.10
C ASP B 465 -6.01 1.98 12.38
N SER B 466 -6.17 3.28 12.60
CA SER B 466 -7.48 3.82 12.87
C SER B 466 -8.44 3.51 11.73
N VAL B 467 -7.92 3.49 10.51
CA VAL B 467 -8.76 3.21 9.34
C VAL B 467 -9.35 1.80 9.40
N ASP B 468 -8.53 0.82 9.72
CA ASP B 468 -8.99 -0.56 9.81
C ASP B 468 -9.86 -0.78 11.03
N PHE B 469 -9.58 -0.08 12.11
CA PHE B 469 -10.35 -0.24 13.31
C PHE B 469 -11.78 0.29 13.15
N TYR B 470 -11.93 1.32 12.32
CA TYR B 470 -13.23 1.95 12.11
C TYR B 470 -13.97 1.45 10.88
N THR B 471 -13.53 0.32 10.32
CA THR B 471 -14.19 -0.22 9.15
C THR B 471 -14.16 -1.73 9.19
N ARG B 472 -14.88 -2.36 8.26
CA ARG B 472 -14.89 -3.82 8.16
C ARG B 472 -14.90 -4.11 6.66
N LYS B 473 -14.49 -5.31 6.27
CA LYS B 473 -14.44 -5.59 4.86
C LYS B 473 -15.41 -6.64 4.35
N LYS B 474 -15.70 -6.54 3.06
CA LYS B 474 -16.53 -7.50 2.36
C LYS B 474 -15.71 -7.83 1.13
N VAL B 475 -15.46 -9.11 0.90
CA VAL B 475 -14.70 -9.54 -0.27
C VAL B 475 -15.71 -10.15 -1.24
N VAL B 476 -15.59 -9.81 -2.51
CA VAL B 476 -16.50 -10.33 -3.52
C VAL B 476 -15.75 -11.07 -4.60
N THR B 477 -15.99 -12.37 -4.70
CA THR B 477 -15.37 -13.22 -5.71
C THR B 477 -16.50 -13.57 -6.66
N ALA B 478 -16.36 -13.20 -7.93
CA ALA B 478 -17.41 -13.47 -8.89
C ALA B 478 -16.95 -14.18 -10.16
N ARG B 479 -17.87 -14.91 -10.76
CA ARG B 479 -17.60 -15.63 -12.00
C ARG B 479 -18.58 -15.16 -13.06
N TYR B 480 -18.04 -14.50 -14.08
CA TYR B 480 -18.84 -13.98 -15.18
C TYR B 480 -18.32 -14.62 -16.46
N PRO B 481 -18.88 -15.78 -16.84
CA PRO B 481 -18.49 -16.53 -18.04
C PRO B 481 -18.53 -15.65 -19.29
N ALA B 482 -17.51 -15.81 -20.13
CA ALA B 482 -17.45 -15.04 -21.36
C ALA B 482 -18.61 -15.49 -22.25
N PRO B 483 -19.47 -14.56 -22.68
CA PRO B 483 -20.59 -14.97 -23.53
C PRO B 483 -20.12 -15.48 -24.90
N ASP B 484 -20.98 -16.28 -25.55
CA ASP B 484 -20.67 -16.81 -26.88
C ASP B 484 -21.36 -15.87 -27.84
N PHE B 485 -20.81 -15.72 -29.04
CA PHE B 485 -21.42 -14.82 -30.00
C PHE B 485 -21.73 -15.52 -31.34
N GLU C 2 33.83 -29.03 -33.29
CA GLU C 2 34.36 -29.38 -31.93
C GLU C 2 33.94 -28.36 -30.87
N ILE C 3 33.58 -27.17 -31.32
CA ILE C 3 33.15 -26.12 -30.40
C ILE C 3 31.66 -25.89 -30.58
N ARG C 4 30.88 -26.38 -29.62
CA ARG C 4 29.43 -26.29 -29.64
C ARG C 4 28.87 -24.91 -29.98
N LYS C 5 27.97 -24.87 -30.96
CA LYS C 5 27.33 -23.63 -31.37
C LYS C 5 26.02 -23.50 -30.61
N LEU C 6 25.89 -22.43 -29.85
CA LEU C 6 24.66 -22.21 -29.09
C LEU C 6 23.51 -21.94 -30.05
N LYS C 7 22.31 -22.29 -29.61
CA LYS C 7 21.10 -22.07 -30.40
C LYS C 7 20.19 -21.13 -29.63
N ASN C 8 19.23 -20.54 -30.32
CA ASN C 8 18.27 -19.65 -29.67
C ASN C 8 17.11 -20.49 -29.16
N TYR C 9 16.45 -20.02 -28.10
CA TYR C 9 15.31 -20.71 -27.54
C TYR C 9 14.08 -19.90 -27.92
N ILE C 10 13.31 -20.38 -28.90
CA ILE C 10 12.12 -19.67 -29.34
C ILE C 10 10.92 -20.60 -29.40
N ASN C 11 9.81 -20.18 -28.79
CA ASN C 11 8.59 -20.98 -28.79
C ASN C 11 8.72 -22.39 -28.20
N GLY C 12 9.46 -22.52 -27.11
CA GLY C 12 9.57 -23.82 -26.46
C GLY C 12 10.67 -24.80 -26.84
N GLU C 13 11.52 -24.47 -27.80
CA GLU C 13 12.60 -25.40 -28.13
C GLU C 13 13.83 -24.70 -28.70
N TRP C 14 14.98 -25.36 -28.60
CA TRP C 14 16.22 -24.79 -29.08
C TRP C 14 16.36 -24.90 -30.59
N VAL C 15 16.19 -23.77 -31.26
CA VAL C 15 16.30 -23.72 -32.70
C VAL C 15 17.63 -23.05 -33.08
N GLU C 16 18.15 -23.37 -34.25
CA GLU C 16 19.40 -22.80 -34.71
C GLU C 16 19.19 -21.47 -35.41
N SER C 17 20.18 -20.59 -35.31
CA SER C 17 20.10 -19.28 -35.93
C SER C 17 20.41 -19.32 -37.41
N LYS C 18 19.74 -18.45 -38.16
CA LYS C 18 19.94 -18.35 -39.60
C LYS C 18 21.09 -17.36 -39.85
N THR C 19 22.16 -17.48 -39.06
CA THR C 19 23.30 -16.59 -39.17
C THR C 19 24.56 -17.33 -39.61
N ASP C 20 25.47 -16.59 -40.25
CA ASP C 20 26.73 -17.15 -40.69
C ASP C 20 27.81 -16.60 -39.77
N GLN C 21 27.42 -15.67 -38.93
CA GLN C 21 28.33 -15.04 -37.99
C GLN C 21 28.20 -15.66 -36.60
N TYR C 22 29.34 -15.99 -36.00
CA TYR C 22 29.38 -16.58 -34.66
C TYR C 22 30.56 -15.98 -33.91
N GLU C 23 30.48 -16.00 -32.59
CA GLU C 23 31.54 -15.43 -31.78
C GLU C 23 32.00 -16.43 -30.73
N ASP C 24 33.31 -16.46 -30.48
CA ASP C 24 33.87 -17.38 -29.49
C ASP C 24 33.71 -16.84 -28.09
N VAL C 25 33.17 -17.66 -27.19
CA VAL C 25 33.04 -17.25 -25.79
C VAL C 25 34.12 -18.03 -25.06
N VAL C 26 35.01 -17.32 -24.40
CA VAL C 26 36.14 -17.94 -23.71
C VAL C 26 36.11 -17.84 -22.19
N ASN C 27 36.97 -18.61 -21.56
CA ASN C 27 37.09 -18.60 -20.11
C ASN C 27 38.16 -17.55 -19.81
N PRO C 28 37.75 -16.39 -19.28
CA PRO C 28 38.63 -15.26 -18.94
C PRO C 28 39.91 -15.65 -18.21
N ALA C 29 39.88 -16.80 -17.53
CA ALA C 29 41.05 -17.22 -16.76
C ALA C 29 42.04 -18.14 -17.49
N THR C 30 41.62 -18.75 -18.59
CA THR C 30 42.51 -19.67 -19.30
C THR C 30 42.50 -19.50 -20.81
N LYS C 31 41.66 -18.59 -21.29
CA LYS C 31 41.53 -18.32 -22.73
C LYS C 31 41.01 -19.52 -23.51
N GLU C 32 40.49 -20.52 -22.80
CA GLU C 32 39.94 -21.72 -23.44
C GLU C 32 38.59 -21.36 -24.05
N VAL C 33 38.33 -21.83 -25.26
CA VAL C 33 37.06 -21.55 -25.91
C VAL C 33 36.03 -22.53 -25.36
N LEU C 34 34.97 -22.00 -24.74
CA LEU C 34 33.92 -22.83 -24.17
C LEU C 34 32.87 -23.20 -25.21
N CYS C 35 32.47 -22.24 -26.03
CA CYS C 35 31.47 -22.49 -27.05
C CYS C 35 31.40 -21.33 -28.05
N GLN C 36 30.48 -21.43 -29.00
CA GLN C 36 30.28 -20.39 -30.00
C GLN C 36 28.90 -19.78 -29.88
N VAL C 37 28.84 -18.45 -29.89
CA VAL C 37 27.59 -17.73 -29.79
C VAL C 37 27.16 -17.14 -31.14
N PRO C 38 25.92 -17.41 -31.55
CA PRO C 38 25.48 -16.87 -32.84
C PRO C 38 25.16 -15.40 -32.73
N ILE C 39 25.44 -14.65 -33.80
CA ILE C 39 25.12 -13.22 -33.83
C ILE C 39 23.83 -13.17 -34.62
N SER C 40 22.77 -13.66 -34.01
CA SER C 40 21.45 -13.72 -34.62
C SER C 40 21.08 -12.50 -35.45
N THR C 41 20.21 -12.73 -36.43
CA THR C 41 19.76 -11.70 -37.34
C THR C 41 18.40 -11.13 -36.95
N LYS C 42 18.02 -10.02 -37.56
CA LYS C 42 16.72 -9.43 -37.25
C LYS C 42 15.66 -10.40 -37.73
N GLU C 43 16.09 -11.38 -38.51
CA GLU C 43 15.21 -12.40 -39.04
C GLU C 43 14.83 -13.33 -37.87
N ASP C 44 15.80 -13.55 -36.98
CA ASP C 44 15.58 -14.39 -35.82
C ASP C 44 14.74 -13.63 -34.79
N ILE C 45 15.00 -12.33 -34.67
CA ILE C 45 14.26 -11.51 -33.73
C ILE C 45 12.79 -11.40 -34.10
N ASP C 46 12.50 -11.30 -35.39
CA ASP C 46 11.12 -11.19 -35.85
C ASP C 46 10.36 -12.47 -35.52
N TYR C 47 10.97 -13.62 -35.81
CA TYR C 47 10.33 -14.89 -35.53
C TYR C 47 10.04 -14.97 -34.03
N ALA C 48 11.04 -14.60 -33.22
CA ALA C 48 10.91 -14.63 -31.78
C ALA C 48 9.78 -13.70 -31.32
N ALA C 49 9.66 -12.53 -31.95
CA ALA C 49 8.63 -11.56 -31.59
C ALA C 49 7.24 -12.05 -31.98
N GLN C 50 7.11 -12.55 -33.20
CA GLN C 50 5.82 -13.07 -33.69
C GLN C 50 5.35 -14.15 -32.73
N THR C 51 6.30 -14.98 -32.30
CA THR C 51 6.04 -16.09 -31.37
C THR C 51 5.55 -15.61 -30.00
N ALA C 52 6.30 -14.67 -29.41
CA ALA C 52 5.97 -14.12 -28.10
C ALA C 52 4.58 -13.48 -28.12
N ALA C 53 4.29 -12.76 -29.19
CA ALA C 53 3.00 -12.09 -29.32
C ALA C 53 1.86 -13.11 -29.38
N GLU C 54 2.15 -14.27 -29.96
CA GLU C 54 1.16 -15.33 -30.07
C GLU C 54 0.93 -15.95 -28.70
N ALA C 55 2.02 -16.42 -28.08
CA ALA C 55 1.96 -17.04 -26.76
C ALA C 55 1.37 -16.09 -25.71
N PHE C 56 1.50 -14.78 -25.93
CA PHE C 56 0.96 -13.82 -25.00
C PHE C 56 -0.56 -13.93 -24.89
N LYS C 57 -1.19 -14.21 -26.02
CA LYS C 57 -2.65 -14.34 -26.06
C LYS C 57 -3.18 -15.35 -25.05
N THR C 58 -2.47 -16.46 -24.86
CA THR C 58 -2.93 -17.47 -23.91
C THR C 58 -2.26 -17.36 -22.54
N TRP C 59 -0.97 -17.06 -22.53
CA TRP C 59 -0.26 -16.93 -21.25
C TRP C 59 -0.88 -15.84 -20.37
N SER C 60 -1.23 -14.71 -20.97
CA SER C 60 -1.82 -13.61 -20.22
C SER C 60 -3.19 -13.97 -19.66
N LYS C 61 -3.78 -15.06 -20.17
CA LYS C 61 -5.09 -15.49 -19.71
C LYS C 61 -4.99 -16.53 -18.60
N VAL C 62 -3.78 -17.00 -18.33
CA VAL C 62 -3.56 -17.95 -17.25
C VAL C 62 -3.55 -17.08 -15.99
N ALA C 63 -4.54 -17.28 -15.12
CA ALA C 63 -4.69 -16.50 -13.88
C ALA C 63 -3.37 -16.34 -13.10
N VAL C 64 -3.14 -15.13 -12.57
CA VAL C 64 -1.89 -14.88 -11.83
C VAL C 64 -1.55 -15.91 -10.73
N PRO C 65 -2.55 -16.48 -10.03
CA PRO C 65 -2.23 -17.47 -9.00
C PRO C 65 -1.53 -18.70 -9.60
N ARG C 66 -1.97 -19.11 -10.78
CA ARG C 66 -1.38 -20.27 -11.47
C ARG C 66 0.03 -19.95 -12.01
N ARG C 67 0.22 -18.73 -12.50
CA ARG C 67 1.54 -18.34 -13.01
C ARG C 67 2.51 -18.28 -11.83
N ALA C 68 2.07 -17.67 -10.73
CA ALA C 68 2.92 -17.55 -9.54
C ALA C 68 3.42 -18.92 -9.13
N ARG C 69 2.55 -19.92 -9.25
CA ARG C 69 2.88 -21.31 -8.90
C ARG C 69 4.14 -21.73 -9.65
N ILE C 70 4.18 -21.43 -10.94
CA ILE C 70 5.32 -21.78 -11.77
C ILE C 70 6.60 -21.10 -11.29
N LEU C 71 6.46 -19.87 -10.79
CA LEU C 71 7.61 -19.16 -10.27
C LEU C 71 8.14 -19.87 -9.03
N PHE C 72 7.24 -20.46 -8.24
CA PHE C 72 7.66 -21.19 -7.05
C PHE C 72 8.50 -22.41 -7.47
N ASN C 73 8.05 -23.09 -8.52
CA ASN C 73 8.77 -24.26 -9.03
C ASN C 73 10.15 -23.81 -9.50
N PHE C 74 10.17 -22.72 -10.26
CA PHE C 74 11.39 -22.14 -10.80
C PHE C 74 12.35 -21.82 -9.66
N GLN C 75 11.82 -21.19 -8.62
CA GLN C 75 12.58 -20.79 -7.44
C GLN C 75 13.28 -21.97 -6.81
N GLN C 76 12.56 -23.09 -6.73
CA GLN C 76 13.09 -24.30 -6.12
C GLN C 76 14.13 -24.98 -7.01
N LEU C 77 13.85 -25.03 -8.32
CA LEU C 77 14.80 -25.64 -9.25
C LEU C 77 16.13 -24.87 -9.22
N LEU C 78 16.05 -23.54 -9.18
CA LEU C 78 17.27 -22.75 -9.14
C LEU C 78 18.10 -23.13 -7.91
N SER C 79 17.46 -23.17 -6.74
CA SER C 79 18.14 -23.52 -5.51
C SER C 79 18.82 -24.90 -5.58
N GLN C 80 18.16 -25.86 -6.20
CA GLN C 80 18.73 -27.20 -6.33
C GLN C 80 19.96 -27.22 -7.24
N HIS C 81 20.07 -26.23 -8.12
CA HIS C 81 21.19 -26.15 -9.06
C HIS C 81 22.18 -25.02 -8.78
N LYS C 82 22.33 -24.64 -7.51
CA LYS C 82 23.25 -23.57 -7.13
C LYS C 82 24.69 -23.83 -7.54
N GLU C 83 25.16 -25.05 -7.34
CA GLU C 83 26.53 -25.40 -7.69
C GLU C 83 26.77 -25.26 -9.19
N GLU C 84 25.83 -25.74 -10.00
CA GLU C 84 25.94 -25.64 -11.45
C GLU C 84 25.97 -24.20 -11.94
N LEU C 85 24.96 -23.44 -11.54
CA LEU C 85 24.84 -22.04 -11.93
C LEU C 85 26.12 -21.28 -11.56
N ALA C 86 26.60 -21.49 -10.34
CA ALA C 86 27.81 -20.82 -9.85
C ALA C 86 29.01 -21.23 -10.69
N HIS C 87 29.05 -22.50 -11.06
CA HIS C 87 30.14 -23.00 -11.88
C HIS C 87 30.14 -22.27 -13.22
N LEU C 88 28.98 -22.24 -13.88
CA LEU C 88 28.86 -21.57 -15.17
C LEU C 88 29.25 -20.10 -15.12
N ILE C 89 28.91 -19.41 -14.03
CA ILE C 89 29.24 -17.99 -13.88
C ILE C 89 30.75 -17.77 -13.75
N THR C 90 31.42 -18.65 -13.03
CA THR C 90 32.87 -18.52 -12.84
C THR C 90 33.68 -18.74 -14.12
N ILE C 91 33.52 -19.91 -14.73
CA ILE C 91 34.28 -20.21 -15.95
C ILE C 91 33.96 -19.28 -17.11
N GLU C 92 32.77 -18.68 -17.07
CA GLU C 92 32.33 -17.79 -18.14
C GLU C 92 32.57 -16.31 -17.84
N ASN C 93 32.36 -15.91 -16.58
CA ASN C 93 32.56 -14.51 -16.22
C ASN C 93 33.90 -14.27 -15.55
N GLY C 94 34.37 -15.23 -14.76
CA GLY C 94 35.65 -15.07 -14.11
C GLY C 94 35.66 -14.96 -12.60
N LYS C 95 34.60 -14.38 -12.02
CA LYS C 95 34.54 -14.22 -10.57
C LYS C 95 34.61 -15.59 -9.88
N ASN C 96 35.26 -15.64 -8.72
CA ASN C 96 35.40 -16.89 -8.00
C ASN C 96 34.08 -17.47 -7.53
N THR C 97 34.13 -18.73 -7.11
CA THR C 97 32.97 -19.47 -6.64
C THR C 97 32.11 -18.76 -5.60
N LYS C 98 32.74 -18.14 -4.61
CA LYS C 98 32.02 -17.43 -3.55
C LYS C 98 31.16 -16.30 -4.11
N GLU C 99 31.78 -15.43 -4.90
CA GLU C 99 31.05 -14.31 -5.48
C GLU C 99 29.98 -14.82 -6.46
N ALA C 100 30.30 -15.89 -7.19
CA ALA C 100 29.35 -16.46 -8.15
C ALA C 100 28.17 -17.03 -7.37
N LEU C 101 28.48 -17.82 -6.35
CA LEU C 101 27.46 -18.42 -5.53
C LEU C 101 26.58 -17.28 -4.99
N GLY C 102 27.20 -16.13 -4.76
CA GLY C 102 26.47 -14.97 -4.27
C GLY C 102 25.48 -14.42 -5.28
N GLU C 103 25.87 -14.45 -6.55
CA GLU C 103 25.00 -13.96 -7.61
C GLU C 103 23.76 -14.83 -7.72
N VAL C 104 23.95 -16.14 -7.72
CA VAL C 104 22.85 -17.10 -7.82
C VAL C 104 21.81 -16.82 -6.75
N GLY C 105 22.28 -16.53 -5.54
CA GLY C 105 21.38 -16.24 -4.44
C GLY C 105 20.50 -15.03 -4.67
N ARG C 106 21.07 -13.95 -5.17
CA ARG C 106 20.31 -12.74 -5.41
C ARG C 106 19.35 -12.91 -6.59
N GLY C 107 19.74 -13.73 -7.57
CA GLY C 107 18.87 -13.96 -8.71
C GLY C 107 17.67 -14.79 -8.29
N ILE C 108 17.88 -15.63 -7.29
CA ILE C 108 16.79 -16.46 -6.79
C ILE C 108 15.82 -15.57 -6.01
N GLU C 109 16.38 -14.59 -5.29
CA GLU C 109 15.59 -13.63 -4.52
C GLU C 109 14.65 -12.90 -5.44
N ASN C 110 15.11 -12.66 -6.66
CA ASN C 110 14.29 -11.98 -7.64
C ASN C 110 13.08 -12.86 -7.96
N VAL C 111 13.31 -14.16 -8.13
CA VAL C 111 12.21 -15.08 -8.43
C VAL C 111 11.27 -15.14 -7.24
N GLU C 112 11.84 -15.18 -6.04
CA GLU C 112 11.04 -15.22 -4.83
C GLU C 112 10.12 -14.01 -4.73
N PHE C 113 10.65 -12.83 -5.03
CA PHE C 113 9.88 -11.60 -5.00
C PHE C 113 8.76 -11.62 -6.03
N ALA C 114 9.08 -12.10 -7.24
CA ALA C 114 8.10 -12.15 -8.31
C ALA C 114 7.04 -13.23 -8.05
N ALA C 115 7.37 -14.20 -7.21
CA ALA C 115 6.42 -15.27 -6.90
C ALA C 115 5.24 -14.72 -6.10
N GLY C 116 5.39 -13.52 -5.56
CA GLY C 116 4.30 -12.92 -4.80
C GLY C 116 3.46 -11.98 -5.65
N ALA C 117 3.51 -12.21 -6.96
CA ALA C 117 2.79 -11.40 -7.96
C ALA C 117 1.31 -11.15 -7.72
N PRO C 118 0.55 -12.17 -7.24
CA PRO C 118 -0.88 -11.96 -7.01
C PRO C 118 -1.18 -10.70 -6.21
N SER C 119 -0.51 -10.53 -5.06
CA SER C 119 -0.71 -9.36 -4.21
C SER C 119 -0.08 -8.10 -4.83
N LEU C 120 1.03 -8.29 -5.53
CA LEU C 120 1.73 -7.18 -6.17
C LEU C 120 0.92 -6.54 -7.29
N MET C 121 -0.07 -7.26 -7.83
CA MET C 121 -0.89 -6.76 -8.92
C MET C 121 -2.19 -6.09 -8.50
N MET C 122 -2.54 -6.18 -7.23
CA MET C 122 -3.80 -5.61 -6.75
C MET C 122 -4.01 -4.12 -6.98
N GLY C 123 -5.15 -3.79 -7.58
CA GLY C 123 -5.48 -2.40 -7.83
C GLY C 123 -6.29 -1.85 -6.66
N ASP C 124 -6.82 -0.65 -6.82
CA ASP C 124 -7.63 0.00 -5.77
C ASP C 124 -9.11 -0.10 -6.07
N SER C 125 -9.91 -0.25 -5.02
CA SER C 125 -11.35 -0.38 -5.19
C SER C 125 -12.15 0.35 -4.11
N LEU C 126 -13.21 1.02 -4.56
CA LEU C 126 -14.11 1.76 -3.67
C LEU C 126 -15.53 1.32 -3.96
N ALA C 127 -16.32 1.09 -2.91
CA ALA C 127 -17.70 0.68 -3.04
C ALA C 127 -18.59 1.82 -3.58
N SER C 128 -18.30 3.05 -3.16
CA SER C 128 -19.09 4.19 -3.60
C SER C 128 -18.32 5.50 -3.64
N ILE C 129 -18.19 6.09 -4.83
CA ILE C 129 -17.51 7.37 -4.99
C ILE C 129 -18.57 8.43 -5.26
N ALA C 130 -19.79 7.95 -5.48
CA ALA C 130 -20.95 8.78 -5.75
C ALA C 130 -22.18 7.88 -5.57
N THR C 131 -23.36 8.47 -5.47
CA THR C 131 -24.57 7.66 -5.30
C THR C 131 -24.69 6.62 -6.41
N ASP C 132 -24.76 5.34 -6.02
CA ASP C 132 -24.90 4.25 -6.98
C ASP C 132 -23.72 4.07 -7.94
N VAL C 133 -22.58 4.69 -7.63
CA VAL C 133 -21.41 4.58 -8.48
C VAL C 133 -20.20 4.04 -7.72
N GLU C 134 -19.61 2.96 -8.26
CA GLU C 134 -18.42 2.34 -7.67
C GLU C 134 -17.26 2.51 -8.66
N ALA C 135 -16.03 2.35 -8.18
CA ALA C 135 -14.87 2.50 -9.04
C ALA C 135 -13.70 1.67 -8.53
N ALA C 136 -12.99 1.06 -9.48
CA ALA C 136 -11.83 0.24 -9.17
C ALA C 136 -11.00 0.08 -10.43
N ASN C 137 -9.68 0.02 -10.26
CA ASN C 137 -8.81 -0.16 -11.42
C ASN C 137 -8.05 -1.46 -11.24
N TYR C 138 -7.61 -2.04 -12.36
CA TYR C 138 -6.89 -3.30 -12.35
C TYR C 138 -5.64 -3.24 -13.19
N ARG C 139 -4.68 -4.12 -12.90
CA ARG C 139 -3.42 -4.18 -13.64
C ARG C 139 -3.42 -5.31 -14.67
N TYR C 140 -2.83 -5.03 -15.83
CA TYR C 140 -2.74 -6.02 -16.88
C TYR C 140 -1.36 -5.99 -17.48
N PRO C 141 -0.90 -7.14 -18.02
CA PRO C 141 0.43 -7.16 -18.64
C PRO C 141 0.32 -6.32 -19.92
N ILE C 142 1.44 -5.91 -20.49
CA ILE C 142 1.39 -5.10 -21.71
C ILE C 142 1.65 -5.84 -23.01
N GLY C 143 2.08 -7.10 -22.93
CA GLY C 143 2.36 -7.87 -24.13
C GLY C 143 3.74 -8.50 -24.10
N VAL C 144 4.52 -8.25 -25.14
CA VAL C 144 5.87 -8.80 -25.20
C VAL C 144 6.90 -7.79 -24.67
N VAL C 145 7.77 -8.24 -23.78
CA VAL C 145 8.79 -7.38 -23.19
C VAL C 145 10.19 -7.81 -23.62
N GLY C 146 11.04 -6.83 -23.93
CA GLY C 146 12.39 -7.12 -24.35
C GLY C 146 13.41 -6.78 -23.26
N GLY C 147 14.41 -7.64 -23.10
CA GLY C 147 15.45 -7.42 -22.10
C GLY C 147 16.83 -7.57 -22.71
N ILE C 148 17.74 -6.68 -22.30
CA ILE C 148 19.11 -6.70 -22.80
C ILE C 148 20.06 -6.76 -21.60
N ALA C 149 20.83 -7.83 -21.49
CA ALA C 149 21.71 -8.03 -20.35
C ALA C 149 23.21 -7.86 -20.58
N PRO C 150 23.94 -7.45 -19.52
CA PRO C 150 25.39 -7.22 -19.52
C PRO C 150 26.15 -8.49 -19.13
N PHE C 151 27.46 -8.44 -19.27
CA PHE C 151 28.29 -9.61 -18.98
C PHE C 151 28.65 -9.74 -17.50
N ASN C 152 28.61 -8.62 -16.77
CA ASN C 152 29.00 -8.66 -15.37
C ASN C 152 28.12 -9.49 -14.46
N PHE C 153 26.87 -9.72 -14.84
CA PHE C 153 25.99 -10.55 -14.04
C PHE C 153 25.19 -11.46 -14.97
N PRO C 154 25.81 -12.55 -15.44
CA PRO C 154 25.15 -13.50 -16.34
C PRO C 154 23.84 -14.10 -15.84
N MET C 155 23.60 -14.06 -14.53
CA MET C 155 22.37 -14.60 -13.99
C MET C 155 21.45 -13.57 -13.34
N MET C 156 21.99 -12.84 -12.37
CA MET C 156 21.22 -11.86 -11.62
C MET C 156 20.44 -10.81 -12.42
N VAL C 157 21.11 -10.08 -13.29
CA VAL C 157 20.44 -9.05 -14.08
C VAL C 157 19.29 -9.67 -14.89
N PRO C 158 19.53 -10.81 -15.56
CA PRO C 158 18.42 -11.39 -16.33
C PRO C 158 17.25 -11.73 -15.40
N CYS C 159 17.56 -12.21 -14.20
CA CYS C 159 16.52 -12.57 -13.23
C CYS C 159 15.73 -11.37 -12.73
N TRP C 160 16.28 -10.18 -12.93
CA TRP C 160 15.62 -8.93 -12.55
C TRP C 160 14.43 -8.68 -13.47
N MET C 161 14.56 -9.17 -14.70
CA MET C 161 13.58 -8.91 -15.74
C MET C 161 12.52 -9.94 -16.10
N PHE C 162 12.93 -11.07 -16.64
CA PHE C 162 11.95 -12.06 -17.07
C PHE C 162 11.11 -12.76 -15.98
N PRO C 163 11.70 -13.07 -14.82
CA PRO C 163 10.82 -13.73 -13.84
C PRO C 163 9.59 -12.87 -13.50
N MET C 164 9.83 -11.62 -13.12
CA MET C 164 8.73 -10.71 -12.75
C MET C 164 7.82 -10.34 -13.93
N ALA C 165 8.39 -10.07 -15.09
CA ALA C 165 7.59 -9.70 -16.26
C ALA C 165 6.65 -10.86 -16.64
N ILE C 166 7.19 -12.07 -16.63
CA ILE C 166 6.42 -13.25 -16.97
C ILE C 166 5.33 -13.54 -15.93
N ALA C 167 5.66 -13.37 -14.64
CA ALA C 167 4.68 -13.64 -13.59
C ALA C 167 3.50 -12.67 -13.68
N LEU C 168 3.76 -11.48 -14.20
CA LEU C 168 2.73 -10.47 -14.35
C LEU C 168 1.87 -10.66 -15.60
N GLY C 169 2.19 -11.69 -16.38
CA GLY C 169 1.40 -11.97 -17.58
C GLY C 169 2.00 -11.65 -18.94
N ASN C 170 3.18 -11.04 -18.98
CA ASN C 170 3.81 -10.70 -20.26
C ASN C 170 4.63 -11.88 -20.78
N THR C 171 5.00 -11.82 -22.06
CA THR C 171 5.85 -12.85 -22.64
C THR C 171 7.17 -12.12 -22.75
N PHE C 172 8.27 -12.86 -22.87
CA PHE C 172 9.59 -12.23 -22.87
C PHE C 172 10.60 -12.65 -23.94
N ILE C 173 11.41 -11.69 -24.38
CA ILE C 173 12.47 -11.96 -25.33
C ILE C 173 13.74 -11.42 -24.70
N LEU C 174 14.65 -12.32 -24.33
CA LEU C 174 15.90 -11.92 -23.71
C LEU C 174 17.10 -12.01 -24.63
N LYS C 175 17.98 -11.01 -24.56
CA LYS C 175 19.20 -11.04 -25.35
C LYS C 175 20.34 -11.01 -24.36
N PRO C 176 20.76 -12.19 -23.87
CA PRO C 176 21.86 -12.18 -22.91
C PRO C 176 23.13 -11.60 -23.52
N SER C 177 24.16 -11.42 -22.68
CA SER C 177 25.43 -10.87 -23.12
C SER C 177 26.16 -11.89 -23.99
N GLU C 178 26.53 -11.49 -25.21
CA GLU C 178 27.23 -12.38 -26.11
C GLU C 178 28.54 -12.85 -25.48
N ARG C 179 28.94 -12.22 -24.39
CA ARG C 179 30.17 -12.62 -23.70
C ARG C 179 29.93 -13.69 -22.63
N THR C 180 28.75 -13.69 -22.02
CA THR C 180 28.39 -14.67 -20.97
C THR C 180 27.03 -15.28 -21.24
N PRO C 181 26.88 -16.03 -22.35
CA PRO C 181 25.63 -16.67 -22.73
C PRO C 181 25.27 -18.00 -22.06
N LEU C 182 26.28 -18.76 -21.65
CA LEU C 182 26.05 -20.07 -21.04
C LEU C 182 25.09 -20.13 -19.85
N LEU C 183 25.15 -19.16 -18.96
CA LEU C 183 24.27 -19.19 -17.79
C LEU C 183 22.78 -19.15 -18.19
N THR C 184 22.43 -18.24 -19.10
CA THR C 184 21.06 -18.10 -19.56
C THR C 184 20.48 -19.40 -20.13
N GLU C 185 21.35 -20.21 -20.73
CA GLU C 185 20.95 -21.48 -21.32
C GLU C 185 20.37 -22.38 -20.24
N LYS C 186 20.98 -22.32 -19.06
CA LYS C 186 20.56 -23.13 -17.92
C LYS C 186 19.24 -22.59 -17.35
N LEU C 187 19.10 -21.27 -17.33
CA LEU C 187 17.87 -20.65 -16.81
C LEU C 187 16.68 -21.13 -17.63
N VAL C 188 16.84 -21.15 -18.95
CA VAL C 188 15.80 -21.60 -19.86
C VAL C 188 15.38 -23.00 -19.50
N GLU C 189 16.36 -23.89 -19.41
CA GLU C 189 16.15 -25.29 -19.08
C GLU C 189 15.32 -25.45 -17.82
N LEU C 190 15.78 -24.83 -16.73
CA LEU C 190 15.09 -24.93 -15.46
C LEU C 190 13.72 -24.25 -15.47
N PHE C 191 13.55 -23.23 -16.29
CA PHE C 191 12.26 -22.56 -16.31
C PHE C 191 11.27 -23.42 -17.11
N GLU C 192 11.81 -24.24 -17.99
CA GLU C 192 10.98 -25.14 -18.79
C GLU C 192 10.58 -26.29 -17.87
N LYS C 193 11.51 -26.76 -17.05
CA LYS C 193 11.23 -27.82 -16.10
C LYS C 193 10.17 -27.36 -15.09
N ALA C 194 10.25 -26.08 -14.72
CA ALA C 194 9.30 -25.50 -13.77
C ALA C 194 7.87 -25.61 -14.27
N GLY C 195 7.72 -25.73 -15.59
CA GLY C 195 6.39 -25.85 -16.17
C GLY C 195 5.98 -24.68 -17.05
N LEU C 196 6.91 -23.79 -17.36
CA LEU C 196 6.58 -22.64 -18.20
C LEU C 196 6.20 -23.10 -19.63
N PRO C 197 5.03 -22.69 -20.10
CA PRO C 197 4.57 -23.06 -21.44
C PRO C 197 5.42 -22.45 -22.57
N LYS C 198 5.29 -23.02 -23.77
CA LYS C 198 6.07 -22.55 -24.92
C LYS C 198 5.84 -21.11 -25.34
N GLY C 199 6.89 -20.48 -25.87
CA GLY C 199 6.81 -19.11 -26.33
C GLY C 199 6.68 -18.02 -25.30
N VAL C 200 6.69 -18.38 -24.02
CA VAL C 200 6.58 -17.38 -22.96
C VAL C 200 7.94 -16.77 -22.58
N PHE C 201 8.98 -17.60 -22.57
CA PHE C 201 10.33 -17.13 -22.26
C PHE C 201 11.20 -17.43 -23.48
N ASN C 202 11.56 -16.41 -24.25
CA ASN C 202 12.37 -16.57 -25.46
C ASN C 202 13.76 -15.96 -25.34
N VAL C 203 14.77 -16.68 -25.83
CA VAL C 203 16.14 -16.22 -25.78
C VAL C 203 16.79 -16.12 -27.16
N VAL C 204 17.19 -14.92 -27.54
CA VAL C 204 17.84 -14.70 -28.83
C VAL C 204 19.24 -14.13 -28.63
N TYR C 205 20.25 -14.97 -28.80
CA TYR C 205 21.64 -14.55 -28.66
C TYR C 205 22.07 -13.67 -29.81
N GLY C 206 23.01 -12.75 -29.53
CA GLY C 206 23.48 -11.88 -30.58
C GLY C 206 24.07 -10.57 -30.11
N ALA C 207 23.98 -9.56 -30.98
CA ALA C 207 24.52 -8.24 -30.68
C ALA C 207 23.60 -7.13 -31.17
N HIS C 208 24.14 -6.26 -32.01
CA HIS C 208 23.41 -5.10 -32.53
C HIS C 208 22.12 -5.35 -33.32
N ASP C 209 22.15 -6.28 -34.27
CA ASP C 209 20.95 -6.57 -35.06
C ASP C 209 19.78 -6.90 -34.14
N VAL C 210 20.02 -7.80 -33.20
CA VAL C 210 19.00 -8.21 -32.24
C VAL C 210 18.50 -7.03 -31.43
N VAL C 211 19.42 -6.24 -30.90
CA VAL C 211 19.05 -5.06 -30.12
C VAL C 211 18.12 -4.16 -30.90
N ASN C 212 18.54 -3.79 -32.11
CA ASN C 212 17.73 -2.92 -32.95
C ASN C 212 16.39 -3.54 -33.30
N GLY C 213 16.37 -4.87 -33.48
CA GLY C 213 15.12 -5.55 -33.77
C GLY C 213 14.17 -5.41 -32.59
N ILE C 214 14.73 -5.47 -31.39
CA ILE C 214 13.95 -5.33 -30.17
C ILE C 214 13.40 -3.91 -30.10
N LEU C 215 14.24 -2.94 -30.45
CA LEU C 215 13.84 -1.53 -30.42
C LEU C 215 12.82 -1.22 -31.51
N GLU C 216 13.01 -1.82 -32.68
CA GLU C 216 12.14 -1.57 -33.82
C GLU C 216 10.85 -2.38 -33.90
N HIS C 217 10.84 -3.59 -33.37
CA HIS C 217 9.65 -4.39 -33.47
C HIS C 217 8.46 -3.81 -32.71
N PRO C 218 7.32 -3.62 -33.38
CA PRO C 218 6.10 -3.07 -32.79
C PRO C 218 5.36 -4.00 -31.84
N GLU C 219 5.79 -5.25 -31.76
CA GLU C 219 5.14 -6.20 -30.85
C GLU C 219 5.73 -6.11 -29.44
N ILE C 220 6.98 -5.64 -29.39
CA ILE C 220 7.71 -5.50 -28.13
C ILE C 220 7.42 -4.12 -27.52
N LYS C 221 6.39 -4.05 -26.69
CA LYS C 221 5.96 -2.81 -26.06
C LYS C 221 6.80 -2.21 -24.93
N ALA C 222 7.75 -2.97 -24.38
CA ALA C 222 8.59 -2.45 -23.29
C ALA C 222 10.02 -2.98 -23.37
N ILE C 223 10.96 -2.13 -22.97
CA ILE C 223 12.37 -2.49 -23.01
C ILE C 223 13.10 -2.24 -21.70
N SER C 224 13.81 -3.26 -21.23
CA SER C 224 14.58 -3.17 -20.00
C SER C 224 16.02 -3.38 -20.45
N PHE C 225 16.81 -2.32 -20.38
CA PHE C 225 18.21 -2.41 -20.76
C PHE C 225 19.11 -2.18 -19.58
N VAL C 226 20.11 -3.03 -19.45
CA VAL C 226 21.07 -2.92 -18.39
C VAL C 226 22.44 -3.01 -19.07
N GLY C 227 23.25 -1.96 -18.93
CA GLY C 227 24.57 -1.95 -19.53
C GLY C 227 25.29 -0.62 -19.42
N SER C 228 26.27 -0.40 -20.29
CA SER C 228 27.06 0.82 -20.32
C SER C 228 26.23 2.06 -20.60
N LYS C 229 26.73 3.22 -20.18
CA LYS C 229 26.03 4.49 -20.38
C LYS C 229 25.80 4.83 -21.86
N PRO C 230 26.86 4.84 -22.68
CA PRO C 230 26.64 5.16 -24.10
C PRO C 230 25.59 4.29 -24.79
N VAL C 231 25.66 2.98 -24.60
CA VAL C 231 24.70 2.07 -25.21
C VAL C 231 23.30 2.23 -24.63
N GLY C 232 23.23 2.38 -23.30
CA GLY C 232 21.95 2.54 -22.63
C GLY C 232 21.27 3.85 -23.00
N GLU C 233 22.06 4.89 -23.22
CA GLU C 233 21.53 6.18 -23.59
C GLU C 233 20.95 6.07 -24.99
N TYR C 234 21.62 5.30 -25.84
CA TYR C 234 21.19 5.10 -27.20
C TYR C 234 19.87 4.32 -27.19
N VAL C 235 19.81 3.25 -26.40
CA VAL C 235 18.62 2.44 -26.32
C VAL C 235 17.42 3.24 -25.81
N TYR C 236 17.65 4.11 -24.83
CA TYR C 236 16.56 4.91 -24.29
C TYR C 236 15.98 5.84 -25.35
N LYS C 237 16.85 6.56 -26.05
CA LYS C 237 16.40 7.48 -27.09
C LYS C 237 15.70 6.78 -28.25
N LYS C 238 16.34 5.77 -28.82
CA LYS C 238 15.78 4.99 -29.92
C LYS C 238 14.41 4.42 -29.53
N GLY C 239 14.35 3.81 -28.35
CA GLY C 239 13.11 3.22 -27.88
C GLY C 239 12.00 4.23 -27.73
N SER C 240 12.34 5.43 -27.27
CA SER C 240 11.35 6.47 -27.10
C SER C 240 10.91 6.98 -28.47
N GLU C 241 11.84 6.96 -29.42
CA GLU C 241 11.52 7.39 -30.78
C GLU C 241 10.47 6.45 -31.34
N ASN C 242 10.55 5.18 -30.94
CA ASN C 242 9.61 4.18 -31.39
C ASN C 242 8.37 4.11 -30.52
N LEU C 243 8.21 5.12 -29.66
CA LEU C 243 7.06 5.23 -28.78
C LEU C 243 6.79 4.04 -27.85
N LYS C 244 7.83 3.52 -27.21
CA LYS C 244 7.67 2.41 -26.28
C LYS C 244 8.41 2.71 -24.98
N ARG C 245 7.84 2.27 -23.86
CA ARG C 245 8.45 2.52 -22.57
C ARG C 245 9.74 1.74 -22.43
N VAL C 246 10.75 2.38 -21.86
CA VAL C 246 12.03 1.74 -21.66
C VAL C 246 12.68 2.24 -20.38
N GLN C 247 13.53 1.40 -19.80
CA GLN C 247 14.27 1.75 -18.61
C GLN C 247 15.69 1.28 -18.88
N SER C 248 16.65 2.17 -18.71
CA SER C 248 18.04 1.83 -18.94
C SER C 248 18.86 2.06 -17.69
N LEU C 249 19.36 0.99 -17.10
CA LEU C 249 20.19 1.10 -15.92
C LEU C 249 21.61 1.07 -16.46
N THR C 250 22.25 2.24 -16.45
CA THR C 250 23.56 2.43 -17.01
C THR C 250 24.77 2.49 -16.07
N GLY C 251 25.85 3.06 -16.61
CA GLY C 251 27.12 3.20 -15.90
C GLY C 251 27.12 3.78 -14.49
N ALA C 252 28.24 3.61 -13.81
CA ALA C 252 28.41 4.08 -12.45
C ALA C 252 29.86 4.48 -12.13
N LYS C 253 30.00 5.34 -11.12
CA LYS C 253 31.30 5.78 -10.64
C LYS C 253 30.98 6.05 -9.18
N ASN C 254 30.68 4.98 -8.46
CA ASN C 254 30.31 5.07 -7.06
C ASN C 254 31.44 5.47 -6.13
N HIS C 255 31.10 6.39 -5.22
CA HIS C 255 32.02 6.92 -4.22
C HIS C 255 31.71 6.37 -2.84
N THR C 256 32.75 6.15 -2.05
CA THR C 256 32.58 5.67 -0.70
C THR C 256 33.20 6.74 0.19
N ILE C 257 32.44 7.22 1.17
CA ILE C 257 32.92 8.24 2.08
C ILE C 257 33.33 7.59 3.40
N VAL C 258 34.58 7.78 3.79
CA VAL C 258 35.10 7.23 5.05
C VAL C 258 35.39 8.40 5.99
N LEU C 259 34.64 8.50 7.09
CA LEU C 259 34.84 9.59 8.04
C LEU C 259 35.75 9.16 9.19
N ASN C 260 36.29 10.13 9.91
CA ASN C 260 37.20 9.85 11.01
C ASN C 260 36.75 8.78 12.03
N ASP C 261 35.46 8.74 12.35
CA ASP C 261 34.93 7.79 13.32
C ASP C 261 34.58 6.43 12.72
N ALA C 262 35.05 6.17 11.51
CA ALA C 262 34.74 4.89 10.85
C ALA C 262 35.45 3.73 11.52
N ASN C 263 34.80 2.57 11.53
CA ASN C 263 35.43 1.39 12.10
C ASN C 263 36.32 0.85 10.98
N LEU C 264 37.62 1.11 11.07
CA LEU C 264 38.58 0.70 10.05
C LEU C 264 38.64 -0.77 9.69
N GLU C 265 38.55 -1.64 10.69
CA GLU C 265 38.57 -3.07 10.44
C GLU C 265 37.52 -3.39 9.36
N ASP C 266 36.25 -3.21 9.73
CA ASP C 266 35.13 -3.47 8.83
C ASP C 266 35.18 -2.68 7.51
N THR C 267 35.59 -1.42 7.59
CA THR C 267 35.65 -0.56 6.43
C THR C 267 36.61 -1.02 5.34
N VAL C 268 37.85 -1.29 5.74
CA VAL C 268 38.88 -1.71 4.78
C VAL C 268 38.47 -2.98 4.05
N THR C 269 37.89 -3.94 4.78
CA THR C 269 37.45 -5.19 4.17
C THR C 269 36.30 -4.96 3.19
N ASN C 270 35.29 -4.19 3.58
CA ASN C 270 34.15 -3.93 2.69
C ASN C 270 34.60 -3.21 1.42
N ILE C 271 35.50 -2.26 1.60
CA ILE C 271 36.02 -1.46 0.49
C ILE C 271 36.89 -2.29 -0.44
N VAL C 272 37.79 -3.10 0.10
CA VAL C 272 38.63 -3.92 -0.76
C VAL C 272 37.75 -4.83 -1.62
N GLY C 273 36.69 -5.38 -1.02
CA GLY C 273 35.77 -6.24 -1.75
C GLY C 273 34.90 -5.48 -2.74
N ALA C 274 34.48 -4.27 -2.39
CA ALA C 274 33.64 -3.48 -3.29
C ALA C 274 34.45 -2.94 -4.46
N ALA C 275 35.75 -2.74 -4.24
CA ALA C 275 36.61 -2.20 -5.27
C ALA C 275 37.27 -3.26 -6.15
N PHE C 276 37.67 -4.38 -5.55
CA PHE C 276 38.36 -5.42 -6.30
C PHE C 276 37.64 -6.74 -6.52
N GLY C 277 36.54 -6.96 -5.80
CA GLY C 277 35.80 -8.18 -5.99
C GLY C 277 35.25 -8.18 -7.40
N SER C 278 35.09 -9.35 -7.98
CA SER C 278 34.57 -9.44 -9.34
C SER C 278 35.35 -8.57 -10.30
N ALA C 279 36.67 -8.47 -10.06
CA ALA C 279 37.55 -7.67 -10.91
C ALA C 279 37.04 -6.24 -11.08
N GLY C 280 36.27 -5.77 -10.11
CA GLY C 280 35.73 -4.42 -10.14
C GLY C 280 34.67 -4.23 -11.21
N GLU C 281 34.25 -5.31 -11.84
CA GLU C 281 33.24 -5.24 -12.91
C GLU C 281 31.84 -5.29 -12.31
N ARG C 282 31.52 -4.24 -11.56
CA ARG C 282 30.23 -4.14 -10.89
C ARG C 282 29.68 -2.71 -10.96
N CYS C 283 28.38 -2.61 -11.22
CA CYS C 283 27.72 -1.31 -11.29
C CYS C 283 27.67 -0.73 -9.86
N MET C 284 27.99 -1.58 -8.89
CA MET C 284 28.01 -1.21 -7.48
C MET C 284 29.42 -1.18 -6.95
N ALA C 285 30.40 -1.35 -7.83
CA ALA C 285 31.81 -1.35 -7.42
C ALA C 285 32.26 0.00 -6.89
N CYS C 286 33.07 -0.01 -5.84
CA CYS C 286 33.58 1.23 -5.28
C CYS C 286 34.67 1.71 -6.20
N ALA C 287 34.43 2.85 -6.85
CA ALA C 287 35.41 3.40 -7.79
C ALA C 287 36.26 4.48 -7.14
N VAL C 288 35.66 5.24 -6.23
CA VAL C 288 36.39 6.30 -5.57
C VAL C 288 36.12 6.32 -4.08
N VAL C 289 37.18 6.60 -3.31
CA VAL C 289 37.08 6.71 -1.87
C VAL C 289 37.49 8.12 -1.46
N THR C 290 36.62 8.80 -0.72
CA THR C 290 36.93 10.13 -0.24
C THR C 290 37.06 9.96 1.27
N VAL C 291 38.30 9.91 1.76
CA VAL C 291 38.55 9.72 3.19
C VAL C 291 38.90 11.02 3.90
N GLU C 292 38.36 11.17 5.10
CA GLU C 292 38.57 12.35 5.91
C GLU C 292 40.03 12.44 6.42
N GLU C 293 40.57 13.65 6.48
CA GLU C 293 41.94 13.91 6.90
C GLU C 293 42.42 13.13 8.14
N GLY C 294 41.70 13.28 9.24
CA GLY C 294 42.07 12.62 10.47
C GLY C 294 42.31 11.12 10.44
N ILE C 295 41.59 10.41 9.59
CA ILE C 295 41.74 8.96 9.51
C ILE C 295 42.39 8.52 8.21
N ALA C 296 42.67 9.48 7.34
CA ALA C 296 43.27 9.19 6.04
C ALA C 296 44.57 8.37 6.11
N ASP C 297 45.53 8.83 6.91
CA ASP C 297 46.82 8.12 7.03
C ASP C 297 46.66 6.63 7.38
N GLU C 298 45.92 6.34 8.44
CA GLU C 298 45.73 4.95 8.86
C GLU C 298 44.94 4.13 7.85
N PHE C 299 43.99 4.77 7.18
CA PHE C 299 43.19 4.09 6.19
C PHE C 299 44.07 3.61 5.04
N MET C 300 44.94 4.48 4.53
CA MET C 300 45.82 4.10 3.43
C MET C 300 46.78 3.00 3.86
N ALA C 301 47.28 3.09 5.09
CA ALA C 301 48.19 2.08 5.60
C ALA C 301 47.49 0.73 5.68
N LYS C 302 46.31 0.70 6.29
CA LYS C 302 45.55 -0.54 6.40
C LYS C 302 44.97 -1.02 5.07
N LEU C 303 44.72 -0.09 4.15
CA LEU C 303 44.20 -0.45 2.83
C LEU C 303 45.28 -1.21 2.04
N GLN C 304 46.50 -0.71 2.08
CA GLN C 304 47.61 -1.34 1.37
C GLN C 304 47.91 -2.73 1.89
N GLU C 305 47.86 -2.89 3.20
CA GLU C 305 48.12 -4.18 3.83
C GLU C 305 47.11 -5.20 3.31
N LYS C 306 45.83 -4.87 3.43
CA LYS C 306 44.78 -5.77 2.98
C LYS C 306 44.94 -6.10 1.50
N VAL C 307 45.15 -5.08 0.68
CA VAL C 307 45.29 -5.25 -0.76
C VAL C 307 46.50 -6.10 -1.16
N ALA C 308 47.49 -6.17 -0.27
CA ALA C 308 48.69 -6.94 -0.56
C ALA C 308 48.46 -8.44 -0.43
N ASP C 309 47.41 -8.84 0.28
CA ASP C 309 47.11 -10.25 0.46
C ASP C 309 46.13 -10.82 -0.55
N ILE C 310 45.87 -10.08 -1.62
CA ILE C 310 44.93 -10.56 -2.63
C ILE C 310 45.55 -11.58 -3.58
N LYS C 311 44.96 -12.76 -3.62
CA LYS C 311 45.43 -13.81 -4.51
C LYS C 311 44.73 -13.66 -5.85
N ILE C 312 45.51 -13.64 -6.91
CA ILE C 312 44.99 -13.50 -8.26
C ILE C 312 45.06 -14.87 -8.94
N GLY C 313 43.98 -15.28 -9.61
CA GLY C 313 44.01 -16.57 -10.27
C GLY C 313 42.68 -17.09 -10.78
N ASN C 314 42.62 -18.40 -11.02
CA ASN C 314 41.40 -19.02 -11.51
C ASN C 314 40.35 -18.99 -10.41
N GLY C 315 39.17 -18.50 -10.76
CA GLY C 315 38.08 -18.40 -9.81
C GLY C 315 37.68 -19.71 -9.17
N LEU C 316 38.06 -20.83 -9.78
CA LEU C 316 37.72 -22.14 -9.23
C LEU C 316 38.57 -22.49 -8.00
N ASP C 317 39.85 -22.11 -8.02
CA ASP C 317 40.77 -22.40 -6.92
C ASP C 317 40.33 -21.65 -5.69
N ASP C 318 40.38 -22.30 -4.53
CA ASP C 318 40.02 -21.60 -3.31
C ASP C 318 41.21 -20.71 -3.00
N GLY C 319 41.03 -19.71 -2.15
CA GLY C 319 42.13 -18.83 -1.83
C GLY C 319 42.20 -17.71 -2.85
N VAL C 320 41.60 -17.91 -4.01
CA VAL C 320 41.62 -16.85 -5.03
C VAL C 320 40.57 -15.79 -4.71
N PHE C 321 41.04 -14.54 -4.61
CA PHE C 321 40.17 -13.41 -4.33
C PHE C 321 39.84 -12.72 -5.66
N LEU C 322 40.88 -12.36 -6.38
CA LEU C 322 40.75 -11.65 -7.66
C LEU C 322 40.90 -12.52 -8.90
N GLY C 323 39.86 -12.49 -9.72
CA GLY C 323 39.85 -13.22 -10.98
C GLY C 323 40.32 -12.30 -12.08
N PRO C 324 40.04 -12.62 -13.35
CA PRO C 324 40.47 -11.76 -14.46
C PRO C 324 39.39 -10.87 -15.01
N VAL C 325 39.79 -9.85 -15.75
CA VAL C 325 38.81 -8.98 -16.38
C VAL C 325 38.20 -9.84 -17.48
N ILE C 326 37.04 -9.45 -17.97
CA ILE C 326 36.33 -10.23 -18.97
C ILE C 326 37.01 -10.57 -20.32
N ARG C 327 37.56 -9.57 -21.00
CA ARG C 327 38.18 -9.84 -22.30
C ARG C 327 39.56 -9.19 -22.42
N GLU C 328 40.30 -9.61 -23.44
CA GLU C 328 41.63 -9.08 -23.71
C GLU C 328 41.56 -7.57 -23.94
N ASP C 329 40.55 -7.17 -24.70
CA ASP C 329 40.32 -5.77 -25.01
C ASP C 329 40.22 -4.94 -23.71
N ASN C 330 39.49 -5.47 -22.73
CA ASN C 330 39.30 -4.78 -21.46
C ASN C 330 40.59 -4.69 -20.63
N LYS C 331 41.47 -5.67 -20.77
CA LYS C 331 42.73 -5.64 -20.03
C LYS C 331 43.60 -4.48 -20.51
N LYS C 332 43.58 -4.24 -21.81
CA LYS C 332 44.37 -3.17 -22.40
C LYS C 332 43.84 -1.80 -21.99
N ARG C 333 42.51 -1.65 -22.02
CA ARG C 333 41.88 -0.40 -21.64
C ARG C 333 42.27 -0.03 -20.21
N THR C 334 42.36 -1.04 -19.35
CA THR C 334 42.73 -0.83 -17.94
C THR C 334 44.17 -0.33 -17.84
N LEU C 335 45.10 -1.03 -18.51
CA LEU C 335 46.50 -0.64 -18.47
C LEU C 335 46.65 0.77 -19.05
N SER C 336 45.80 1.09 -20.00
CA SER C 336 45.83 2.40 -20.62
C SER C 336 45.39 3.44 -19.59
N TYR C 337 44.34 3.12 -18.84
CA TYR C 337 43.85 4.02 -17.81
C TYR C 337 44.91 4.24 -16.75
N ILE C 338 45.61 3.18 -16.37
CA ILE C 338 46.66 3.28 -15.37
C ILE C 338 47.71 4.24 -15.91
N GLU C 339 48.02 4.08 -17.20
CA GLU C 339 48.99 4.93 -17.88
C GLU C 339 48.50 6.37 -17.85
N LYS C 340 47.22 6.56 -18.16
CA LYS C 340 46.60 7.88 -18.17
C LYS C 340 46.66 8.55 -16.80
N GLY C 341 46.45 7.76 -15.74
CA GLY C 341 46.50 8.28 -14.40
C GLY C 341 47.84 8.90 -14.09
N LEU C 342 48.91 8.15 -14.38
CA LEU C 342 50.27 8.64 -14.14
C LEU C 342 50.52 9.92 -14.93
N GLU C 343 50.05 9.94 -16.17
CA GLU C 343 50.24 11.11 -17.01
C GLU C 343 49.52 12.35 -16.50
N GLU C 344 48.36 12.16 -15.86
CA GLU C 344 47.57 13.27 -15.34
C GLU C 344 48.02 13.79 -13.98
N GLY C 345 49.01 13.15 -13.38
CA GLY C 345 49.49 13.62 -12.09
C GLY C 345 49.08 12.79 -10.89
N ALA C 346 48.32 11.72 -11.13
CA ALA C 346 47.87 10.86 -10.04
C ALA C 346 49.04 10.03 -9.53
N ARG C 347 49.08 9.79 -8.22
CA ARG C 347 50.16 9.01 -7.63
C ARG C 347 49.79 7.54 -7.47
N LEU C 348 50.59 6.66 -8.04
CA LEU C 348 50.35 5.22 -7.95
C LEU C 348 50.77 4.73 -6.56
N VAL C 349 49.81 4.18 -5.83
CA VAL C 349 50.09 3.65 -4.50
C VAL C 349 50.32 2.16 -4.64
N CYS C 350 49.60 1.57 -5.59
CA CYS C 350 49.66 0.14 -5.83
C CYS C 350 49.57 -0.10 -7.34
N ASP C 351 50.54 -0.81 -7.89
CA ASP C 351 50.58 -1.08 -9.32
C ASP C 351 50.13 -2.49 -9.67
N GLY C 352 49.03 -2.58 -10.39
CA GLY C 352 48.50 -3.87 -10.79
C GLY C 352 49.02 -4.33 -12.14
N ARG C 353 49.89 -3.54 -12.75
CA ARG C 353 50.47 -3.90 -14.03
C ARG C 353 51.56 -4.95 -13.82
N GLU C 354 51.97 -5.14 -12.57
CA GLU C 354 53.03 -6.08 -12.28
C GLU C 354 52.61 -7.38 -11.62
N ASN C 355 53.42 -8.42 -11.85
CA ASN C 355 53.21 -9.77 -11.31
C ASN C 355 51.86 -10.39 -11.63
N VAL C 356 51.45 -10.31 -12.90
CA VAL C 356 50.18 -10.89 -13.29
C VAL C 356 50.39 -11.98 -14.33
N SER C 357 49.75 -13.12 -14.12
CA SER C 357 49.85 -14.26 -15.02
C SER C 357 49.31 -13.90 -16.40
N ASP C 358 49.77 -14.60 -17.42
CA ASP C 358 49.33 -14.34 -18.78
C ASP C 358 48.40 -15.45 -19.28
N ASP C 359 48.08 -16.38 -18.38
CA ASP C 359 47.19 -17.50 -18.69
C ASP C 359 45.81 -16.97 -19.04
N GLY C 360 45.43 -15.90 -18.35
CA GLY C 360 44.14 -15.28 -18.58
C GLY C 360 44.29 -13.77 -18.67
N TYR C 361 43.17 -13.07 -18.74
CA TYR C 361 43.17 -11.61 -18.83
C TYR C 361 43.28 -11.00 -17.43
N PHE C 362 44.40 -11.27 -16.77
CA PHE C 362 44.65 -10.80 -15.40
C PHE C 362 45.29 -9.43 -15.24
N VAL C 363 44.80 -8.70 -14.25
CA VAL C 363 45.28 -7.37 -13.90
C VAL C 363 45.22 -7.29 -12.39
N GLY C 364 46.35 -6.98 -11.76
CA GLY C 364 46.37 -6.91 -10.31
C GLY C 364 45.63 -5.69 -9.79
N PRO C 365 45.31 -5.65 -8.50
CA PRO C 365 44.60 -4.45 -8.03
C PRO C 365 45.50 -3.22 -8.15
N THR C 366 44.88 -2.09 -8.46
CA THR C 366 45.62 -0.84 -8.58
C THR C 366 44.91 0.22 -7.77
N ILE C 367 45.68 1.09 -7.13
CA ILE C 367 45.06 2.17 -6.37
C ILE C 367 45.90 3.44 -6.61
N PHE C 368 45.22 4.53 -6.97
CA PHE C 368 45.88 5.79 -7.20
C PHE C 368 45.65 6.70 -6.00
N ASP C 369 46.57 7.61 -5.77
CA ASP C 369 46.49 8.54 -4.67
C ASP C 369 46.46 9.94 -5.28
N ASN C 370 46.14 10.95 -4.48
CA ASN C 370 46.14 12.32 -4.97
C ASN C 370 45.40 12.54 -6.28
N VAL C 371 44.19 12.03 -6.43
CA VAL C 371 43.50 12.27 -7.70
C VAL C 371 42.53 13.42 -7.50
N THR C 372 42.17 14.08 -8.60
CA THR C 372 41.26 15.21 -8.57
C THR C 372 40.13 14.97 -9.56
N THR C 373 39.08 15.79 -9.47
CA THR C 373 37.94 15.67 -10.37
C THR C 373 38.30 16.16 -11.78
N GLU C 374 39.57 16.52 -11.98
CA GLU C 374 40.04 16.98 -13.28
C GLU C 374 40.50 15.78 -14.09
N MET C 375 41.00 14.77 -13.39
CA MET C 375 41.53 13.59 -14.03
C MET C 375 40.53 12.64 -14.66
N THR C 376 40.96 12.03 -15.76
CA THR C 376 40.15 11.08 -16.51
C THR C 376 39.83 9.81 -15.72
N ILE C 377 40.74 9.40 -14.84
CA ILE C 377 40.51 8.19 -14.05
C ILE C 377 39.43 8.41 -12.99
N TRP C 378 38.97 9.66 -12.87
CA TRP C 378 37.92 10.00 -11.93
C TRP C 378 36.59 10.21 -12.68
N LYS C 379 36.69 10.80 -13.87
CA LYS C 379 35.52 11.07 -14.69
C LYS C 379 34.99 9.83 -15.41
N ASP C 380 35.88 8.91 -15.76
CA ASP C 380 35.48 7.71 -16.48
C ASP C 380 35.24 6.51 -15.59
N GLU C 381 34.33 5.65 -16.02
CA GLU C 381 34.04 4.41 -15.30
C GLU C 381 35.08 3.45 -15.86
N ILE C 382 36.04 3.03 -15.06
CA ILE C 382 37.07 2.12 -15.55
C ILE C 382 36.58 0.68 -15.59
N PHE C 383 35.76 0.28 -14.62
CA PHE C 383 35.21 -1.07 -14.59
C PHE C 383 36.29 -2.15 -14.56
N ALA C 384 37.27 -1.98 -13.68
CA ALA C 384 38.36 -2.93 -13.54
C ALA C 384 38.99 -2.71 -12.16
N PRO C 385 39.94 -3.56 -11.77
CA PRO C 385 40.56 -3.37 -10.45
C PRO C 385 41.40 -2.09 -10.27
N VAL C 386 40.76 -0.93 -10.39
CA VAL C 386 41.41 0.37 -10.25
C VAL C 386 40.62 1.29 -9.29
N LEU C 387 41.18 1.53 -8.11
CA LEU C 387 40.55 2.37 -7.09
C LEU C 387 41.30 3.68 -6.93
N SER C 388 40.60 4.81 -7.00
CA SER C 388 41.22 6.13 -6.80
C SER C 388 40.87 6.64 -5.41
N VAL C 389 41.84 7.22 -4.70
CA VAL C 389 41.58 7.73 -3.35
C VAL C 389 41.79 9.23 -3.27
N ILE C 390 40.89 9.92 -2.57
CA ILE C 390 40.94 11.38 -2.42
C ILE C 390 40.75 11.82 -0.96
N ARG C 391 41.63 12.69 -0.47
CA ARG C 391 41.51 13.17 0.90
C ARG C 391 40.64 14.42 0.91
N VAL C 392 39.67 14.44 1.80
CA VAL C 392 38.77 15.58 1.90
C VAL C 392 38.79 16.12 3.32
N LYS C 393 38.30 17.35 3.48
CA LYS C 393 38.28 17.98 4.79
C LYS C 393 37.12 17.52 5.67
N ASN C 394 36.02 17.09 5.05
CA ASN C 394 34.85 16.65 5.80
C ASN C 394 33.78 16.04 4.90
N LEU C 395 32.70 15.59 5.52
CA LEU C 395 31.59 14.98 4.80
C LEU C 395 31.04 15.89 3.71
N LYS C 396 31.01 17.19 3.97
CA LYS C 396 30.49 18.14 3.00
C LYS C 396 31.30 18.13 1.70
N GLU C 397 32.62 18.20 1.82
CA GLU C 397 33.46 18.19 0.63
C GLU C 397 33.33 16.87 -0.11
N ALA C 398 33.20 15.78 0.66
CA ALA C 398 33.07 14.45 0.09
C ALA C 398 31.86 14.38 -0.83
N ILE C 399 30.72 14.81 -0.33
CA ILE C 399 29.48 14.79 -1.10
C ILE C 399 29.54 15.70 -2.33
N GLU C 400 30.22 16.84 -2.22
CA GLU C 400 30.34 17.75 -3.34
C GLU C 400 31.11 17.08 -4.47
N ILE C 401 32.08 16.25 -4.09
CA ILE C 401 32.87 15.55 -5.08
C ILE C 401 32.03 14.44 -5.73
N ALA C 402 31.37 13.64 -4.91
CA ALA C 402 30.52 12.58 -5.43
C ALA C 402 29.45 13.16 -6.36
N ASN C 403 28.84 14.27 -5.94
CA ASN C 403 27.80 14.93 -6.72
C ASN C 403 28.28 15.55 -8.01
N LYS C 404 29.59 15.81 -8.07
CA LYS C 404 30.17 16.40 -9.26
C LYS C 404 30.25 15.36 -10.38
N SER C 405 30.26 14.07 -10.00
CA SER C 405 30.31 13.00 -10.98
C SER C 405 28.99 12.97 -11.74
N GLU C 406 29.02 12.62 -13.03
CA GLU C 406 27.80 12.57 -13.81
C GLU C 406 26.99 11.33 -13.43
N PHE C 407 27.68 10.33 -12.90
CA PHE C 407 27.03 9.08 -12.47
C PHE C 407 26.57 9.22 -11.02
N ALA C 408 25.49 8.54 -10.68
CA ALA C 408 24.94 8.60 -9.34
C ALA C 408 24.18 7.31 -9.06
N ASN C 409 24.87 6.18 -9.22
CA ASN C 409 24.23 4.90 -8.99
C ASN C 409 24.18 4.64 -7.50
N GLY C 410 25.34 4.45 -6.89
CA GLY C 410 25.40 4.20 -5.48
C GLY C 410 26.47 5.01 -4.80
N ALA C 411 26.42 5.03 -3.47
CA ALA C 411 27.37 5.74 -2.66
C ALA C 411 27.34 5.06 -1.31
N CYS C 412 28.47 5.09 -0.60
CA CYS C 412 28.58 4.46 0.71
C CYS C 412 29.17 5.45 1.69
N LEU C 413 28.89 5.23 2.97
CA LEU C 413 29.40 6.08 4.03
C LEU C 413 29.78 5.25 5.25
N PHE C 414 31.03 5.33 5.68
CA PHE C 414 31.45 4.58 6.84
C PHE C 414 31.56 5.52 8.04
N THR C 415 30.68 5.31 9.01
CA THR C 415 30.62 6.16 10.20
C THR C 415 29.58 5.60 11.16
N SER C 416 29.52 6.18 12.35
CA SER C 416 28.52 5.79 13.35
C SER C 416 27.77 7.04 13.79
N ASN C 417 27.96 8.13 13.06
CA ASN C 417 27.33 9.41 13.39
C ASN C 417 25.98 9.62 12.71
N SER C 418 24.93 9.64 13.52
CA SER C 418 23.56 9.82 13.04
C SER C 418 23.36 11.06 12.19
N ASN C 419 23.95 12.17 12.63
CA ASN C 419 23.83 13.43 11.92
C ASN C 419 24.53 13.34 10.55
N ALA C 420 25.68 12.68 10.52
CA ALA C 420 26.41 12.51 9.28
C ALA C 420 25.57 11.67 8.32
N ILE C 421 24.94 10.61 8.84
CA ILE C 421 24.14 9.73 8.00
C ILE C 421 22.94 10.43 7.34
N ARG C 422 22.17 11.20 8.12
CA ARG C 422 21.02 11.90 7.55
C ARG C 422 21.48 12.88 6.50
N TYR C 423 22.51 13.66 6.84
CA TYR C 423 23.05 14.66 5.93
C TYR C 423 23.48 13.98 4.64
N PHE C 424 24.11 12.82 4.78
CA PHE C 424 24.57 12.05 3.62
C PHE C 424 23.36 11.69 2.76
N ARG C 425 22.36 11.08 3.37
CA ARG C 425 21.18 10.67 2.64
C ARG C 425 20.39 11.84 2.02
N GLU C 426 20.37 12.97 2.70
CA GLU C 426 19.62 14.12 2.19
C GLU C 426 20.29 14.86 1.04
N ASN C 427 21.62 14.92 1.03
CA ASN C 427 22.30 15.65 -0.01
C ASN C 427 23.02 14.87 -1.10
N ILE C 428 23.19 13.58 -0.89
CA ILE C 428 23.87 12.73 -1.87
C ILE C 428 22.98 12.55 -3.11
N ASP C 429 23.57 12.59 -4.29
CA ASP C 429 22.80 12.42 -5.52
C ASP C 429 22.43 10.96 -5.80
N ALA C 430 23.35 10.03 -5.53
CA ALA C 430 23.12 8.60 -5.76
C ALA C 430 21.81 8.11 -5.15
N GLY C 431 21.21 7.09 -5.76
CA GLY C 431 19.95 6.57 -5.27
C GLY C 431 20.00 5.26 -4.50
N MET C 432 21.15 4.59 -4.52
CA MET C 432 21.32 3.33 -3.80
C MET C 432 22.44 3.59 -2.80
N LEU C 433 22.03 3.88 -1.57
CA LEU C 433 22.91 4.22 -0.47
C LEU C 433 23.24 3.06 0.47
N GLY C 434 24.48 3.04 0.97
CA GLY C 434 24.90 2.00 1.89
C GLY C 434 25.64 2.58 3.08
N ILE C 435 25.20 2.22 4.29
CA ILE C 435 25.85 2.73 5.50
C ILE C 435 26.64 1.56 6.10
N ASN C 436 27.95 1.71 6.14
CA ASN C 436 28.83 0.69 6.68
C ASN C 436 28.76 -0.61 5.88
N LEU C 437 28.51 -0.48 4.58
CA LEU C 437 28.46 -1.64 3.70
C LEU C 437 29.22 -1.27 2.44
N GLY C 438 30.05 -2.20 1.95
CA GLY C 438 30.83 -1.93 0.76
C GLY C 438 29.98 -1.77 -0.49
N VAL C 439 29.12 -2.76 -0.75
CA VAL C 439 28.22 -2.76 -1.90
C VAL C 439 26.79 -2.44 -1.43
N PRO C 440 26.29 -1.24 -1.79
CA PRO C 440 24.95 -0.75 -1.43
C PRO C 440 23.75 -1.27 -2.24
N ALA C 441 23.94 -2.36 -2.98
CA ALA C 441 22.85 -2.94 -3.78
C ALA C 441 21.71 -3.37 -2.88
N PRO C 442 20.50 -2.84 -3.14
CA PRO C 442 19.34 -3.21 -2.32
C PRO C 442 18.72 -4.54 -2.72
N MET C 443 18.06 -5.19 -1.78
CA MET C 443 17.42 -6.46 -2.09
C MET C 443 16.27 -6.31 -3.08
N ALA C 444 15.98 -7.40 -3.77
CA ALA C 444 14.94 -7.47 -4.81
C ALA C 444 13.58 -6.80 -4.55
N PHE C 445 13.12 -6.77 -3.31
CA PHE C 445 11.83 -6.15 -3.02
C PHE C 445 11.87 -4.63 -2.96
N PHE C 446 13.00 -4.05 -3.35
CA PHE C 446 13.21 -2.60 -3.38
C PHE C 446 13.60 -2.26 -4.82
N PRO C 447 13.25 -1.06 -5.29
CA PRO C 447 13.70 -0.83 -6.68
C PRO C 447 15.20 -0.53 -6.69
N PHE C 448 15.89 -0.95 -7.75
CA PHE C 448 17.32 -0.72 -7.91
C PHE C 448 17.38 0.73 -8.43
N SER C 449 17.28 1.69 -7.50
CA SER C 449 17.24 3.12 -7.84
C SER C 449 18.53 3.94 -8.02
N GLY C 450 19.02 4.01 -9.25
CA GLY C 450 20.19 4.80 -9.53
C GLY C 450 19.70 6.18 -9.98
N TRP C 451 20.59 7.08 -10.32
CA TRP C 451 20.19 8.43 -10.74
C TRP C 451 21.18 9.09 -11.71
N LYS C 452 20.75 10.18 -12.34
CA LYS C 452 21.55 10.92 -13.31
C LYS C 452 22.01 10.03 -14.47
N SER C 453 23.27 10.14 -14.87
CA SER C 453 23.76 9.32 -15.97
C SER C 453 23.71 7.82 -15.70
N SER C 454 23.32 7.42 -14.49
CA SER C 454 23.24 6.02 -14.11
C SER C 454 21.87 5.42 -14.40
N PHE C 455 20.90 6.28 -14.64
CA PHE C 455 19.55 5.80 -14.91
C PHE C 455 18.75 6.68 -15.85
N PHE C 456 18.15 6.06 -16.86
CA PHE C 456 17.34 6.78 -17.82
C PHE C 456 15.94 6.17 -17.78
N GLY C 457 14.95 7.01 -17.47
CA GLY C 457 13.58 6.54 -17.40
C GLY C 457 12.86 7.04 -16.17
N THR C 458 11.72 6.42 -15.86
CA THR C 458 10.94 6.81 -14.70
C THR C 458 10.98 5.76 -13.62
N LEU C 459 10.71 4.52 -14.00
CA LEU C 459 10.68 3.40 -13.06
C LEU C 459 11.90 2.50 -13.20
N HIS C 460 12.52 2.17 -12.07
CA HIS C 460 13.70 1.32 -12.05
C HIS C 460 13.34 -0.16 -12.14
N ALA C 461 14.35 -1.00 -12.06
CA ALA C 461 14.16 -2.44 -12.09
C ALA C 461 13.92 -2.87 -10.64
N ASN C 462 13.31 -4.04 -10.46
CA ASN C 462 13.04 -4.61 -9.13
C ASN C 462 12.04 -3.79 -8.30
N GLY C 463 11.67 -4.31 -7.14
CA GLY C 463 10.73 -3.61 -6.28
C GLY C 463 9.40 -3.38 -6.96
N LYS C 464 8.54 -2.61 -6.32
CA LYS C 464 7.23 -2.34 -6.89
C LYS C 464 7.39 -1.60 -8.22
N ASP C 465 8.56 -1.01 -8.46
CA ASP C 465 8.74 -0.30 -9.72
C ASP C 465 8.62 -1.25 -10.89
N SER C 466 9.33 -2.37 -10.81
CA SER C 466 9.31 -3.35 -11.88
C SER C 466 7.89 -3.78 -12.17
N VAL C 467 7.06 -3.89 -11.14
CA VAL C 467 5.67 -4.30 -11.31
C VAL C 467 4.89 -3.32 -12.21
N ASP C 468 5.00 -2.03 -11.91
CA ASP C 468 4.31 -0.99 -12.66
C ASP C 468 4.87 -0.76 -14.05
N PHE C 469 6.15 -1.09 -14.23
CA PHE C 469 6.80 -0.92 -15.51
C PHE C 469 6.40 -2.05 -16.46
N TYR C 470 6.01 -3.18 -15.89
CA TYR C 470 5.62 -4.34 -16.67
C TYR C 470 4.10 -4.52 -16.76
N THR C 471 3.36 -3.50 -16.36
CA THR C 471 1.90 -3.58 -16.43
C THR C 471 1.33 -2.25 -16.83
N ARG C 472 0.05 -2.26 -17.17
CA ARG C 472 -0.65 -1.04 -17.52
C ARG C 472 -1.99 -1.13 -16.78
N LYS C 473 -2.59 0.00 -16.44
CA LYS C 473 -3.83 -0.03 -15.68
C LYS C 473 -5.10 0.33 -16.44
N LYS C 474 -6.22 -0.15 -15.93
CA LYS C 474 -7.52 0.16 -16.49
C LYS C 474 -8.37 0.50 -15.27
N VAL C 475 -9.13 1.58 -15.35
CA VAL C 475 -10.01 1.95 -14.25
C VAL C 475 -11.46 1.86 -14.71
N VAL C 476 -12.31 1.26 -13.89
CA VAL C 476 -13.71 1.12 -14.22
C VAL C 476 -14.57 1.84 -13.20
N THR C 477 -15.34 2.81 -13.70
CA THR C 477 -16.24 3.59 -12.86
C THR C 477 -17.61 3.17 -13.36
N ALA C 478 -18.38 2.50 -12.51
CA ALA C 478 -19.68 2.02 -12.95
C ALA C 478 -20.85 2.51 -12.11
N ARG C 479 -21.97 2.73 -12.79
CA ARG C 479 -23.19 3.16 -12.14
C ARG C 479 -24.17 2.00 -12.26
N TYR C 480 -24.64 1.52 -11.12
CA TYR C 480 -25.60 0.42 -11.07
C TYR C 480 -26.74 0.85 -10.15
N PRO C 481 -27.73 1.58 -10.70
CA PRO C 481 -28.89 2.09 -9.97
C PRO C 481 -29.59 0.99 -9.17
N ALA C 482 -29.91 1.29 -7.92
CA ALA C 482 -30.60 0.34 -7.07
C ALA C 482 -31.95 -0.01 -7.71
N PRO C 483 -32.28 -1.31 -7.78
CA PRO C 483 -33.56 -1.68 -8.39
C PRO C 483 -34.77 -1.38 -7.48
N ASP C 484 -35.95 -1.31 -8.10
CA ASP C 484 -37.18 -1.05 -7.36
C ASP C 484 -37.87 -2.37 -7.07
N PHE C 485 -38.50 -2.47 -5.91
CA PHE C 485 -39.20 -3.69 -5.56
C PHE C 485 -40.64 -3.38 -5.16
N GLU D 2 -9.37 50.12 -23.31
CA GLU D 2 -8.00 49.58 -23.07
C GLU D 2 -8.00 48.08 -22.75
N ILE D 3 -7.33 47.30 -23.60
CA ILE D 3 -7.24 45.86 -23.41
C ILE D 3 -6.07 45.55 -22.49
N ARG D 4 -6.31 44.75 -21.45
CA ARG D 4 -5.28 44.41 -20.49
C ARG D 4 -4.29 43.37 -21.00
N LYS D 5 -3.01 43.64 -20.77
CA LYS D 5 -1.94 42.73 -21.18
C LYS D 5 -1.58 41.87 -19.98
N LEU D 6 -1.67 40.55 -20.14
CA LEU D 6 -1.32 39.66 -19.05
C LEU D 6 0.19 39.60 -18.88
N LYS D 7 0.65 39.30 -17.68
CA LYS D 7 2.07 39.19 -17.37
C LYS D 7 2.40 37.75 -17.02
N ASN D 8 3.70 37.47 -16.90
CA ASN D 8 4.16 36.15 -16.52
C ASN D 8 4.25 36.19 -14.99
N TYR D 9 4.40 35.03 -14.36
CA TYR D 9 4.53 35.01 -12.91
C TYR D 9 5.78 34.22 -12.58
N ILE D 10 6.82 34.96 -12.24
CA ILE D 10 8.10 34.36 -11.92
C ILE D 10 8.58 34.92 -10.58
N ASN D 11 9.02 34.02 -9.71
CA ASN D 11 9.53 34.37 -8.40
C ASN D 11 8.51 35.10 -7.51
N GLY D 12 7.28 34.58 -7.51
CA GLY D 12 6.21 35.15 -6.71
C GLY D 12 5.88 36.58 -7.06
N GLU D 13 5.99 36.91 -8.34
CA GLU D 13 5.77 38.27 -8.77
C GLU D 13 5.29 38.32 -10.21
N TRP D 14 4.37 39.22 -10.50
CA TRP D 14 3.89 39.35 -11.87
C TRP D 14 4.88 40.29 -12.57
N VAL D 15 5.48 39.80 -13.65
CA VAL D 15 6.45 40.59 -14.40
C VAL D 15 6.18 40.55 -15.89
N GLU D 16 6.30 41.71 -16.53
CA GLU D 16 6.05 41.81 -17.96
C GLU D 16 7.05 41.00 -18.78
N SER D 17 6.53 40.26 -19.75
CA SER D 17 7.38 39.46 -20.65
C SER D 17 8.29 40.40 -21.41
N LYS D 18 9.43 39.88 -21.87
CA LYS D 18 10.38 40.70 -22.62
C LYS D 18 10.03 40.72 -24.11
N THR D 19 8.99 39.97 -24.46
CA THR D 19 8.50 39.85 -25.83
C THR D 19 7.77 41.11 -26.33
N ASP D 20 7.56 41.17 -27.65
CA ASP D 20 6.83 42.27 -28.27
C ASP D 20 5.68 41.64 -29.05
N GLN D 21 5.55 40.32 -28.93
CA GLN D 21 4.50 39.57 -29.61
C GLN D 21 3.39 39.26 -28.62
N TYR D 22 2.18 39.77 -28.88
CA TYR D 22 1.06 39.52 -27.99
C TYR D 22 -0.10 38.91 -28.74
N GLU D 23 -0.85 38.04 -28.07
CA GLU D 23 -1.97 37.39 -28.70
C GLU D 23 -3.32 37.75 -28.09
N ASP D 24 -4.29 38.05 -28.95
CA ASP D 24 -5.63 38.40 -28.51
C ASP D 24 -6.35 37.17 -27.98
N VAL D 25 -7.03 37.33 -26.84
CA VAL D 25 -7.78 36.23 -26.23
C VAL D 25 -9.23 36.67 -26.38
N VAL D 26 -10.00 35.92 -27.17
CA VAL D 26 -11.41 36.29 -27.39
C VAL D 26 -12.42 35.31 -26.84
N ASN D 27 -13.60 35.85 -26.52
CA ASN D 27 -14.71 35.06 -26.02
C ASN D 27 -15.24 34.32 -27.24
N PRO D 28 -15.21 32.99 -27.24
CA PRO D 28 -15.68 32.17 -28.36
C PRO D 28 -17.13 32.43 -28.74
N ALA D 29 -17.92 32.88 -27.77
CA ALA D 29 -19.33 33.14 -27.99
C ALA D 29 -19.68 34.52 -28.53
N THR D 30 -18.81 35.50 -28.30
CA THR D 30 -19.07 36.87 -28.75
C THR D 30 -18.00 37.46 -29.68
N LYS D 31 -16.85 36.78 -29.76
CA LYS D 31 -15.75 37.23 -30.60
C LYS D 31 -15.09 38.48 -30.02
N GLU D 32 -15.51 38.87 -28.82
CA GLU D 32 -14.96 40.02 -28.13
C GLU D 32 -13.58 39.72 -27.57
N VAL D 33 -12.65 40.67 -27.70
CA VAL D 33 -11.31 40.49 -27.18
C VAL D 33 -11.31 40.73 -25.67
N LEU D 34 -10.97 39.70 -24.92
CA LEU D 34 -10.94 39.78 -23.46
C LEU D 34 -9.65 40.40 -22.94
N CYS D 35 -8.54 40.07 -23.58
CA CYS D 35 -7.24 40.59 -23.15
C CYS D 35 -6.17 40.11 -24.09
N GLN D 36 -4.92 40.44 -23.78
CA GLN D 36 -3.80 40.00 -24.59
C GLN D 36 -2.83 39.17 -23.77
N VAL D 37 -2.41 38.04 -24.33
CA VAL D 37 -1.49 37.12 -23.67
C VAL D 37 -0.16 37.23 -24.42
N PRO D 38 0.95 37.34 -23.68
CA PRO D 38 2.27 37.45 -24.31
C PRO D 38 2.78 36.13 -24.84
N ILE D 39 3.51 36.21 -25.95
CA ILE D 39 4.13 35.04 -26.54
C ILE D 39 5.55 35.23 -26.01
N SER D 40 5.83 34.65 -24.86
CA SER D 40 7.13 34.82 -24.22
C SER D 40 8.31 34.22 -24.96
N THR D 41 9.48 34.75 -24.65
CA THR D 41 10.72 34.35 -25.30
C THR D 41 11.51 33.34 -24.47
N LYS D 42 12.67 32.95 -24.99
CA LYS D 42 13.54 31.99 -24.32
C LYS D 42 14.09 32.62 -23.06
N GLU D 43 14.39 33.91 -23.12
CA GLU D 43 14.91 34.61 -21.95
C GLU D 43 13.92 34.36 -20.82
N ASP D 44 12.64 34.55 -21.12
CA ASP D 44 11.59 34.37 -20.12
C ASP D 44 11.59 32.98 -19.50
N ILE D 45 11.67 31.94 -20.31
CA ILE D 45 11.70 30.59 -19.75
C ILE D 45 13.00 30.35 -19.02
N ASP D 46 14.10 30.84 -19.58
CA ASP D 46 15.40 30.68 -18.93
C ASP D 46 15.31 31.28 -17.54
N TYR D 47 14.75 32.48 -17.45
CA TYR D 47 14.59 33.17 -16.17
C TYR D 47 13.74 32.34 -15.21
N ALA D 48 12.60 31.83 -15.68
CA ALA D 48 11.73 31.01 -14.84
C ALA D 48 12.47 29.76 -14.38
N ALA D 49 13.18 29.10 -15.31
CA ALA D 49 13.93 27.90 -14.98
C ALA D 49 14.96 28.17 -13.88
N GLN D 50 15.69 29.27 -13.98
CA GLN D 50 16.69 29.62 -12.99
C GLN D 50 16.03 29.91 -11.65
N THR D 51 14.92 30.62 -11.68
CA THR D 51 14.19 30.97 -10.48
C THR D 51 13.65 29.72 -9.79
N ALA D 52 12.95 28.89 -10.56
CA ALA D 52 12.36 27.67 -10.05
C ALA D 52 13.40 26.76 -9.39
N ALA D 53 14.55 26.63 -10.04
CA ALA D 53 15.64 25.79 -9.54
C ALA D 53 16.21 26.34 -8.25
N GLU D 54 16.23 27.67 -8.14
CA GLU D 54 16.76 28.31 -6.96
C GLU D 54 15.79 28.15 -5.79
N ALA D 55 14.50 28.32 -6.06
CA ALA D 55 13.46 28.20 -5.04
C ALA D 55 13.36 26.75 -4.59
N PHE D 56 13.71 25.85 -5.49
CA PHE D 56 13.64 24.44 -5.18
C PHE D 56 14.56 24.09 -4.01
N LYS D 57 15.67 24.79 -3.89
CA LYS D 57 16.63 24.53 -2.81
C LYS D 57 16.08 24.75 -1.40
N THR D 58 15.06 25.59 -1.27
CA THR D 58 14.47 25.84 0.03
C THR D 58 13.10 25.19 0.15
N TRP D 59 12.35 25.17 -0.96
CA TRP D 59 11.02 24.58 -0.95
C TRP D 59 11.05 23.10 -0.63
N SER D 60 12.01 22.38 -1.20
CA SER D 60 12.10 20.95 -0.97
C SER D 60 12.51 20.66 0.47
N LYS D 61 13.06 21.66 1.16
CA LYS D 61 13.48 21.48 2.55
C LYS D 61 12.34 21.79 3.52
N VAL D 62 11.18 22.15 2.98
CA VAL D 62 10.02 22.43 3.82
C VAL D 62 9.28 21.10 3.93
N ALA D 63 9.29 20.49 5.12
CA ALA D 63 8.64 19.19 5.35
C ALA D 63 7.26 19.09 4.70
N VAL D 64 6.97 17.92 4.13
CA VAL D 64 5.70 17.72 3.47
C VAL D 64 4.48 18.07 4.31
N PRO D 65 4.51 17.84 5.64
CA PRO D 65 3.31 18.20 6.39
C PRO D 65 3.00 19.70 6.33
N ARG D 66 4.03 20.52 6.23
CA ARG D 66 3.82 21.97 6.13
C ARG D 66 3.36 22.34 4.73
N ARG D 67 3.99 21.76 3.72
CA ARG D 67 3.64 22.06 2.34
C ARG D 67 2.16 21.69 2.10
N ALA D 68 1.71 20.61 2.73
CA ALA D 68 0.34 20.16 2.58
C ALA D 68 -0.66 21.13 3.20
N ARG D 69 -0.21 21.79 4.27
CA ARG D 69 -1.03 22.77 4.97
C ARG D 69 -1.49 23.84 3.98
N ILE D 70 -0.56 24.29 3.15
CA ILE D 70 -0.85 25.30 2.15
C ILE D 70 -1.87 24.78 1.12
N LEU D 71 -1.78 23.49 0.80
CA LEU D 71 -2.72 22.88 -0.14
C LEU D 71 -4.14 22.89 0.44
N PHE D 72 -4.26 22.86 1.75
CA PHE D 72 -5.59 22.91 2.37
C PHE D 72 -6.14 24.31 2.22
N ASN D 73 -5.28 25.31 2.42
CA ASN D 73 -5.68 26.70 2.25
C ASN D 73 -6.14 26.89 0.82
N PHE D 74 -5.28 26.47 -0.11
CA PHE D 74 -5.56 26.60 -1.54
C PHE D 74 -6.90 25.98 -1.89
N GLN D 75 -7.15 24.82 -1.33
CA GLN D 75 -8.39 24.08 -1.56
C GLN D 75 -9.58 24.93 -1.14
N GLN D 76 -9.50 25.55 0.03
CA GLN D 76 -10.58 26.38 0.53
C GLN D 76 -10.77 27.63 -0.34
N LEU D 77 -9.67 28.33 -0.61
CA LEU D 77 -9.75 29.53 -1.45
C LEU D 77 -10.45 29.19 -2.76
N LEU D 78 -10.05 28.09 -3.38
CA LEU D 78 -10.64 27.64 -4.64
C LEU D 78 -12.14 27.42 -4.51
N SER D 79 -12.57 26.86 -3.39
CA SER D 79 -14.00 26.59 -3.19
C SER D 79 -14.82 27.87 -3.01
N GLN D 80 -14.23 28.88 -2.41
CA GLN D 80 -14.91 30.14 -2.18
C GLN D 80 -14.89 31.06 -3.39
N HIS D 81 -14.48 30.52 -4.53
CA HIS D 81 -14.40 31.29 -5.77
C HIS D 81 -14.92 30.46 -6.94
N LYS D 82 -15.67 29.40 -6.66
CA LYS D 82 -16.20 28.54 -7.71
C LYS D 82 -16.90 29.36 -8.80
N GLU D 83 -17.67 30.35 -8.36
CA GLU D 83 -18.39 31.22 -9.30
C GLU D 83 -17.44 31.98 -10.20
N GLU D 84 -16.56 32.78 -9.59
CA GLU D 84 -15.62 33.56 -10.36
C GLU D 84 -14.83 32.68 -11.31
N LEU D 85 -14.43 31.52 -10.81
CA LEU D 85 -13.68 30.55 -11.60
C LEU D 85 -14.50 30.00 -12.76
N ALA D 86 -15.73 29.56 -12.48
CA ALA D 86 -16.57 29.01 -13.53
C ALA D 86 -16.80 30.07 -14.61
N HIS D 87 -17.05 31.30 -14.16
CA HIS D 87 -17.29 32.41 -15.07
C HIS D 87 -16.13 32.58 -16.04
N LEU D 88 -14.92 32.58 -15.50
CA LEU D 88 -13.72 32.74 -16.30
C LEU D 88 -13.59 31.61 -17.31
N ILE D 89 -13.91 30.39 -16.90
CA ILE D 89 -13.84 29.24 -17.81
C ILE D 89 -14.83 29.45 -18.97
N THR D 90 -16.07 29.79 -18.62
CA THR D 90 -17.12 29.99 -19.62
C THR D 90 -16.82 31.05 -20.66
N ILE D 91 -16.37 32.23 -20.24
CA ILE D 91 -16.10 33.29 -21.21
C ILE D 91 -14.84 33.04 -22.00
N GLU D 92 -13.96 32.24 -21.43
CA GLU D 92 -12.70 31.96 -22.08
C GLU D 92 -12.71 30.72 -22.97
N ASN D 93 -13.40 29.68 -22.51
CA ASN D 93 -13.48 28.40 -23.23
C ASN D 93 -14.81 28.18 -23.96
N GLY D 94 -15.90 28.73 -23.42
CA GLY D 94 -17.20 28.57 -24.07
C GLY D 94 -18.25 27.73 -23.36
N LYS D 95 -17.83 26.71 -22.61
CA LYS D 95 -18.79 25.85 -21.92
C LYS D 95 -19.72 26.61 -20.95
N ASN D 96 -20.98 26.20 -20.89
CA ASN D 96 -21.95 26.85 -20.00
C ASN D 96 -21.47 26.85 -18.56
N THR D 97 -22.09 27.66 -17.70
CA THR D 97 -21.64 27.74 -16.30
C THR D 97 -21.85 26.46 -15.51
N LYS D 98 -22.78 25.61 -15.96
CA LYS D 98 -23.03 24.36 -15.27
C LYS D 98 -21.83 23.42 -15.44
N GLU D 99 -21.35 23.30 -16.67
CA GLU D 99 -20.21 22.45 -16.96
C GLU D 99 -18.93 23.07 -16.42
N ALA D 100 -18.92 24.39 -16.32
CA ALA D 100 -17.76 25.11 -15.78
C ALA D 100 -17.65 24.81 -14.29
N LEU D 101 -18.78 24.88 -13.61
CA LEU D 101 -18.83 24.60 -12.17
C LEU D 101 -18.34 23.17 -11.93
N GLY D 102 -18.63 22.28 -12.88
CA GLY D 102 -18.20 20.91 -12.76
C GLY D 102 -16.69 20.79 -12.89
N GLU D 103 -16.10 21.57 -13.79
CA GLU D 103 -14.67 21.53 -13.96
C GLU D 103 -13.99 22.06 -12.71
N VAL D 104 -14.57 23.12 -12.15
CA VAL D 104 -14.04 23.71 -10.93
C VAL D 104 -13.95 22.67 -9.83
N GLY D 105 -15.02 21.87 -9.68
CA GLY D 105 -15.05 20.85 -8.66
C GLY D 105 -13.97 19.80 -8.86
N ARG D 106 -13.84 19.30 -10.08
CA ARG D 106 -12.83 18.30 -10.41
C ARG D 106 -11.45 18.83 -10.05
N GLY D 107 -11.16 20.07 -10.46
CA GLY D 107 -9.86 20.66 -10.16
C GLY D 107 -9.65 20.73 -8.65
N ILE D 108 -10.71 21.07 -7.92
CA ILE D 108 -10.60 21.15 -6.49
C ILE D 108 -10.31 19.77 -5.89
N GLU D 109 -10.83 18.72 -6.51
CA GLU D 109 -10.57 17.37 -6.03
C GLU D 109 -9.09 17.04 -6.14
N ASN D 110 -8.47 17.46 -7.25
CA ASN D 110 -7.05 17.23 -7.47
C ASN D 110 -6.26 17.79 -6.31
N VAL D 111 -6.62 19.00 -5.88
CA VAL D 111 -5.94 19.67 -4.77
C VAL D 111 -6.27 18.93 -3.47
N GLU D 112 -7.49 18.37 -3.39
CA GLU D 112 -7.89 17.62 -2.21
C GLU D 112 -7.02 16.40 -2.11
N PHE D 113 -6.84 15.72 -3.24
CA PHE D 113 -6.01 14.52 -3.29
C PHE D 113 -4.55 14.84 -2.98
N ALA D 114 -4.03 15.90 -3.59
CA ALA D 114 -2.64 16.30 -3.39
C ALA D 114 -2.31 16.66 -1.95
N ALA D 115 -3.31 17.20 -1.25
CA ALA D 115 -3.14 17.61 0.14
C ALA D 115 -2.80 16.44 1.05
N GLY D 116 -2.94 15.22 0.53
CA GLY D 116 -2.61 14.05 1.31
C GLY D 116 -1.20 13.57 1.03
N ALA D 117 -0.35 14.48 0.55
CA ALA D 117 1.03 14.19 0.19
C ALA D 117 1.84 13.42 1.25
N PRO D 118 1.69 13.78 2.54
CA PRO D 118 2.43 13.08 3.59
C PRO D 118 2.39 11.57 3.46
N SER D 119 1.19 11.00 3.48
CA SER D 119 1.07 9.55 3.36
C SER D 119 1.45 9.04 1.98
N LEU D 120 1.08 9.78 0.93
CA LEU D 120 1.37 9.36 -0.43
C LEU D 120 2.86 9.22 -0.69
N MET D 121 3.65 10.03 -0.01
CA MET D 121 5.10 10.01 -0.16
C MET D 121 5.79 8.89 0.60
N MET D 122 5.11 8.29 1.57
CA MET D 122 5.72 7.24 2.39
C MET D 122 6.39 6.11 1.62
N GLY D 123 7.61 5.79 2.06
CA GLY D 123 8.37 4.71 1.45
C GLY D 123 8.26 3.44 2.28
N ASP D 124 9.06 2.44 1.92
CA ASP D 124 9.08 1.14 2.59
C ASP D 124 10.26 1.02 3.56
N SER D 125 10.01 0.41 4.70
CA SER D 125 11.04 0.25 5.73
C SER D 125 10.99 -1.13 6.39
N LEU D 126 12.16 -1.75 6.51
CA LEU D 126 12.29 -3.07 7.13
C LEU D 126 13.32 -2.97 8.25
N ALA D 127 13.01 -3.55 9.40
CA ALA D 127 13.90 -3.52 10.56
C ALA D 127 15.17 -4.35 10.38
N SER D 128 15.03 -5.55 9.82
CA SER D 128 16.18 -6.40 9.60
C SER D 128 16.05 -7.18 8.30
N ILE D 129 16.98 -6.99 7.36
CA ILE D 129 16.94 -7.72 6.11
C ILE D 129 18.10 -8.72 6.13
N ALA D 130 18.95 -8.58 7.14
CA ALA D 130 20.10 -9.43 7.38
C ALA D 130 20.45 -9.12 8.83
N THR D 131 21.27 -9.94 9.47
CA THR D 131 21.59 -9.66 10.85
C THR D 131 22.32 -8.32 11.04
N ASP D 132 21.74 -7.46 11.88
CA ASP D 132 22.28 -6.13 12.14
C ASP D 132 22.25 -5.21 10.93
N VAL D 133 21.33 -5.48 10.01
CA VAL D 133 21.20 -4.67 8.81
C VAL D 133 19.73 -4.33 8.56
N GLU D 134 19.45 -3.04 8.42
CA GLU D 134 18.09 -2.57 8.18
C GLU D 134 18.08 -1.82 6.86
N ALA D 135 16.90 -1.66 6.28
CA ALA D 135 16.79 -0.95 5.00
C ALA D 135 15.42 -0.30 4.81
N ALA D 136 15.42 0.84 4.14
CA ALA D 136 14.19 1.54 3.86
C ALA D 136 14.45 2.53 2.74
N ASN D 137 13.46 2.76 1.88
CA ASN D 137 13.64 3.74 0.82
C ASN D 137 12.75 4.96 1.07
N TYR D 138 13.08 6.08 0.44
CA TYR D 138 12.34 7.32 0.62
C TYR D 138 12.08 8.05 -0.70
N ARG D 139 10.99 8.80 -0.74
CA ARG D 139 10.66 9.56 -1.94
C ARG D 139 11.09 11.00 -1.74
N TYR D 140 11.64 11.57 -2.81
CA TYR D 140 12.10 12.95 -2.82
C TYR D 140 11.63 13.59 -4.11
N PRO D 141 11.43 14.92 -4.10
CA PRO D 141 11.00 15.59 -5.33
C PRO D 141 12.21 15.55 -6.27
N ILE D 142 11.98 15.76 -7.56
CA ILE D 142 13.06 15.71 -8.52
C ILE D 142 13.68 17.06 -8.85
N GLY D 143 12.92 18.14 -8.68
CA GLY D 143 13.42 19.48 -8.97
C GLY D 143 12.35 20.35 -9.62
N VAL D 144 12.68 20.98 -10.73
CA VAL D 144 11.71 21.82 -11.43
C VAL D 144 10.91 20.97 -12.43
N VAL D 145 9.58 21.07 -12.36
CA VAL D 145 8.71 20.33 -13.25
C VAL D 145 8.02 21.31 -14.20
N GLY D 146 7.95 20.91 -15.48
CA GLY D 146 7.32 21.73 -16.48
C GLY D 146 5.98 21.19 -16.90
N GLY D 147 4.98 22.06 -17.00
CA GLY D 147 3.65 21.64 -17.39
C GLY D 147 3.10 22.45 -18.56
N ILE D 148 2.46 21.75 -19.50
CA ILE D 148 1.89 22.35 -20.70
C ILE D 148 0.43 21.90 -20.83
N ALA D 149 -0.50 22.84 -20.73
CA ALA D 149 -1.93 22.52 -20.78
C ALA D 149 -2.69 22.94 -22.04
N PRO D 150 -3.80 22.23 -22.34
CA PRO D 150 -4.65 22.47 -23.50
C PRO D 150 -5.77 23.45 -23.20
N PHE D 151 -6.53 23.82 -24.23
CA PHE D 151 -7.62 24.79 -24.04
C PHE D 151 -8.92 24.21 -23.49
N ASN D 152 -9.21 22.94 -23.77
CA ASN D 152 -10.48 22.36 -23.33
C ASN D 152 -10.77 22.34 -21.83
N PHE D 153 -9.72 22.39 -21.00
CA PHE D 153 -9.88 22.42 -19.54
C PHE D 153 -8.93 23.46 -18.95
N PRO D 154 -9.30 24.74 -19.02
CA PRO D 154 -8.49 25.86 -18.50
C PRO D 154 -8.10 25.80 -17.02
N MET D 155 -8.81 24.99 -16.25
CA MET D 155 -8.49 24.86 -14.83
C MET D 155 -8.16 23.45 -14.40
N MET D 156 -8.99 22.49 -14.78
CA MET D 156 -8.77 21.12 -14.37
C MET D 156 -7.42 20.51 -14.74
N VAL D 157 -7.06 20.53 -16.02
CA VAL D 157 -5.80 19.94 -16.44
C VAL D 157 -4.63 20.55 -15.67
N PRO D 158 -4.55 21.89 -15.59
CA PRO D 158 -3.43 22.47 -14.84
C PRO D 158 -3.43 21.95 -13.40
N CYS D 159 -4.61 21.78 -12.81
CA CYS D 159 -4.73 21.29 -11.44
C CYS D 159 -4.35 19.82 -11.26
N TRP D 160 -4.12 19.12 -12.37
CA TRP D 160 -3.71 17.72 -12.32
C TRP D 160 -2.21 17.72 -12.05
N MET D 161 -1.57 18.81 -12.45
CA MET D 161 -0.13 18.94 -12.39
C MET D 161 0.55 19.68 -11.25
N PHE D 162 0.49 21.01 -11.27
CA PHE D 162 1.20 21.78 -10.26
C PHE D 162 0.84 21.54 -8.80
N PRO D 163 -0.45 21.27 -8.49
CA PRO D 163 -0.78 21.03 -7.08
C PRO D 163 -0.03 19.84 -6.46
N MET D 164 -0.04 18.70 -7.15
CA MET D 164 0.64 17.52 -6.67
C MET D 164 2.14 17.71 -6.70
N ALA D 165 2.65 18.20 -7.82
CA ALA D 165 4.08 18.43 -7.99
C ALA D 165 4.63 19.26 -6.84
N ILE D 166 4.01 20.41 -6.59
CA ILE D 166 4.42 21.32 -5.53
C ILE D 166 4.33 20.68 -4.15
N ALA D 167 3.26 19.95 -3.90
CA ALA D 167 3.09 19.30 -2.61
C ALA D 167 4.20 18.24 -2.37
N LEU D 168 4.62 17.57 -3.44
CA LEU D 168 5.65 16.56 -3.34
C LEU D 168 7.04 17.16 -3.15
N GLY D 169 7.10 18.50 -3.12
CA GLY D 169 8.37 19.18 -2.90
C GLY D 169 9.08 19.78 -4.09
N ASN D 170 8.48 19.69 -5.29
CA ASN D 170 9.07 20.25 -6.50
C ASN D 170 8.70 21.71 -6.72
N THR D 171 9.32 22.34 -7.72
CA THR D 171 8.96 23.71 -8.11
C THR D 171 8.30 23.53 -9.47
N PHE D 172 7.50 24.50 -9.89
CA PHE D 172 6.76 24.33 -11.15
C PHE D 172 6.79 25.50 -12.13
N ILE D 173 6.77 25.15 -13.41
CA ILE D 173 6.73 26.14 -14.47
C ILE D 173 5.60 25.70 -15.40
N LEU D 174 4.48 26.40 -15.34
CA LEU D 174 3.32 26.05 -16.16
C LEU D 174 3.13 26.94 -17.38
N LYS D 175 2.87 26.31 -18.53
CA LYS D 175 2.60 27.06 -19.75
C LYS D 175 1.18 26.70 -20.13
N PRO D 176 0.21 27.53 -19.71
CA PRO D 176 -1.18 27.25 -20.03
C PRO D 176 -1.48 27.46 -21.51
N SER D 177 -2.71 27.16 -21.91
CA SER D 177 -3.10 27.35 -23.29
C SER D 177 -3.18 28.83 -23.58
N GLU D 178 -2.61 29.24 -24.72
CA GLU D 178 -2.62 30.64 -25.12
C GLU D 178 -4.05 31.13 -25.33
N ARG D 179 -4.97 30.20 -25.54
CA ARG D 179 -6.37 30.55 -25.78
C ARG D 179 -7.20 30.71 -24.51
N THR D 180 -6.73 30.15 -23.40
CA THR D 180 -7.45 30.26 -22.13
C THR D 180 -6.47 30.50 -20.99
N PRO D 181 -5.81 31.67 -21.00
CA PRO D 181 -4.82 32.08 -20.00
C PRO D 181 -5.38 32.67 -18.69
N LEU D 182 -6.57 33.24 -18.76
CA LEU D 182 -7.21 33.88 -17.61
C LEU D 182 -7.43 33.02 -16.38
N LEU D 183 -7.86 31.78 -16.57
CA LEU D 183 -8.10 30.91 -15.43
C LEU D 183 -6.80 30.75 -14.64
N THR D 184 -5.73 30.35 -15.34
CA THR D 184 -4.43 30.17 -14.70
C THR D 184 -4.04 31.39 -13.85
N GLU D 185 -4.35 32.59 -14.32
CA GLU D 185 -4.01 33.79 -13.55
C GLU D 185 -4.63 33.73 -12.16
N LYS D 186 -5.90 33.32 -12.08
CA LYS D 186 -6.57 33.23 -10.79
C LYS D 186 -5.98 32.14 -9.89
N LEU D 187 -5.58 31.02 -10.50
CA LEU D 187 -5.00 29.92 -9.73
C LEU D 187 -3.70 30.41 -9.08
N VAL D 188 -2.92 31.19 -9.84
CA VAL D 188 -1.68 31.73 -9.34
C VAL D 188 -1.96 32.65 -8.16
N GLU D 189 -2.91 33.56 -8.34
CA GLU D 189 -3.27 34.51 -7.30
C GLU D 189 -3.79 33.83 -6.04
N LEU D 190 -4.68 32.86 -6.21
CA LEU D 190 -5.26 32.16 -5.08
C LEU D 190 -4.24 31.30 -4.34
N PHE D 191 -3.32 30.70 -5.07
CA PHE D 191 -2.30 29.86 -4.45
C PHE D 191 -1.35 30.76 -3.68
N GLU D 192 -1.22 32.01 -4.13
CA GLU D 192 -0.35 32.95 -3.45
C GLU D 192 -0.96 33.30 -2.11
N LYS D 193 -2.26 33.55 -2.11
CA LYS D 193 -2.98 33.90 -0.89
C LYS D 193 -2.95 32.74 0.10
N ALA D 194 -2.95 31.52 -0.43
CA ALA D 194 -2.89 30.34 0.42
C ALA D 194 -1.54 30.28 1.12
N GLY D 195 -0.62 31.14 0.72
CA GLY D 195 0.69 31.19 1.34
C GLY D 195 1.86 30.55 0.61
N LEU D 196 1.70 30.21 -0.67
CA LEU D 196 2.80 29.60 -1.40
C LEU D 196 3.96 30.58 -1.56
N PRO D 197 5.18 30.17 -1.17
CA PRO D 197 6.37 31.02 -1.28
C PRO D 197 6.81 31.27 -2.72
N LYS D 198 7.56 32.35 -2.92
CA LYS D 198 8.03 32.74 -4.25
C LYS D 198 8.87 31.70 -4.96
N GLY D 199 8.75 31.68 -6.28
CA GLY D 199 9.52 30.75 -7.09
C GLY D 199 9.01 29.33 -7.15
N VAL D 200 8.08 28.96 -6.26
CA VAL D 200 7.58 27.60 -6.26
C VAL D 200 6.58 27.36 -7.39
N PHE D 201 5.69 28.32 -7.59
CA PHE D 201 4.71 28.20 -8.66
C PHE D 201 4.92 29.31 -9.67
N ASN D 202 5.40 28.94 -10.85
CA ASN D 202 5.67 29.91 -11.91
C ASN D 202 4.82 29.68 -13.16
N VAL D 203 4.47 30.77 -13.82
CA VAL D 203 3.69 30.70 -15.03
C VAL D 203 4.35 31.52 -16.14
N VAL D 204 4.56 30.89 -17.28
CA VAL D 204 5.15 31.59 -18.41
C VAL D 204 4.23 31.37 -19.61
N TYR D 205 3.51 32.42 -19.99
CA TYR D 205 2.59 32.35 -21.12
C TYR D 205 3.38 32.38 -22.43
N GLY D 206 2.84 31.71 -23.45
CA GLY D 206 3.51 31.69 -24.74
C GLY D 206 3.11 30.53 -25.63
N ALA D 207 3.93 30.30 -26.64
CA ALA D 207 3.69 29.22 -27.59
C ALA D 207 4.91 28.32 -27.73
N HIS D 208 5.44 28.24 -28.95
CA HIS D 208 6.58 27.35 -29.21
C HIS D 208 7.91 27.68 -28.51
N ASP D 209 8.32 28.94 -28.55
CA ASP D 209 9.58 29.31 -27.89
C ASP D 209 9.58 28.79 -26.47
N VAL D 210 8.50 29.06 -25.75
CA VAL D 210 8.36 28.63 -24.36
C VAL D 210 8.33 27.11 -24.21
N VAL D 211 7.58 26.43 -25.07
CA VAL D 211 7.49 24.98 -24.99
C VAL D 211 8.87 24.37 -25.20
N ASN D 212 9.54 24.78 -26.28
CA ASN D 212 10.86 24.26 -26.57
C ASN D 212 11.86 24.64 -25.48
N GLY D 213 11.56 25.71 -24.76
CA GLY D 213 12.43 26.11 -23.67
C GLY D 213 12.33 25.09 -22.56
N ILE D 214 11.09 24.64 -22.30
CA ILE D 214 10.81 23.65 -21.27
C ILE D 214 11.50 22.33 -21.62
N LEU D 215 11.48 21.99 -22.90
CA LEU D 215 12.07 20.75 -23.37
C LEU D 215 13.59 20.76 -23.33
N GLU D 216 14.19 21.87 -23.76
CA GLU D 216 15.63 21.98 -23.81
C GLU D 216 16.35 22.34 -22.52
N HIS D 217 15.68 23.06 -21.64
CA HIS D 217 16.33 23.48 -20.39
C HIS D 217 16.66 22.33 -19.45
N PRO D 218 17.94 22.24 -19.07
CA PRO D 218 18.47 21.20 -18.17
C PRO D 218 17.92 21.20 -16.74
N GLU D 219 17.44 22.35 -16.28
CA GLU D 219 16.90 22.45 -14.91
C GLU D 219 15.51 21.82 -14.78
N ILE D 220 14.85 21.59 -15.91
CA ILE D 220 13.53 21.00 -15.89
C ILE D 220 13.65 19.50 -16.09
N LYS D 221 13.63 18.78 -14.96
CA LYS D 221 13.77 17.33 -14.93
C LYS D 221 12.57 16.52 -15.43
N ALA D 222 11.36 17.07 -15.32
CA ALA D 222 10.19 16.33 -15.75
C ALA D 222 9.20 17.22 -16.49
N ILE D 223 8.53 16.62 -17.47
CA ILE D 223 7.56 17.34 -18.26
C ILE D 223 6.20 16.64 -18.34
N SER D 224 5.15 17.40 -18.05
CA SER D 224 3.79 16.91 -18.11
C SER D 224 3.08 17.63 -19.26
N PHE D 225 2.74 16.87 -20.30
CA PHE D 225 2.06 17.44 -21.44
C PHE D 225 0.66 16.87 -21.64
N VAL D 226 -0.31 17.76 -21.76
CA VAL D 226 -1.70 17.37 -21.99
C VAL D 226 -2.12 18.11 -23.26
N GLY D 227 -2.38 17.39 -24.34
CA GLY D 227 -2.77 18.02 -25.58
C GLY D 227 -3.08 17.05 -26.70
N SER D 228 -2.89 17.47 -27.94
CA SER D 228 -3.17 16.63 -29.10
C SER D 228 -2.07 15.61 -29.36
N LYS D 229 -2.42 14.52 -30.02
CA LYS D 229 -1.47 13.46 -30.33
C LYS D 229 -0.20 13.95 -31.03
N PRO D 230 -0.35 14.73 -32.12
CA PRO D 230 0.85 15.22 -32.82
C PRO D 230 1.80 16.04 -31.97
N VAL D 231 1.28 17.05 -31.27
CA VAL D 231 2.14 17.87 -30.43
C VAL D 231 2.69 17.03 -29.29
N GLY D 232 1.83 16.19 -28.73
CA GLY D 232 2.25 15.34 -27.62
C GLY D 232 3.32 14.36 -28.02
N GLU D 233 3.18 13.76 -29.20
CA GLU D 233 4.16 12.80 -29.70
C GLU D 233 5.51 13.49 -29.88
N TYR D 234 5.46 14.74 -30.33
CA TYR D 234 6.67 15.51 -30.51
C TYR D 234 7.31 15.84 -29.14
N VAL D 235 6.48 16.24 -28.18
CA VAL D 235 6.98 16.56 -26.84
C VAL D 235 7.62 15.35 -26.18
N TYR D 236 7.00 14.18 -26.36
CA TYR D 236 7.53 12.97 -25.76
C TYR D 236 8.91 12.62 -26.35
N LYS D 237 8.99 12.60 -27.66
CA LYS D 237 10.24 12.26 -28.33
C LYS D 237 11.36 13.25 -28.04
N LYS D 238 11.08 14.54 -28.21
CA LYS D 238 12.11 15.54 -27.96
C LYS D 238 12.51 15.48 -26.48
N GLY D 239 11.52 15.34 -25.61
CA GLY D 239 11.79 15.26 -24.19
C GLY D 239 12.69 14.08 -23.87
N SER D 240 12.34 12.91 -24.37
CA SER D 240 13.15 11.72 -24.13
C SER D 240 14.54 11.93 -24.71
N GLU D 241 14.61 12.54 -25.88
CA GLU D 241 15.89 12.79 -26.53
C GLU D 241 16.77 13.64 -25.60
N ASN D 242 16.14 14.46 -24.78
CA ASN D 242 16.85 15.32 -23.82
C ASN D 242 17.02 14.66 -22.45
N LEU D 243 16.89 13.34 -22.43
CA LEU D 243 17.04 12.53 -21.23
C LEU D 243 16.20 12.92 -20.02
N LYS D 244 15.02 13.49 -20.25
CA LYS D 244 14.16 13.81 -19.12
C LYS D 244 12.89 12.98 -19.22
N ARG D 245 12.30 12.67 -18.07
CA ARG D 245 11.08 11.88 -18.06
C ARG D 245 9.93 12.74 -18.53
N VAL D 246 9.03 12.13 -19.28
CA VAL D 246 7.86 12.83 -19.76
C VAL D 246 6.63 11.94 -19.85
N GLN D 247 5.47 12.55 -19.72
CA GLN D 247 4.20 11.86 -19.81
C GLN D 247 3.33 12.71 -20.74
N SER D 248 2.85 12.10 -21.82
CA SER D 248 2.02 12.82 -22.77
C SER D 248 0.62 12.23 -22.84
N LEU D 249 -0.35 13.03 -22.43
CA LEU D 249 -1.74 12.61 -22.46
C LEU D 249 -2.31 13.26 -23.71
N THR D 250 -2.51 12.43 -24.73
CA THR D 250 -2.96 12.91 -26.02
C THR D 250 -4.42 12.70 -26.42
N GLY D 251 -4.66 12.80 -27.73
CA GLY D 251 -6.00 12.67 -28.29
C GLY D 251 -6.85 11.45 -27.98
N ALA D 252 -8.12 11.52 -28.39
CA ALA D 252 -9.06 10.43 -28.16
C ALA D 252 -10.15 10.30 -29.22
N LYS D 253 -10.71 9.10 -29.31
CA LYS D 253 -11.80 8.77 -30.23
C LYS D 253 -12.56 7.71 -29.45
N ASN D 254 -13.07 8.14 -28.30
CA ASN D 254 -13.78 7.24 -27.40
C ASN D 254 -15.07 6.71 -27.96
N HIS D 255 -15.25 5.40 -27.81
CA HIS D 255 -16.44 4.72 -28.28
C HIS D 255 -17.34 4.43 -27.09
N THR D 256 -18.64 4.36 -27.35
CA THR D 256 -19.62 4.03 -26.34
C THR D 256 -20.44 2.89 -26.91
N ILE D 257 -20.46 1.78 -26.19
CA ILE D 257 -21.18 0.60 -26.63
C ILE D 257 -22.56 0.53 -25.97
N VAL D 258 -23.58 0.37 -26.80
CA VAL D 258 -24.95 0.29 -26.31
C VAL D 258 -25.55 -1.06 -26.66
N LEU D 259 -25.82 -1.86 -25.64
CA LEU D 259 -26.39 -3.20 -25.83
C LEU D 259 -27.92 -3.19 -25.71
N ASN D 260 -28.56 -4.24 -26.22
CA ASN D 260 -30.01 -4.32 -26.20
C ASN D 260 -30.67 -4.12 -24.84
N ASP D 261 -29.99 -4.52 -23.77
CA ASP D 261 -30.55 -4.38 -22.42
C ASP D 261 -30.30 -3.02 -21.80
N ALA D 262 -29.79 -2.10 -22.61
CA ALA D 262 -29.50 -0.75 -22.13
C ALA D 262 -30.77 -0.04 -21.71
N ASN D 263 -30.61 0.99 -20.88
CA ASN D 263 -31.72 1.79 -20.40
C ASN D 263 -31.78 3.07 -21.25
N LEU D 264 -32.53 3.03 -22.34
CA LEU D 264 -32.65 4.17 -23.25
C LEU D 264 -32.68 5.54 -22.61
N GLU D 265 -33.55 5.72 -21.63
CA GLU D 265 -33.66 7.01 -20.97
C GLU D 265 -32.30 7.50 -20.45
N ASP D 266 -31.70 6.76 -19.53
CA ASP D 266 -30.40 7.12 -18.97
C ASP D 266 -29.32 7.21 -20.05
N THR D 267 -29.21 6.15 -20.84
CA THR D 267 -28.21 6.06 -21.91
C THR D 267 -28.16 7.29 -22.81
N VAL D 268 -29.27 7.54 -23.51
CA VAL D 268 -29.36 8.67 -24.41
C VAL D 268 -28.90 9.97 -23.76
N THR D 269 -29.42 10.28 -22.57
CA THR D 269 -29.04 11.49 -21.87
C THR D 269 -27.52 11.54 -21.71
N ASN D 270 -26.96 10.47 -21.16
CA ASN D 270 -25.52 10.37 -20.95
C ASN D 270 -24.71 10.56 -22.23
N ILE D 271 -25.17 9.94 -23.32
CA ILE D 271 -24.46 10.03 -24.60
C ILE D 271 -24.60 11.42 -25.21
N VAL D 272 -25.75 12.06 -25.04
CA VAL D 272 -25.93 13.40 -25.60
C VAL D 272 -24.97 14.34 -24.87
N GLY D 273 -24.86 14.19 -23.56
CA GLY D 273 -23.97 15.05 -22.79
C GLY D 273 -22.51 14.77 -23.10
N ALA D 274 -22.16 13.50 -23.29
CA ALA D 274 -20.78 13.12 -23.55
C ALA D 274 -20.33 13.44 -24.98
N ALA D 275 -21.28 13.66 -25.87
CA ALA D 275 -20.93 13.94 -27.25
C ALA D 275 -21.06 15.42 -27.63
N PHE D 276 -22.01 16.12 -27.01
CA PHE D 276 -22.24 17.52 -27.34
C PHE D 276 -21.96 18.50 -26.21
N GLY D 277 -21.62 17.99 -25.03
CA GLY D 277 -21.31 18.87 -23.92
C GLY D 277 -19.98 19.53 -24.22
N SER D 278 -19.80 20.77 -23.76
CA SER D 278 -18.55 21.48 -23.99
C SER D 278 -18.14 21.43 -25.47
N ALA D 279 -19.13 21.44 -26.35
CA ALA D 279 -18.91 21.41 -27.80
C ALA D 279 -18.08 20.22 -28.27
N GLY D 280 -18.15 19.12 -27.53
CA GLY D 280 -17.41 17.93 -27.89
C GLY D 280 -15.91 18.09 -27.76
N GLU D 281 -15.48 19.22 -27.21
CA GLU D 281 -14.05 19.50 -27.05
C GLU D 281 -13.62 18.90 -25.71
N ARG D 282 -13.63 17.57 -25.64
CA ARG D 282 -13.28 16.85 -24.43
C ARG D 282 -12.59 15.52 -24.77
N CYS D 283 -11.44 15.27 -24.14
CA CYS D 283 -10.70 14.04 -24.37
C CYS D 283 -11.52 12.81 -23.95
N MET D 284 -12.55 13.05 -23.14
CA MET D 284 -13.43 12.00 -22.67
C MET D 284 -14.77 12.01 -23.40
N ALA D 285 -14.93 12.89 -24.39
CA ALA D 285 -16.18 12.98 -25.11
C ALA D 285 -16.43 11.75 -25.97
N CYS D 286 -17.71 11.43 -26.16
CA CYS D 286 -18.10 10.28 -26.97
C CYS D 286 -18.06 10.70 -28.43
N ALA D 287 -17.20 10.04 -29.21
CA ALA D 287 -17.08 10.37 -30.62
C ALA D 287 -17.76 9.33 -31.52
N VAL D 288 -17.91 8.12 -30.99
CA VAL D 288 -18.53 7.04 -31.75
C VAL D 288 -19.39 6.17 -30.86
N VAL D 289 -20.55 5.77 -31.38
CA VAL D 289 -21.48 4.90 -30.65
C VAL D 289 -21.67 3.66 -31.50
N THR D 290 -21.47 2.49 -30.91
CA THR D 290 -21.69 1.24 -31.62
C THR D 290 -22.92 0.64 -30.93
N VAL D 291 -24.06 0.70 -31.63
CA VAL D 291 -25.32 0.20 -31.10
C VAL D 291 -25.62 -1.19 -31.60
N GLU D 292 -26.22 -2.01 -30.75
CA GLU D 292 -26.58 -3.38 -31.11
C GLU D 292 -27.84 -3.30 -31.98
N GLU D 293 -27.87 -4.07 -33.07
CA GLU D 293 -29.02 -4.07 -33.99
C GLU D 293 -30.38 -4.05 -33.31
N GLY D 294 -30.59 -4.98 -32.38
CA GLY D 294 -31.86 -5.05 -31.69
C GLY D 294 -32.46 -3.72 -31.24
N ILE D 295 -31.65 -2.92 -30.53
CA ILE D 295 -32.13 -1.64 -30.01
C ILE D 295 -31.76 -0.42 -30.87
N ALA D 296 -31.02 -0.65 -31.95
CA ALA D 296 -30.59 0.42 -32.83
C ALA D 296 -31.66 1.45 -33.21
N ASP D 297 -32.72 1.03 -33.87
CA ASP D 297 -33.78 1.95 -34.30
C ASP D 297 -34.37 2.78 -33.17
N GLU D 298 -34.75 2.10 -32.09
CA GLU D 298 -35.35 2.79 -30.95
C GLU D 298 -34.37 3.80 -30.36
N PHE D 299 -33.08 3.44 -30.35
CA PHE D 299 -32.05 4.31 -29.83
C PHE D 299 -31.97 5.60 -30.64
N MET D 300 -31.68 5.44 -31.94
CA MET D 300 -31.58 6.57 -32.85
C MET D 300 -32.76 7.54 -32.75
N ALA D 301 -33.96 6.99 -32.61
CA ALA D 301 -35.16 7.80 -32.50
C ALA D 301 -35.13 8.64 -31.24
N LYS D 302 -34.78 8.01 -30.13
CA LYS D 302 -34.71 8.69 -28.83
C LYS D 302 -33.61 9.76 -28.87
N LEU D 303 -32.45 9.39 -29.44
CA LEU D 303 -31.32 10.29 -29.56
C LEU D 303 -31.71 11.54 -30.34
N GLN D 304 -32.50 11.35 -31.38
CA GLN D 304 -32.98 12.47 -32.21
C GLN D 304 -33.75 13.47 -31.36
N GLU D 305 -34.73 12.96 -30.61
CA GLU D 305 -35.58 13.80 -29.77
C GLU D 305 -34.79 14.75 -28.91
N LYS D 306 -33.94 14.20 -28.04
CA LYS D 306 -33.16 15.03 -27.15
C LYS D 306 -32.15 15.93 -27.87
N VAL D 307 -31.54 15.45 -28.95
CA VAL D 307 -30.59 16.28 -29.68
C VAL D 307 -31.32 17.51 -30.20
N ALA D 308 -32.55 17.32 -30.66
CA ALA D 308 -33.35 18.42 -31.19
C ALA D 308 -33.71 19.43 -30.10
N ASP D 309 -33.72 19.00 -28.85
CA ASP D 309 -34.06 19.90 -27.74
C ASP D 309 -32.87 20.69 -27.21
N ILE D 310 -31.69 20.48 -27.80
CA ILE D 310 -30.49 21.19 -27.38
C ILE D 310 -30.55 22.66 -27.72
N LYS D 311 -30.36 23.52 -26.72
CA LYS D 311 -30.36 24.95 -26.94
C LYS D 311 -28.93 25.44 -27.11
N ILE D 312 -28.69 26.14 -28.22
CA ILE D 312 -27.38 26.67 -28.55
C ILE D 312 -27.27 28.15 -28.19
N GLY D 313 -26.12 28.57 -27.67
CA GLY D 313 -25.95 29.97 -27.31
C GLY D 313 -24.77 30.30 -26.41
N ASN D 314 -24.81 31.49 -25.83
CA ASN D 314 -23.76 31.97 -24.93
C ASN D 314 -23.76 31.14 -23.64
N GLY D 315 -22.59 30.64 -23.25
CA GLY D 315 -22.47 29.84 -22.06
C GLY D 315 -23.03 30.45 -20.78
N LEU D 316 -22.98 31.78 -20.66
CA LEU D 316 -23.49 32.46 -19.47
C LEU D 316 -25.02 32.49 -19.43
N ASP D 317 -25.65 32.43 -20.59
CA ASP D 317 -27.11 32.46 -20.68
C ASP D 317 -27.73 31.15 -20.22
N ASP D 318 -28.82 31.24 -19.47
CA ASP D 318 -29.50 30.05 -18.98
C ASP D 318 -30.34 29.37 -20.04
N GLY D 319 -30.42 28.05 -19.95
CA GLY D 319 -31.16 27.28 -20.93
C GLY D 319 -30.17 26.80 -21.98
N VAL D 320 -29.04 27.49 -22.08
CA VAL D 320 -28.01 27.14 -23.05
C VAL D 320 -27.30 25.84 -22.66
N PHE D 321 -27.34 24.89 -23.58
CA PHE D 321 -26.71 23.59 -23.38
C PHE D 321 -25.38 23.55 -24.13
N LEU D 322 -25.43 23.90 -25.42
CA LEU D 322 -24.25 23.88 -26.27
C LEU D 322 -23.68 25.28 -26.51
N GLY D 323 -22.39 25.44 -26.23
CA GLY D 323 -21.74 26.72 -26.44
C GLY D 323 -21.00 26.68 -27.75
N PRO D 324 -20.09 27.63 -28.01
CA PRO D 324 -19.31 27.67 -29.26
C PRO D 324 -18.04 26.83 -29.24
N VAL D 325 -17.44 26.62 -30.41
CA VAL D 325 -16.18 25.89 -30.48
C VAL D 325 -15.15 26.94 -30.12
N ILE D 326 -13.94 26.53 -29.79
CA ILE D 326 -12.93 27.47 -29.36
C ILE D 326 -12.54 28.61 -30.30
N ARG D 327 -12.30 28.32 -31.57
CA ARG D 327 -11.91 29.36 -32.53
C ARG D 327 -12.47 29.16 -33.93
N GLU D 328 -12.20 30.14 -34.79
CA GLU D 328 -12.66 30.13 -36.18
C GLU D 328 -12.13 28.89 -36.92
N ASP D 329 -10.84 28.62 -36.79
CA ASP D 329 -10.25 27.45 -37.46
C ASP D 329 -10.99 26.18 -37.10
N ASN D 330 -11.30 26.02 -35.81
CA ASN D 330 -12.01 24.83 -35.35
C ASN D 330 -13.40 24.75 -35.97
N LYS D 331 -14.05 25.89 -36.12
CA LYS D 331 -15.36 25.88 -36.74
C LYS D 331 -15.21 25.44 -38.19
N LYS D 332 -14.22 25.99 -38.88
CA LYS D 332 -13.97 25.63 -40.26
C LYS D 332 -13.55 24.18 -40.41
N ARG D 333 -12.68 23.71 -39.51
CA ARG D 333 -12.24 22.33 -39.57
C ARG D 333 -13.42 21.38 -39.40
N THR D 334 -14.34 21.75 -38.52
CA THR D 334 -15.53 20.93 -38.26
C THR D 334 -16.45 20.91 -39.48
N LEU D 335 -16.68 22.09 -40.06
CA LEU D 335 -17.52 22.20 -41.25
C LEU D 335 -16.91 21.32 -42.35
N SER D 336 -15.59 21.39 -42.45
CA SER D 336 -14.84 20.62 -43.44
C SER D 336 -15.00 19.13 -43.19
N TYR D 337 -15.05 18.74 -41.92
CA TYR D 337 -15.22 17.33 -41.58
C TYR D 337 -16.61 16.87 -42.00
N ILE D 338 -17.61 17.69 -41.73
CA ILE D 338 -18.98 17.36 -42.12
C ILE D 338 -18.99 17.09 -43.63
N GLU D 339 -18.26 17.92 -44.38
CA GLU D 339 -18.18 17.77 -45.83
C GLU D 339 -17.60 16.41 -46.18
N LYS D 340 -16.44 16.09 -45.59
CA LYS D 340 -15.78 14.81 -45.83
C LYS D 340 -16.69 13.64 -45.47
N GLY D 341 -17.50 13.81 -44.43
CA GLY D 341 -18.41 12.76 -44.02
C GLY D 341 -19.36 12.38 -45.13
N LEU D 342 -20.11 13.37 -45.61
CA LEU D 342 -21.05 13.15 -46.70
C LEU D 342 -20.31 12.58 -47.89
N GLU D 343 -19.15 13.16 -48.17
CA GLU D 343 -18.31 12.75 -49.29
C GLU D 343 -17.85 11.29 -49.23
N GLU D 344 -17.85 10.71 -48.04
CA GLU D 344 -17.39 9.33 -47.89
C GLU D 344 -18.48 8.28 -47.80
N GLY D 345 -19.74 8.70 -47.82
CA GLY D 345 -20.83 7.74 -47.77
C GLY D 345 -21.63 7.75 -46.49
N ALA D 346 -21.24 8.59 -45.53
CA ALA D 346 -21.95 8.66 -44.27
C ALA D 346 -23.26 9.44 -44.45
N ARG D 347 -24.32 8.99 -43.78
CA ARG D 347 -25.60 9.65 -43.86
C ARG D 347 -25.75 10.71 -42.77
N LEU D 348 -25.86 11.96 -43.21
CA LEU D 348 -26.03 13.08 -42.28
C LEU D 348 -27.43 13.06 -41.71
N VAL D 349 -27.60 12.43 -40.56
CA VAL D 349 -28.90 12.34 -39.90
C VAL D 349 -29.28 13.60 -39.14
N CYS D 350 -28.27 14.40 -38.78
CA CYS D 350 -28.50 15.64 -38.06
C CYS D 350 -27.42 16.64 -38.46
N ASP D 351 -27.82 17.69 -39.16
CA ASP D 351 -26.90 18.72 -39.65
C ASP D 351 -26.76 19.92 -38.72
N GLY D 352 -25.55 20.13 -38.19
CA GLY D 352 -25.31 21.23 -37.29
C GLY D 352 -24.78 22.48 -37.98
N ARG D 353 -24.83 22.50 -39.31
CA ARG D 353 -24.35 23.65 -40.07
C ARG D 353 -25.49 24.64 -40.25
N GLU D 354 -26.71 24.19 -39.97
CA GLU D 354 -27.88 25.03 -40.12
C GLU D 354 -28.35 25.64 -38.80
N ASN D 355 -29.16 26.69 -38.91
CA ASN D 355 -29.71 27.39 -37.75
C ASN D 355 -28.63 27.61 -36.70
N VAL D 356 -27.53 28.23 -37.12
CA VAL D 356 -26.42 28.51 -36.24
C VAL D 356 -26.10 30.00 -36.25
N SER D 357 -26.15 30.63 -35.06
CA SER D 357 -25.87 32.05 -34.92
C SER D 357 -24.46 32.38 -35.42
N ASP D 358 -24.18 33.67 -35.57
CA ASP D 358 -22.87 34.09 -36.05
C ASP D 358 -22.17 35.04 -35.07
N ASP D 359 -22.76 35.19 -33.89
CA ASP D 359 -22.18 36.05 -32.86
C ASP D 359 -20.87 35.47 -32.37
N GLY D 360 -20.79 34.14 -32.38
CA GLY D 360 -19.60 33.44 -31.95
C GLY D 360 -19.28 32.34 -32.94
N TYR D 361 -18.34 31.46 -32.58
CA TYR D 361 -17.96 30.35 -33.45
C TYR D 361 -18.85 29.16 -33.15
N PHE D 362 -20.13 29.28 -33.50
CA PHE D 362 -21.11 28.23 -33.23
C PHE D 362 -21.26 27.17 -34.32
N VAL D 363 -21.56 25.95 -33.87
CA VAL D 363 -21.76 24.80 -34.74
C VAL D 363 -22.72 23.87 -34.03
N GLY D 364 -23.96 23.80 -34.52
CA GLY D 364 -24.97 22.96 -33.91
C GLY D 364 -24.59 21.49 -33.86
N PRO D 365 -25.31 20.69 -33.05
CA PRO D 365 -25.03 19.25 -32.93
C PRO D 365 -25.20 18.50 -34.24
N THR D 366 -24.19 17.73 -34.61
CA THR D 366 -24.21 16.95 -35.84
C THR D 366 -24.08 15.47 -35.53
N ILE D 367 -24.84 14.64 -36.26
CA ILE D 367 -24.75 13.21 -36.06
C ILE D 367 -24.77 12.49 -37.40
N PHE D 368 -23.81 11.59 -37.60
CA PHE D 368 -23.70 10.81 -38.84
C PHE D 368 -24.17 9.40 -38.58
N ASP D 369 -24.56 8.73 -39.65
CA ASP D 369 -25.06 7.37 -39.56
C ASP D 369 -24.34 6.52 -40.60
N ASN D 370 -24.53 5.21 -40.52
CA ASN D 370 -23.91 4.30 -41.46
C ASN D 370 -22.43 4.62 -41.71
N VAL D 371 -21.72 5.02 -40.66
CA VAL D 371 -20.30 5.33 -40.83
C VAL D 371 -19.53 4.03 -40.74
N THR D 372 -18.31 4.03 -41.27
CA THR D 372 -17.49 2.82 -41.24
C THR D 372 -16.07 3.09 -40.80
N THR D 373 -15.36 2.02 -40.45
CA THR D 373 -13.98 2.11 -40.01
C THR D 373 -13.07 2.65 -41.10
N GLU D 374 -13.58 2.72 -42.32
CA GLU D 374 -12.80 3.19 -43.45
C GLU D 374 -12.95 4.70 -43.65
N MET D 375 -13.88 5.30 -42.93
CA MET D 375 -14.13 6.73 -43.06
C MET D 375 -13.26 7.64 -42.19
N THR D 376 -12.93 8.80 -42.74
CA THR D 376 -12.12 9.80 -42.06
C THR D 376 -12.79 10.30 -40.78
N ILE D 377 -14.10 10.48 -40.84
CA ILE D 377 -14.85 10.96 -39.68
C ILE D 377 -14.77 9.99 -38.52
N TRP D 378 -14.30 8.77 -38.79
CA TRP D 378 -14.16 7.76 -37.74
C TRP D 378 -12.71 7.63 -37.29
N LYS D 379 -11.77 7.87 -38.20
CA LYS D 379 -10.35 7.74 -37.88
C LYS D 379 -9.73 8.96 -37.20
N ASP D 380 -10.29 10.14 -37.47
CA ASP D 380 -9.77 11.37 -36.90
C ASP D 380 -10.55 11.85 -35.69
N GLU D 381 -9.85 12.54 -34.79
CA GLU D 381 -10.49 13.11 -33.62
C GLU D 381 -11.03 14.44 -34.16
N ILE D 382 -12.35 14.56 -34.25
CA ILE D 382 -12.93 15.80 -34.76
C ILE D 382 -12.89 16.86 -33.67
N PHE D 383 -13.05 16.44 -32.43
CA PHE D 383 -13.01 17.35 -31.29
C PHE D 383 -13.98 18.51 -31.44
N ALA D 384 -15.21 18.19 -31.82
CA ALA D 384 -16.27 19.16 -31.99
C ALA D 384 -17.58 18.41 -31.81
N PRO D 385 -18.72 19.11 -31.90
CA PRO D 385 -20.00 18.40 -31.73
C PRO D 385 -20.43 17.59 -32.95
N VAL D 386 -19.68 16.54 -33.25
CA VAL D 386 -19.95 15.68 -34.39
C VAL D 386 -19.93 14.20 -33.96
N LEU D 387 -21.11 13.59 -33.91
CA LEU D 387 -21.24 12.20 -33.49
C LEU D 387 -21.39 11.23 -34.65
N SER D 388 -20.82 10.04 -34.51
CA SER D 388 -20.92 9.00 -35.55
C SER D 388 -21.53 7.75 -34.92
N VAL D 389 -22.55 7.19 -35.56
CA VAL D 389 -23.19 5.99 -35.05
C VAL D 389 -22.97 4.80 -35.98
N ILE D 390 -22.81 3.63 -35.36
CA ILE D 390 -22.58 2.39 -36.11
C ILE D 390 -23.40 1.25 -35.51
N ARG D 391 -24.13 0.55 -36.37
CA ARG D 391 -24.93 -0.57 -35.92
C ARG D 391 -24.02 -1.78 -35.96
N VAL D 392 -24.02 -2.56 -34.90
CA VAL D 392 -23.18 -3.75 -34.84
C VAL D 392 -24.04 -4.91 -34.38
N LYS D 393 -23.61 -6.13 -34.70
CA LYS D 393 -24.36 -7.31 -34.31
C LYS D 393 -24.32 -7.61 -32.83
N ASN D 394 -23.14 -7.51 -32.22
CA ASN D 394 -23.01 -7.80 -30.79
C ASN D 394 -21.80 -7.12 -30.13
N LEU D 395 -21.71 -7.27 -28.81
CA LEU D 395 -20.62 -6.69 -28.02
C LEU D 395 -19.26 -6.95 -28.64
N LYS D 396 -19.03 -8.19 -29.06
CA LYS D 396 -17.76 -8.56 -29.65
C LYS D 396 -17.37 -7.66 -30.82
N GLU D 397 -18.27 -7.47 -31.77
CA GLU D 397 -17.99 -6.62 -32.92
C GLU D 397 -17.74 -5.17 -32.54
N ALA D 398 -18.47 -4.67 -31.55
CA ALA D 398 -18.31 -3.29 -31.10
C ALA D 398 -16.92 -3.09 -30.53
N ILE D 399 -16.47 -4.07 -29.75
CA ILE D 399 -15.15 -4.00 -29.15
C ILE D 399 -14.08 -4.07 -30.25
N GLU D 400 -14.28 -4.94 -31.23
CA GLU D 400 -13.34 -5.08 -32.34
C GLU D 400 -13.20 -3.77 -33.10
N ILE D 401 -14.30 -3.04 -33.23
CA ILE D 401 -14.30 -1.76 -33.92
C ILE D 401 -13.56 -0.74 -33.08
N ALA D 402 -13.97 -0.62 -31.81
CA ALA D 402 -13.35 0.33 -30.88
C ALA D 402 -11.86 0.06 -30.76
N ASN D 403 -11.48 -1.21 -30.72
CA ASN D 403 -10.07 -1.58 -30.59
C ASN D 403 -9.30 -1.32 -31.88
N LYS D 404 -10.01 -1.15 -32.99
CA LYS D 404 -9.36 -0.90 -34.26
C LYS D 404 -8.90 0.55 -34.35
N SER D 405 -9.48 1.40 -33.52
CA SER D 405 -9.12 2.81 -33.49
C SER D 405 -7.69 2.95 -32.99
N GLU D 406 -7.02 3.99 -33.47
CA GLU D 406 -5.64 4.26 -33.09
C GLU D 406 -5.62 4.78 -31.65
N PHE D 407 -6.75 5.34 -31.22
CA PHE D 407 -6.86 5.87 -29.88
C PHE D 407 -7.50 4.87 -28.93
N ALA D 408 -7.27 5.07 -27.64
CA ALA D 408 -7.81 4.20 -26.62
C ALA D 408 -7.78 4.93 -25.30
N ASN D 409 -8.38 6.12 -25.26
CA ASN D 409 -8.40 6.88 -24.02
C ASN D 409 -9.50 6.31 -23.12
N GLY D 410 -10.76 6.50 -23.52
CA GLY D 410 -11.87 5.99 -22.75
C GLY D 410 -12.84 5.19 -23.61
N ALA D 411 -13.67 4.40 -22.96
CA ALA D 411 -14.67 3.61 -23.65
C ALA D 411 -15.81 3.43 -22.66
N CYS D 412 -17.04 3.44 -23.16
CA CYS D 412 -18.20 3.28 -22.31
C CYS D 412 -19.05 2.10 -22.76
N LEU D 413 -19.77 1.52 -21.81
CA LEU D 413 -20.63 0.38 -22.08
C LEU D 413 -21.93 0.54 -21.31
N PHE D 414 -23.04 0.63 -22.04
CA PHE D 414 -24.35 0.76 -21.40
C PHE D 414 -25.08 -0.58 -21.45
N THR D 415 -25.10 -1.24 -20.30
CA THR D 415 -25.73 -2.55 -20.14
C THR D 415 -25.96 -2.82 -18.66
N SER D 416 -26.59 -3.95 -18.37
CA SER D 416 -26.84 -4.36 -16.99
C SER D 416 -26.50 -5.82 -16.88
N ASN D 417 -25.83 -6.32 -17.92
CA ASN D 417 -25.41 -7.71 -17.98
C ASN D 417 -23.97 -7.84 -17.49
N SER D 418 -23.81 -8.38 -16.29
CA SER D 418 -22.50 -8.57 -15.69
C SER D 418 -21.52 -9.31 -16.59
N ASN D 419 -22.01 -10.27 -17.36
CA ASN D 419 -21.15 -11.04 -18.26
C ASN D 419 -20.58 -10.19 -19.37
N ALA D 420 -21.40 -9.27 -19.89
CA ALA D 420 -20.95 -8.38 -20.95
C ALA D 420 -19.93 -7.42 -20.36
N ILE D 421 -20.22 -6.93 -19.15
CA ILE D 421 -19.32 -6.00 -18.49
C ILE D 421 -17.91 -6.55 -18.29
N ARG D 422 -17.79 -7.79 -17.81
CA ARG D 422 -16.46 -8.36 -17.63
C ARG D 422 -15.75 -8.53 -18.97
N TYR D 423 -16.50 -8.99 -19.97
CA TYR D 423 -15.95 -9.21 -21.30
C TYR D 423 -15.40 -7.89 -21.84
N PHE D 424 -16.18 -6.83 -21.66
CA PHE D 424 -15.81 -5.48 -22.09
C PHE D 424 -14.49 -5.02 -21.48
N ARG D 425 -14.38 -5.11 -20.16
CA ARG D 425 -13.18 -4.66 -19.45
C ARG D 425 -11.96 -5.51 -19.79
N GLU D 426 -12.17 -6.79 -20.01
CA GLU D 426 -11.08 -7.68 -20.32
C GLU D 426 -10.59 -7.59 -21.75
N ASN D 427 -11.42 -7.09 -22.66
CA ASN D 427 -11.03 -7.01 -24.06
C ASN D 427 -10.91 -5.64 -24.69
N ILE D 428 -11.46 -4.62 -24.04
CA ILE D 428 -11.36 -3.28 -24.62
C ILE D 428 -9.94 -2.76 -24.45
N ASP D 429 -9.49 -1.91 -25.37
CA ASP D 429 -8.15 -1.37 -25.29
C ASP D 429 -8.03 -0.11 -24.44
N ALA D 430 -9.09 0.69 -24.40
CA ALA D 430 -9.08 1.93 -23.61
C ALA D 430 -8.80 1.65 -22.13
N GLY D 431 -8.16 2.61 -21.46
CA GLY D 431 -7.83 2.42 -20.06
C GLY D 431 -8.79 3.03 -19.06
N MET D 432 -9.67 3.92 -19.52
CA MET D 432 -10.65 4.56 -18.65
C MET D 432 -12.05 4.14 -19.11
N LEU D 433 -12.59 3.13 -18.44
CA LEU D 433 -13.89 2.58 -18.77
C LEU D 433 -15.04 3.13 -17.94
N GLY D 434 -16.19 3.27 -18.58
CA GLY D 434 -17.37 3.76 -17.91
C GLY D 434 -18.52 2.81 -18.15
N ILE D 435 -19.15 2.34 -17.07
CA ILE D 435 -20.28 1.44 -17.21
C ILE D 435 -21.53 2.27 -16.85
N ASN D 436 -22.41 2.44 -17.84
CA ASN D 436 -23.63 3.22 -17.69
C ASN D 436 -23.34 4.68 -17.34
N LEU D 437 -22.24 5.21 -17.88
CA LEU D 437 -21.84 6.59 -17.67
C LEU D 437 -21.29 7.13 -18.99
N GLY D 438 -21.65 8.36 -19.34
CA GLY D 438 -21.19 8.94 -20.59
C GLY D 438 -19.71 9.32 -20.60
N VAL D 439 -19.30 10.05 -19.57
CA VAL D 439 -17.91 10.47 -19.42
C VAL D 439 -17.25 9.58 -18.37
N PRO D 440 -16.46 8.60 -18.80
CA PRO D 440 -15.76 7.67 -17.92
C PRO D 440 -14.49 8.24 -17.28
N ALA D 441 -14.45 9.55 -17.08
CA ALA D 441 -13.28 10.17 -16.48
C ALA D 441 -13.18 9.77 -15.00
N PRO D 442 -12.10 9.09 -14.62
CA PRO D 442 -11.90 8.66 -13.23
C PRO D 442 -11.53 9.81 -12.29
N MET D 443 -11.87 9.65 -11.01
CA MET D 443 -11.59 10.68 -10.01
C MET D 443 -10.09 10.83 -9.71
N ALA D 444 -9.74 12.02 -9.22
CA ALA D 444 -8.36 12.37 -8.91
C ALA D 444 -7.51 11.33 -8.19
N PHE D 445 -8.10 10.57 -7.29
CA PHE D 445 -7.33 9.56 -6.55
C PHE D 445 -7.03 8.29 -7.35
N PHE D 446 -7.37 8.33 -8.63
CA PHE D 446 -7.14 7.24 -9.56
C PHE D 446 -6.29 7.80 -10.70
N PRO D 447 -5.36 7.00 -11.25
CA PRO D 447 -4.57 7.56 -12.36
C PRO D 447 -5.42 7.64 -13.62
N PHE D 448 -5.33 8.76 -14.33
CA PHE D 448 -6.06 9.00 -15.57
C PHE D 448 -5.38 8.12 -16.63
N SER D 449 -5.70 6.82 -16.60
CA SER D 449 -5.06 5.83 -17.48
C SER D 449 -5.52 5.64 -18.92
N GLY D 450 -4.87 6.34 -19.85
CA GLY D 450 -5.21 6.20 -21.26
C GLY D 450 -4.35 5.11 -21.86
N TRP D 451 -4.44 4.89 -23.16
CA TRP D 451 -3.65 3.84 -23.83
C TRP D 451 -3.46 4.12 -25.33
N LYS D 452 -2.65 3.30 -25.99
CA LYS D 452 -2.37 3.46 -27.41
C LYS D 452 -1.90 4.88 -27.71
N SER D 453 -2.41 5.46 -28.79
CA SER D 453 -2.03 6.81 -29.18
C SER D 453 -2.57 7.90 -28.26
N SER D 454 -3.20 7.49 -27.16
CA SER D 454 -3.74 8.48 -26.23
C SER D 454 -2.79 8.78 -25.07
N PHE D 455 -1.77 7.94 -24.91
CA PHE D 455 -0.82 8.13 -23.83
C PHE D 455 0.61 7.72 -24.18
N PHE D 456 1.57 8.58 -23.85
CA PHE D 456 2.97 8.28 -24.11
C PHE D 456 3.78 8.40 -22.83
N GLY D 457 4.27 7.26 -22.34
CA GLY D 457 5.07 7.22 -21.14
C GLY D 457 4.76 5.96 -20.35
N THR D 458 4.95 6.02 -19.04
CA THR D 458 4.68 4.86 -18.20
C THR D 458 3.62 5.27 -17.17
N LEU D 459 3.89 6.36 -16.47
CA LEU D 459 2.98 6.84 -15.44
C LEU D 459 2.01 7.91 -15.95
N HIS D 460 0.73 7.69 -15.73
CA HIS D 460 -0.29 8.64 -16.16
C HIS D 460 -0.32 9.84 -15.22
N ALA D 461 -1.28 10.71 -15.46
CA ALA D 461 -1.48 11.88 -14.63
C ALA D 461 -2.46 11.45 -13.53
N ASN D 462 -2.40 12.11 -12.38
CA ASN D 462 -3.29 11.81 -11.26
C ASN D 462 -3.02 10.47 -10.57
N GLY D 463 -3.77 10.21 -9.50
CA GLY D 463 -3.61 8.97 -8.75
C GLY D 463 -2.25 8.82 -8.12
N LYS D 464 -1.86 7.58 -7.82
CA LYS D 464 -0.57 7.34 -7.23
C LYS D 464 0.51 7.39 -8.32
N ASP D 465 0.07 7.31 -9.57
CA ASP D 465 0.97 7.40 -10.69
C ASP D 465 1.63 8.77 -10.71
N SER D 466 0.85 9.81 -10.43
CA SER D 466 1.41 11.16 -10.44
C SER D 466 2.41 11.33 -9.30
N VAL D 467 2.20 10.61 -8.21
CA VAL D 467 3.08 10.69 -7.06
C VAL D 467 4.45 10.13 -7.42
N ASP D 468 4.46 9.05 -8.20
CA ASP D 468 5.72 8.42 -8.61
C ASP D 468 6.40 9.17 -9.75
N PHE D 469 5.59 9.76 -10.62
CA PHE D 469 6.14 10.51 -11.74
C PHE D 469 6.81 11.80 -11.29
N TYR D 470 6.23 12.47 -10.30
CA TYR D 470 6.81 13.72 -9.80
C TYR D 470 7.77 13.46 -8.67
N THR D 471 8.23 12.23 -8.54
CA THR D 471 9.12 11.89 -7.44
C THR D 471 10.19 10.88 -7.83
N ARG D 472 11.21 10.75 -6.99
CA ARG D 472 12.27 9.77 -7.22
C ARG D 472 12.64 9.12 -5.87
N LYS D 473 13.22 7.93 -5.90
CA LYS D 473 13.55 7.22 -4.66
C LYS D 473 15.02 6.99 -4.39
N LYS D 474 15.33 6.93 -3.10
CA LYS D 474 16.68 6.64 -2.64
C LYS D 474 16.47 5.53 -1.62
N VAL D 475 17.21 4.43 -1.75
CA VAL D 475 17.10 3.35 -0.79
C VAL D 475 18.37 3.36 0.08
N VAL D 476 18.22 3.04 1.36
CA VAL D 476 19.37 3.04 2.27
C VAL D 476 19.44 1.73 3.04
N THR D 477 20.52 0.98 2.81
CA THR D 477 20.74 -0.30 3.49
C THR D 477 21.89 -0.06 4.47
N ALA D 478 21.61 -0.22 5.74
CA ALA D 478 22.63 0.06 6.74
C ALA D 478 22.96 -1.05 7.71
N ARG D 479 24.25 -1.16 8.02
CA ARG D 479 24.71 -2.16 8.97
C ARG D 479 25.16 -1.43 10.23
N TYR D 480 24.45 -1.69 11.32
CA TYR D 480 24.76 -1.08 12.61
C TYR D 480 24.95 -2.19 13.63
N PRO D 481 26.18 -2.70 13.76
CA PRO D 481 26.50 -3.78 14.70
C PRO D 481 26.09 -3.42 16.11
N ALA D 482 25.47 -4.36 16.81
CA ALA D 482 25.06 -4.10 18.19
C ALA D 482 26.33 -3.75 18.93
N PRO D 483 26.31 -2.69 19.75
CA PRO D 483 27.51 -2.32 20.48
C PRO D 483 27.92 -3.41 21.46
N ASP D 484 29.15 -3.32 21.97
CA ASP D 484 29.66 -4.33 22.91
C ASP D 484 29.55 -3.84 24.34
N PHE D 485 28.83 -4.58 25.18
CA PHE D 485 28.67 -4.18 26.56
C PHE D 485 29.44 -5.07 27.54
#